data_3HVR
#
_entry.id   3HVR
#
_cell.length_a   111.252
_cell.length_b   116.903
_cell.length_c   170.504
_cell.angle_alpha   90.00
_cell.angle_beta   90.00
_cell.angle_gamma   90.00
#
_symmetry.space_group_name_H-M   'P 21 21 21'
#
loop_
_entity.id
_entity.type
_entity.pdbx_description
1 polymer Argonaute
2 polymer "5'-D(P*TP*GP*AP*GP*GP*TP*AP*GP*TP*AP*GP*GP*TP*TP*TP*GP*AP*TP*AP*GP*T)-3'"
3 polymer "5'-R(*UP*AP*UP*AP*CP*AP*AP*CP*CP*UP*AP*CP*UP*AP*CP*CP*UP*CP*G)-3'"
4 non-polymer 'MAGNESIUM ION'
5 non-polymer 'PHOSPHATE ION'
#
loop_
_entity_poly.entity_id
_entity_poly.type
_entity_poly.pdbx_seq_one_letter_code
_entity_poly.pdbx_strand_id
1 'polypeptide(L)'
;MNHLGKTEVFLNRFALRPLNPEELRPWRLEVVLDPPPGREEVYPLLAQVARRAGGVTVRMGDGLASWSPPEVLVLEGTLA
RMGQTYAYRLYPKGRRPLDPKDPGERSVLSALARRLLQERLRRLEGVWVEGLAVYRREHARGPGWRVLGGAVLDLWVSDS
GAFLLEVDPAYRILCEMSLEAWLAQGHPLPKRVRNAYDRRTWELLRLGEEDPKELPLPGGLSLLDYHASKGRLQGREGGR
VAWVADPKDPRKPIPHLTGLLVPVLTLEDLHEEEGSLALSLPWEERRRRTREIASWIGRRLGLGTPEAVRAQAYRLSIPK
LMGRRAVSKPADALRVGFYRAQETALALLRLDGAQGWPEFLRRALLRAFGASGASLRLHTLHAHPSQGLAFREALRKAKE
EGVQAVLVLTPPMAWEDRNRLKALLLREGLPSQILNVPLREEERHRWENALLGLLAKAGLQVVALSGAYPAELAVGFDAG
GRESFRFGGAACAVGGDGGHLLWTLPEAQAGERIPQEVVWDLLEETLWAFRRKAGRLPSRVLLLRDGRVPQDEFALALEA
LAREGIAYDLVSVRKSGGGRVYPVQGRLADGLYVPLEDKTFLLLTVHRDFRGTPRPLKLVHEAGDTPLEALAHQIFHLTR
LYPASGFAFPRLPAPLHLADRLVKEVGRLGIRHLKEVDREKLFFV
;
A,B
2 'polydeoxyribonucleotide'
;(DT)(DG)(DA)(DG)(DG)(DT)(DA)(DG)(DT)(DA)(DG)(DG)(DT)(DT)(DG)(DT)(DA)(DT)(DA)(DG)
(DT)
;
C,M
3 'polyribonucleotide' UAUACAACCUACUACCUCG D,N
#
loop_
_chem_comp.id
_chem_comp.type
_chem_comp.name
_chem_comp.formula
A RNA linking ADENOSINE-5'-MONOPHOSPHATE 'C10 H14 N5 O7 P'
C RNA linking CYTIDINE-5'-MONOPHOSPHATE 'C9 H14 N3 O8 P'
DA DNA linking 2'-DEOXYADENOSINE-5'-MONOPHOSPHATE 'C10 H14 N5 O6 P'
DG DNA linking 2'-DEOXYGUANOSINE-5'-MONOPHOSPHATE 'C10 H14 N5 O7 P'
DT DNA linking THYMIDINE-5'-MONOPHOSPHATE 'C10 H15 N2 O8 P'
G RNA linking GUANOSINE-5'-MONOPHOSPHATE 'C10 H14 N5 O8 P'
MG non-polymer 'MAGNESIUM ION' 'Mg 2'
PO4 non-polymer 'PHOSPHATE ION' 'O4 P -3'
U RNA linking URIDINE-5'-MONOPHOSPHATE 'C9 H13 N2 O9 P'
#
# COMPACT_ATOMS: atom_id res chain seq x y z
N HIS A 3 -28.15 10.72 38.59
CA HIS A 3 -27.41 10.57 37.35
C HIS A 3 -28.19 11.12 36.16
N LEU A 4 -29.28 10.44 35.83
CA LEU A 4 -30.07 10.71 34.62
C LEU A 4 -30.88 12.01 34.62
N GLY A 5 -30.20 13.15 34.78
CA GLY A 5 -30.86 14.45 34.72
C GLY A 5 -31.62 14.66 33.42
N LYS A 6 -32.82 14.07 33.35
CA LYS A 6 -33.56 13.94 32.10
C LYS A 6 -34.11 15.25 31.53
N THR A 7 -34.02 15.37 30.21
CA THR A 7 -34.55 16.52 29.50
C THR A 7 -35.22 16.04 28.21
N GLU A 8 -35.58 16.98 27.36
CA GLU A 8 -36.17 16.64 26.06
C GLU A 8 -35.76 17.66 25.03
N VAL A 9 -35.08 17.19 24.00
CA VAL A 9 -34.59 18.03 22.93
C VAL A 9 -34.99 17.39 21.62
N PHE A 10 -35.46 18.17 20.66
CA PHE A 10 -35.76 17.60 19.35
C PHE A 10 -34.60 17.72 18.39
N LEU A 11 -34.46 16.73 17.52
CA LEU A 11 -33.39 16.71 16.55
C LEU A 11 -33.87 17.19 15.17
N ASN A 12 -32.93 17.46 14.28
CA ASN A 12 -33.24 18.08 12.99
C ASN A 12 -33.89 17.13 11.99
N ARG A 13 -34.79 16.29 12.49
CA ARG A 13 -35.62 15.47 11.62
C ARG A 13 -37.07 15.96 11.73
N PHE A 14 -37.92 15.53 10.82
CA PHE A 14 -39.32 15.93 10.83
C PHE A 14 -40.23 14.81 10.32
N ALA A 15 -41.37 14.66 10.98
CA ALA A 15 -42.36 13.66 10.61
C ALA A 15 -43.39 14.26 9.66
N LEU A 16 -43.64 13.57 8.56
CA LEU A 16 -44.55 14.08 7.53
C LEU A 16 -45.61 13.06 7.16
N ARG A 17 -46.52 13.48 6.28
CA ARG A 17 -47.66 12.65 5.89
C ARG A 17 -47.26 11.21 5.62
N PRO A 18 -48.09 10.27 6.06
CA PRO A 18 -47.95 8.83 5.79
C PRO A 18 -48.18 8.52 4.31
N LEU A 19 -47.33 7.68 3.73
CA LEU A 19 -47.47 7.28 2.33
C LEU A 19 -48.90 6.88 2.01
N ASN A 20 -49.39 7.29 0.85
CA ASN A 20 -50.70 6.92 0.37
C ASN A 20 -50.66 5.52 -0.27
N PRO A 21 -51.84 4.91 -0.45
CA PRO A 21 -51.99 3.55 -1.01
C PRO A 21 -51.17 3.30 -2.27
N GLU A 22 -51.10 4.28 -3.16
CA GLU A 22 -50.43 4.12 -4.45
C GLU A 22 -48.93 3.96 -4.27
N GLU A 23 -48.37 4.74 -3.35
CA GLU A 23 -46.94 4.73 -3.08
C GLU A 23 -46.51 3.46 -2.36
N LEU A 24 -47.47 2.73 -1.84
CA LEU A 24 -47.18 1.45 -1.20
C LEU A 24 -47.22 0.34 -2.22
N ARG A 25 -47.78 0.62 -3.40
CA ARG A 25 -47.86 -0.35 -4.48
C ARG A 25 -47.09 0.10 -5.71
N PRO A 26 -45.76 0.23 -5.60
CA PRO A 26 -44.91 0.75 -6.66
C PRO A 26 -45.00 -0.10 -7.93
N TRP A 27 -44.85 0.53 -9.08
CA TRP A 27 -44.85 -0.19 -10.35
C TRP A 27 -43.59 -1.03 -10.48
N ARG A 28 -43.74 -2.31 -10.82
CA ARG A 28 -42.62 -3.19 -11.05
C ARG A 28 -42.31 -3.31 -12.54
N LEU A 29 -41.03 -3.22 -12.89
CA LEU A 29 -40.60 -3.37 -14.29
C LEU A 29 -39.44 -4.37 -14.44
N GLU A 30 -39.30 -4.94 -15.63
CA GLU A 30 -38.21 -5.88 -15.91
C GLU A 30 -37.22 -5.28 -16.90
N VAL A 31 -35.96 -5.68 -16.80
CA VAL A 31 -34.90 -5.07 -17.60
C VAL A 31 -34.20 -6.08 -18.52
N VAL A 32 -34.18 -5.77 -19.82
CA VAL A 32 -33.54 -6.63 -20.81
C VAL A 32 -32.42 -5.88 -21.53
N LEU A 33 -31.24 -5.87 -20.93
CA LEU A 33 -30.09 -5.18 -21.51
C LEU A 33 -29.22 -6.12 -22.35
N ASP A 34 -29.20 -5.88 -23.66
CA ASP A 34 -28.34 -6.65 -24.56
C ASP A 34 -27.42 -5.69 -25.33
N PRO A 35 -26.11 -5.97 -25.34
CA PRO A 35 -25.43 -7.14 -24.79
C PRO A 35 -25.51 -7.24 -23.27
N PRO A 36 -25.68 -8.46 -22.74
CA PRO A 36 -25.78 -8.76 -21.30
C PRO A 36 -24.54 -8.32 -20.54
N PRO A 37 -24.72 -7.63 -19.42
CA PRO A 37 -23.61 -7.10 -18.61
C PRO A 37 -22.79 -8.20 -17.94
N GLY A 38 -21.61 -7.84 -17.44
CA GLY A 38 -20.74 -8.78 -16.76
C GLY A 38 -21.13 -8.99 -15.31
N ARG A 39 -20.68 -10.06 -14.68
CA ARG A 39 -21.18 -10.36 -13.36
C ARG A 39 -20.88 -9.16 -12.50
N GLU A 40 -19.87 -8.40 -12.91
CA GLU A 40 -19.28 -7.35 -12.10
C GLU A 40 -19.85 -5.98 -12.45
N GLU A 41 -20.31 -5.83 -13.70
CA GLU A 41 -20.86 -4.57 -14.18
C GLU A 41 -22.39 -4.62 -14.20
N VAL A 42 -22.99 -4.57 -13.02
CA VAL A 42 -24.44 -4.63 -12.90
C VAL A 42 -24.99 -3.49 -12.05
N TYR A 43 -24.71 -3.53 -10.75
CA TYR A 43 -25.20 -2.49 -9.84
C TYR A 43 -25.05 -1.08 -10.41
N PRO A 44 -23.85 -0.72 -10.92
CA PRO A 44 -23.64 0.63 -11.42
C PRO A 44 -24.37 0.91 -12.73
N LEU A 45 -24.65 -0.16 -13.48
CA LEU A 45 -25.31 -0.04 -14.78
C LEU A 45 -26.82 -0.05 -14.61
N LEU A 46 -27.31 -1.09 -13.96
CA LEU A 46 -28.73 -1.27 -13.69
C LEU A 46 -29.34 -0.07 -12.95
N ALA A 47 -28.49 0.69 -12.27
CA ALA A 47 -28.95 1.87 -11.54
C ALA A 47 -28.99 3.10 -12.44
N GLN A 48 -28.09 3.17 -13.41
CA GLN A 48 -28.03 4.32 -14.30
C GLN A 48 -29.07 4.16 -15.41
N VAL A 49 -29.71 3.00 -15.43
CA VAL A 49 -30.80 2.74 -16.36
C VAL A 49 -32.10 3.31 -15.78
N ALA A 50 -32.28 3.15 -14.48
CA ALA A 50 -33.40 3.75 -13.79
C ALA A 50 -33.32 5.26 -13.95
N ARG A 51 -32.15 5.82 -13.68
CA ARG A 51 -31.92 7.25 -13.86
C ARG A 51 -32.31 7.67 -15.26
N ARG A 52 -32.02 6.80 -16.23
CA ARG A 52 -32.29 7.06 -17.63
C ARG A 52 -33.78 6.94 -17.96
N ALA A 53 -34.47 6.10 -17.20
CA ALA A 53 -35.88 5.80 -17.47
C ALA A 53 -36.82 6.97 -17.15
N GLY A 54 -36.32 7.97 -16.43
CA GLY A 54 -37.14 9.13 -16.07
C GLY A 54 -38.05 8.85 -14.90
N GLY A 55 -38.70 9.89 -14.38
CA GLY A 55 -39.61 9.76 -13.25
C GLY A 55 -38.95 9.31 -11.96
N VAL A 56 -39.76 9.19 -10.91
CA VAL A 56 -39.27 8.75 -9.60
C VAL A 56 -39.18 7.22 -9.51
N THR A 57 -38.15 6.66 -10.14
CA THR A 57 -37.93 5.23 -10.13
C THR A 57 -36.57 4.88 -9.51
N VAL A 58 -36.51 3.74 -8.83
CA VAL A 58 -35.30 3.27 -8.16
C VAL A 58 -34.96 1.86 -8.61
N ARG A 59 -33.90 1.27 -8.08
CA ARG A 59 -33.55 -0.10 -8.44
C ARG A 59 -34.19 -1.12 -7.49
N MET A 60 -34.77 -2.17 -8.06
CA MET A 60 -35.49 -3.17 -7.31
C MET A 60 -34.85 -4.55 -7.51
N GLY A 61 -33.79 -4.82 -6.75
CA GLY A 61 -33.04 -6.06 -6.93
C GLY A 61 -32.54 -6.19 -8.35
N ASP A 62 -33.02 -7.21 -9.06
CA ASP A 62 -32.59 -7.45 -10.44
C ASP A 62 -33.52 -6.76 -11.42
N GLY A 63 -34.22 -5.73 -10.95
CA GLY A 63 -35.13 -4.97 -11.79
C GLY A 63 -35.30 -3.55 -11.29
N LEU A 64 -36.35 -2.88 -11.78
CA LEU A 64 -36.63 -1.51 -11.39
C LEU A 64 -37.99 -1.39 -10.71
N ALA A 65 -38.16 -0.35 -9.90
CA ALA A 65 -39.43 -0.05 -9.25
C ALA A 65 -39.75 1.44 -9.35
N SER A 66 -40.98 1.78 -9.75
CA SER A 66 -41.33 3.17 -10.02
C SER A 66 -42.56 3.68 -9.28
N TRP A 67 -42.61 5.00 -9.05
CA TRP A 67 -43.80 5.68 -8.57
C TRP A 67 -44.37 6.54 -9.68
N SER A 68 -44.26 6.04 -10.90
CA SER A 68 -44.73 6.79 -12.05
C SER A 68 -45.29 5.82 -13.07
N PRO A 69 -46.46 6.16 -13.63
CA PRO A 69 -47.08 5.31 -14.65
C PRO A 69 -46.11 5.01 -15.78
N PRO A 70 -45.97 3.73 -16.12
CA PRO A 70 -45.08 3.31 -17.21
C PRO A 70 -45.25 4.20 -18.45
N GLU A 71 -46.46 4.69 -18.65
CA GLU A 71 -46.77 5.48 -19.85
C GLU A 71 -46.14 6.86 -19.86
N VAL A 72 -45.36 7.18 -18.83
CA VAL A 72 -44.60 8.43 -18.81
C VAL A 72 -43.11 8.18 -18.54
N LEU A 73 -42.67 6.94 -18.72
CA LEU A 73 -41.27 6.58 -18.60
C LEU A 73 -40.68 6.27 -19.98
N VAL A 74 -39.36 6.28 -20.08
CA VAL A 74 -38.68 5.90 -21.31
C VAL A 74 -38.34 4.42 -21.25
N LEU A 75 -39.32 3.58 -21.58
CA LEU A 75 -39.17 2.14 -21.41
C LEU A 75 -38.19 1.55 -22.43
N GLU A 76 -37.71 2.36 -23.36
CA GLU A 76 -36.67 1.93 -24.28
C GLU A 76 -35.60 3.02 -24.46
N GLY A 77 -34.37 2.60 -24.69
CA GLY A 77 -33.28 3.54 -24.89
C GLY A 77 -31.94 2.85 -24.99
N THR A 78 -30.87 3.57 -24.65
CA THR A 78 -29.53 3.00 -24.70
C THR A 78 -28.53 3.76 -23.82
N LEU A 79 -27.99 3.06 -22.81
CA LEU A 79 -27.04 3.64 -21.87
C LEU A 79 -25.61 3.25 -22.21
N ALA A 80 -24.66 4.14 -21.93
CA ALA A 80 -23.25 3.88 -22.18
C ALA A 80 -22.41 3.97 -20.90
N ARG A 81 -21.61 2.94 -20.66
CA ARG A 81 -20.74 2.90 -19.48
C ARG A 81 -19.36 2.31 -19.81
N MET A 82 -18.33 3.15 -19.67
CA MET A 82 -16.94 2.75 -19.93
C MET A 82 -16.69 2.20 -21.34
N GLY A 83 -17.12 2.94 -22.35
CA GLY A 83 -16.91 2.56 -23.73
C GLY A 83 -18.08 1.79 -24.32
N GLN A 84 -18.29 0.57 -23.82
CA GLN A 84 -19.35 -0.29 -24.34
C GLN A 84 -20.72 0.38 -24.27
N THR A 85 -21.46 0.32 -25.37
CA THR A 85 -22.78 0.93 -25.44
C THR A 85 -23.89 -0.13 -25.47
N TYR A 86 -24.26 -0.61 -24.29
CA TYR A 86 -25.32 -1.61 -24.17
C TYR A 86 -26.70 -0.94 -24.28
N ALA A 87 -27.62 -1.61 -24.96
CA ALA A 87 -28.99 -1.10 -25.12
C ALA A 87 -29.94 -1.78 -24.14
N TYR A 88 -30.87 -1.01 -23.58
CA TYR A 88 -31.80 -1.55 -22.59
C TYR A 88 -33.23 -1.64 -23.09
N ARG A 89 -34.09 -2.19 -22.25
CA ARG A 89 -35.49 -2.40 -22.59
C ARG A 89 -36.31 -2.79 -21.35
N LEU A 90 -37.22 -1.91 -20.95
CA LEU A 90 -38.05 -2.13 -19.76
C LEU A 90 -39.39 -2.76 -20.12
N TYR A 91 -39.86 -3.65 -19.24
CA TYR A 91 -41.15 -4.29 -19.43
C TYR A 91 -42.01 -4.08 -18.19
N PRO A 92 -43.20 -3.51 -18.37
CA PRO A 92 -44.12 -3.32 -17.25
C PRO A 92 -44.62 -4.69 -16.79
N LYS A 93 -44.39 -5.01 -15.52
CA LYS A 93 -44.72 -6.34 -15.02
C LYS A 93 -45.43 -6.33 -13.66
N GLY A 94 -46.57 -5.64 -13.60
CA GLY A 94 -47.41 -5.68 -12.42
C GLY A 94 -47.06 -4.66 -11.35
N ARG A 95 -47.66 -4.83 -10.18
CA ARG A 95 -47.43 -3.95 -9.04
C ARG A 95 -47.49 -4.77 -7.77
N ARG A 96 -46.39 -4.76 -7.02
CA ARG A 96 -46.35 -5.52 -5.77
C ARG A 96 -46.45 -4.57 -4.58
N PRO A 97 -47.28 -4.94 -3.60
CA PRO A 97 -47.42 -4.16 -2.36
C PRO A 97 -46.15 -4.26 -1.53
N LEU A 98 -45.73 -3.15 -0.94
CA LEU A 98 -44.56 -3.16 -0.07
C LEU A 98 -44.92 -2.90 1.38
N ASP A 99 -44.17 -3.53 2.29
CA ASP A 99 -44.46 -3.43 3.71
C ASP A 99 -43.36 -2.70 4.46
N PRO A 100 -43.63 -1.47 4.89
CA PRO A 100 -42.69 -0.66 5.66
C PRO A 100 -42.28 -1.35 6.97
N LYS A 101 -43.16 -2.21 7.51
CA LYS A 101 -42.86 -2.92 8.75
C LYS A 101 -41.65 -3.82 8.57
N ASP A 102 -41.43 -4.26 7.33
CA ASP A 102 -40.30 -5.11 6.99
C ASP A 102 -39.08 -4.26 6.66
N PRO A 103 -37.92 -4.65 7.20
CA PRO A 103 -36.69 -3.91 6.97
C PRO A 103 -36.28 -3.91 5.50
N GLY A 104 -36.25 -5.10 4.90
CA GLY A 104 -35.85 -5.26 3.51
C GLY A 104 -36.75 -4.52 2.54
N GLU A 105 -38.06 -4.60 2.75
CA GLU A 105 -39.01 -3.93 1.89
C GLU A 105 -38.93 -2.41 1.99
N ARG A 106 -38.96 -1.90 3.22
CA ARG A 106 -38.88 -0.46 3.47
C ARG A 106 -37.67 0.20 2.81
N SER A 107 -36.62 -0.58 2.60
CA SER A 107 -35.37 -0.07 2.04
C SER A 107 -35.55 0.61 0.69
N VAL A 108 -36.34 -0.02 -0.17
CA VAL A 108 -36.57 0.47 -1.52
C VAL A 108 -37.58 1.62 -1.52
N LEU A 109 -38.54 1.56 -0.60
CA LEU A 109 -39.50 2.65 -0.47
C LEU A 109 -38.78 3.96 -0.16
N SER A 110 -37.82 3.90 0.76
CA SER A 110 -37.01 5.06 1.12
C SER A 110 -36.20 5.53 -0.08
N ALA A 111 -35.83 4.59 -0.94
CA ALA A 111 -35.12 4.90 -2.17
C ALA A 111 -36.01 5.77 -3.05
N LEU A 112 -37.24 5.30 -3.26
CA LEU A 112 -38.21 6.05 -4.06
C LEU A 112 -38.42 7.43 -3.46
N ALA A 113 -38.45 7.48 -2.14
CA ALA A 113 -38.72 8.73 -1.43
C ALA A 113 -37.65 9.78 -1.69
N ARG A 114 -36.39 9.36 -1.71
CA ARG A 114 -35.30 10.27 -2.02
C ARG A 114 -35.40 10.72 -3.46
N ARG A 115 -35.70 9.77 -4.35
CA ARG A 115 -35.87 10.08 -5.76
C ARG A 115 -37.03 11.05 -5.94
N LEU A 116 -38.06 10.89 -5.11
CA LEU A 116 -39.21 11.79 -5.12
C LEU A 116 -38.74 13.19 -4.80
N LEU A 117 -38.05 13.32 -3.67
CA LEU A 117 -37.58 14.60 -3.20
C LEU A 117 -36.70 15.28 -4.24
N GLN A 118 -35.90 14.50 -4.95
CA GLN A 118 -35.02 15.07 -5.95
C GLN A 118 -35.79 15.45 -7.20
N GLU A 119 -36.68 14.55 -7.64
CA GLU A 119 -37.44 14.75 -8.87
C GLU A 119 -38.47 15.87 -8.74
N ARG A 120 -38.87 16.19 -7.52
CA ARG A 120 -39.84 17.25 -7.30
C ARG A 120 -39.18 18.59 -6.97
N LEU A 121 -38.00 18.54 -6.38
CA LEU A 121 -37.27 19.76 -6.05
C LEU A 121 -36.64 20.39 -7.29
N ARG A 122 -36.19 19.54 -8.21
CA ARG A 122 -35.55 20.00 -9.43
C ARG A 122 -36.50 20.87 -10.25
N ARG A 123 -37.79 20.52 -10.20
CA ARG A 123 -38.78 21.25 -10.97
C ARG A 123 -39.50 22.31 -10.14
N LEU A 124 -38.74 23.00 -9.29
CA LEU A 124 -39.26 24.15 -8.56
C LEU A 124 -38.62 25.41 -9.12
N GLU A 125 -39.38 26.51 -9.07
CA GLU A 125 -38.89 27.79 -9.57
C GLU A 125 -37.81 28.36 -8.65
N GLY A 126 -37.36 27.53 -7.71
CA GLY A 126 -36.29 27.90 -6.80
C GLY A 126 -34.95 27.97 -7.51
N VAL A 127 -33.96 27.24 -6.99
CA VAL A 127 -32.64 27.29 -7.59
C VAL A 127 -31.96 25.93 -7.68
N TRP A 128 -30.63 25.94 -7.74
CA TRP A 128 -29.84 24.74 -7.92
C TRP A 128 -30.23 23.62 -6.95
N VAL A 129 -29.85 22.39 -7.30
CA VAL A 129 -30.12 21.22 -6.49
C VAL A 129 -28.95 20.26 -6.64
N GLU A 130 -27.83 20.56 -5.98
CA GLU A 130 -26.61 19.77 -6.15
C GLU A 130 -26.61 18.50 -5.32
N GLY A 131 -27.18 17.43 -5.89
CA GLY A 131 -27.27 16.16 -5.21
C GLY A 131 -28.39 16.13 -4.19
N LEU A 132 -28.04 15.91 -2.93
CA LEU A 132 -29.03 15.94 -1.85
C LEU A 132 -29.21 17.36 -1.33
N ALA A 133 -28.55 18.32 -1.97
CA ALA A 133 -28.58 19.70 -1.50
C ALA A 133 -29.59 20.57 -2.23
N VAL A 134 -29.85 21.74 -1.66
CA VAL A 134 -30.87 22.66 -2.17
C VAL A 134 -30.51 24.07 -1.73
N TYR A 135 -30.58 25.03 -2.66
CA TYR A 135 -30.20 26.40 -2.32
C TYR A 135 -31.26 27.42 -2.68
N ARG A 136 -31.89 28.00 -1.66
CA ARG A 136 -32.98 28.93 -1.87
C ARG A 136 -32.53 30.36 -2.16
N ARG A 137 -31.80 30.96 -1.22
CA ARG A 137 -31.43 32.37 -1.32
C ARG A 137 -29.99 32.59 -1.74
N GLU A 138 -29.48 33.81 -1.51
CA GLU A 138 -28.08 34.13 -1.74
C GLU A 138 -27.53 34.93 -0.58
N HIS A 139 -26.48 34.42 0.05
CA HIS A 139 -25.91 35.04 1.24
C HIS A 139 -24.97 36.19 0.86
N ALA A 140 -24.42 36.12 -0.34
CA ALA A 140 -23.49 37.15 -0.81
C ALA A 140 -23.25 37.06 -2.32
N ARG A 141 -22.94 38.21 -2.92
CA ARG A 141 -22.74 38.29 -4.37
C ARG A 141 -21.62 39.26 -4.74
N GLY A 142 -20.42 39.00 -4.22
CA GLY A 142 -19.26 39.84 -4.52
C GLY A 142 -18.88 39.83 -5.99
N PRO A 143 -17.95 40.69 -6.37
CA PRO A 143 -17.51 40.79 -7.76
C PRO A 143 -16.54 39.67 -8.13
N GLY A 144 -17.08 38.61 -8.75
CA GLY A 144 -16.28 37.47 -9.14
C GLY A 144 -16.71 36.19 -8.47
N TRP A 145 -17.38 36.33 -7.32
CA TRP A 145 -17.82 35.18 -6.54
C TRP A 145 -19.28 35.32 -6.09
N ARG A 146 -19.95 34.20 -5.91
CA ARG A 146 -21.32 34.18 -5.41
C ARG A 146 -21.50 33.09 -4.35
N VAL A 147 -22.01 33.48 -3.18
CA VAL A 147 -22.22 32.53 -2.09
C VAL A 147 -23.71 32.26 -1.84
N LEU A 148 -24.20 31.15 -2.37
CA LEU A 148 -25.59 30.75 -2.20
C LEU A 148 -25.76 29.89 -0.95
N GLY A 149 -26.93 29.98 -0.32
CA GLY A 149 -27.21 29.20 0.87
C GLY A 149 -28.47 28.37 0.73
N GLY A 150 -28.46 27.28 1.49
CA GLY A 150 -29.09 26.01 1.21
C GLY A 150 -29.42 25.17 2.44
N ALA A 151 -30.14 24.09 2.18
CA ALA A 151 -30.35 23.06 3.16
C ALA A 151 -29.86 21.86 2.35
N VAL A 152 -29.33 20.89 3.07
CA VAL A 152 -29.01 19.59 2.53
C VAL A 152 -30.04 18.72 3.18
N LEU A 153 -30.67 17.84 2.39
CA LEU A 153 -31.89 17.17 2.78
C LEU A 153 -31.81 15.66 2.59
N ASP A 154 -32.74 14.97 3.22
CA ASP A 154 -32.96 13.56 2.96
C ASP A 154 -34.38 13.21 3.37
N LEU A 155 -35.01 12.34 2.58
CA LEU A 155 -36.39 11.96 2.81
C LEU A 155 -36.48 10.45 2.70
N TRP A 156 -36.76 9.78 3.82
CA TRP A 156 -36.90 8.34 3.83
C TRP A 156 -38.23 7.90 4.47
N VAL A 157 -38.43 6.59 4.54
CA VAL A 157 -39.66 6.02 5.09
C VAL A 157 -39.41 5.34 6.43
N SER A 158 -40.35 5.48 7.36
CA SER A 158 -40.19 4.93 8.71
C SER A 158 -40.87 3.57 8.89
N ASP A 159 -41.04 3.15 10.15
CA ASP A 159 -41.66 1.87 10.47
C ASP A 159 -43.16 1.95 10.22
N SER A 160 -43.75 3.04 10.71
CA SER A 160 -45.19 3.28 10.60
C SER A 160 -45.60 3.57 9.15
N GLY A 161 -44.63 3.96 8.32
CA GLY A 161 -44.89 4.22 6.92
C GLY A 161 -45.14 5.69 6.61
N ALA A 162 -44.50 6.57 7.37
CA ALA A 162 -44.62 8.00 7.13
C ALA A 162 -43.28 8.59 6.69
N PHE A 163 -43.31 9.51 5.74
CA PHE A 163 -42.09 10.16 5.27
C PHE A 163 -41.36 10.80 6.45
N LEU A 164 -40.04 10.70 6.41
CA LEU A 164 -39.19 11.38 7.37
C LEU A 164 -38.25 12.29 6.61
N LEU A 165 -38.21 13.55 7.00
CA LEU A 165 -37.44 14.54 6.26
C LEU A 165 -36.38 15.17 7.17
N GLU A 166 -35.12 14.86 6.89
CA GLU A 166 -34.01 15.38 7.66
C GLU A 166 -33.40 16.62 7.03
N VAL A 167 -33.37 17.71 7.80
CA VAL A 167 -32.91 19.00 7.28
C VAL A 167 -31.63 19.47 7.96
N ASP A 168 -30.74 20.10 7.19
CA ASP A 168 -29.49 20.62 7.72
C ASP A 168 -28.95 21.72 6.81
N PRO A 169 -29.06 22.98 7.26
CA PRO A 169 -28.60 24.17 6.51
C PRO A 169 -27.15 24.06 6.07
N ALA A 170 -26.82 24.62 4.92
CA ALA A 170 -25.47 24.56 4.38
C ALA A 170 -25.26 25.62 3.31
N TYR A 171 -24.05 26.18 3.27
CA TYR A 171 -23.69 27.19 2.26
C TYR A 171 -22.89 26.58 1.12
N ARG A 172 -22.77 27.32 0.02
CA ARG A 172 -21.99 26.90 -1.13
C ARG A 172 -21.30 28.10 -1.78
N ILE A 173 -20.03 27.93 -2.14
CA ILE A 173 -19.25 28.99 -2.76
C ILE A 173 -19.07 28.72 -4.25
N LEU A 174 -19.80 29.48 -5.07
CA LEU A 174 -19.74 29.31 -6.52
C LEU A 174 -19.35 30.63 -7.20
N CYS A 175 -18.38 30.57 -8.10
CA CYS A 175 -17.94 31.77 -8.82
C CYS A 175 -18.20 31.68 -10.34
N GLU A 176 -18.31 32.83 -11.00
CA GLU A 176 -18.64 32.89 -12.42
C GLU A 176 -17.44 33.17 -13.31
N MET A 177 -16.65 34.17 -12.91
CA MET A 177 -15.51 34.61 -13.71
C MET A 177 -14.54 33.48 -14.07
N SER A 178 -13.92 33.59 -15.24
CA SER A 178 -12.96 32.61 -15.72
C SER A 178 -11.69 32.67 -14.87
N LEU A 179 -10.79 31.71 -15.08
CA LEU A 179 -9.51 31.71 -14.37
C LEU A 179 -8.63 32.84 -14.88
N GLU A 180 -9.20 33.66 -15.76
CA GLU A 180 -8.49 34.81 -16.32
C GLU A 180 -9.17 36.12 -15.96
N ALA A 181 -10.49 36.17 -16.12
CA ALA A 181 -11.26 37.36 -15.78
C ALA A 181 -11.23 37.59 -14.26
N TRP A 182 -11.13 36.51 -13.51
CA TRP A 182 -11.05 36.56 -12.06
C TRP A 182 -9.63 36.98 -11.64
N LEU A 183 -8.63 36.56 -12.41
CA LEU A 183 -7.25 36.94 -12.14
C LEU A 183 -6.97 38.37 -12.59
N ALA A 184 -7.71 38.82 -13.60
CA ALA A 184 -7.60 40.18 -14.09
C ALA A 184 -8.42 41.11 -13.21
N GLN A 185 -9.47 40.57 -12.60
CA GLN A 185 -10.30 41.34 -11.70
C GLN A 185 -9.47 41.85 -10.52
N GLY A 186 -8.33 41.21 -10.30
CA GLY A 186 -7.43 41.63 -9.24
C GLY A 186 -7.46 40.72 -8.02
N HIS A 187 -7.24 39.43 -8.24
CA HIS A 187 -7.22 38.45 -7.16
C HIS A 187 -6.00 37.56 -7.28
N PRO A 188 -5.36 37.23 -6.14
CA PRO A 188 -4.17 36.36 -6.11
C PRO A 188 -4.47 34.97 -6.69
N LEU A 189 -3.41 34.23 -7.03
CA LEU A 189 -3.55 32.93 -7.68
C LEU A 189 -4.04 31.84 -6.73
N PRO A 190 -5.22 31.25 -7.03
CA PRO A 190 -5.82 30.17 -6.26
C PRO A 190 -4.93 28.95 -6.15
N LYS A 191 -5.21 28.07 -5.19
CA LYS A 191 -4.45 26.84 -5.03
C LYS A 191 -5.16 25.67 -5.71
N ARG A 192 -6.36 25.92 -6.23
CA ARG A 192 -7.13 24.87 -6.92
C ARG A 192 -7.87 25.38 -8.16
N VAL A 193 -7.69 24.67 -9.27
CA VAL A 193 -8.30 25.02 -10.55
C VAL A 193 -9.03 23.84 -11.18
N ARG A 194 -10.18 24.09 -11.80
CA ARG A 194 -10.94 23.03 -12.46
C ARG A 194 -11.21 23.33 -13.94
N ASN A 195 -10.71 22.46 -14.80
CA ASN A 195 -10.90 22.59 -16.25
C ASN A 195 -12.37 22.74 -16.62
N ALA A 196 -12.52 23.74 -17.48
CA ALA A 196 -13.86 24.10 -17.91
C ALA A 196 -14.28 23.25 -19.11
N TYR A 197 -13.55 22.49 -19.72
CA TYR A 197 -14.08 21.43 -20.59
C TYR A 197 -14.42 20.11 -19.90
N ASP A 198 -13.91 19.83 -18.79
CA ASP A 198 -14.01 18.52 -18.15
C ASP A 198 -14.56 18.73 -16.75
N ARG A 199 -14.17 18.14 -15.70
CA ARG A 199 -14.75 18.46 -14.42
C ARG A 199 -13.68 18.09 -13.51
N ARG A 200 -12.44 17.59 -14.16
CA ARG A 200 -11.29 17.21 -13.33
C ARG A 200 -10.62 18.42 -12.71
N THR A 201 -10.04 18.42 -11.52
CA THR A 201 -9.36 19.63 -11.07
C THR A 201 -7.84 19.43 -10.96
N TRP A 202 -7.12 20.54 -10.80
CA TRP A 202 -5.67 20.52 -10.69
C TRP A 202 -5.20 21.39 -9.54
N GLU A 203 -3.90 21.35 -9.24
CA GLU A 203 -3.31 22.22 -8.22
C GLU A 203 -2.46 23.32 -8.84
N LEU A 204 -3.10 24.38 -9.31
CA LEU A 204 -2.42 25.48 -10.00
C LEU A 204 -1.11 25.90 -9.32
N LEU A 205 0.02 25.59 -9.95
CA LEU A 205 1.34 25.83 -9.38
C LEU A 205 1.87 27.23 -9.69
N ARG A 206 1.78 27.64 -10.95
CA ARG A 206 2.30 28.94 -11.38
C ARG A 206 1.81 29.31 -12.76
N LEU A 207 2.28 30.44 -13.27
CA LEU A 207 2.01 30.82 -14.64
C LEU A 207 3.20 30.46 -15.52
N GLY A 208 2.93 30.16 -16.78
CA GLY A 208 3.96 29.76 -17.71
C GLY A 208 4.54 30.92 -18.49
N GLU A 209 5.87 31.02 -18.47
CA GLU A 209 6.58 32.02 -19.25
C GLU A 209 6.82 31.47 -20.65
N GLU A 210 5.80 30.81 -21.21
CA GLU A 210 5.89 30.22 -22.54
C GLU A 210 4.76 30.73 -23.44
N ASP A 211 4.95 30.59 -24.75
CA ASP A 211 3.92 30.97 -25.71
C ASP A 211 2.97 29.80 -25.95
N PRO A 212 1.69 30.10 -26.04
CA PRO A 212 0.68 29.06 -26.27
C PRO A 212 0.94 28.27 -27.55
N LYS A 213 1.02 28.97 -28.67
CA LYS A 213 1.17 28.35 -29.98
C LYS A 213 2.51 27.61 -30.15
N GLU A 214 3.57 28.21 -29.64
CA GLU A 214 4.91 27.66 -29.81
C GLU A 214 5.32 26.71 -28.69
N LEU A 215 4.34 26.24 -27.92
CA LEU A 215 4.62 25.35 -26.81
C LEU A 215 4.69 23.89 -27.24
N PRO A 216 5.76 23.20 -26.84
CA PRO A 216 5.96 21.82 -27.21
C PRO A 216 5.23 20.87 -26.24
N LEU A 217 4.19 20.22 -26.74
CA LEU A 217 3.46 19.24 -25.94
C LEU A 217 4.07 17.86 -26.14
N PRO A 218 3.54 16.85 -25.44
CA PRO A 218 4.07 15.50 -25.56
C PRO A 218 3.64 14.84 -26.87
N LEU A 221 1.47 17.15 -29.81
CA LEU A 221 1.21 18.26 -30.73
C LEU A 221 1.58 19.61 -30.09
N SER A 222 0.93 20.69 -30.56
CA SER A 222 1.15 22.03 -30.02
C SER A 222 0.12 22.35 -28.92
N LEU A 223 0.58 22.84 -27.77
CA LEU A 223 -0.31 23.06 -26.63
C LEU A 223 -1.61 23.78 -27.02
N LEU A 224 -1.49 24.91 -27.69
CA LEU A 224 -2.67 25.68 -28.08
C LEU A 224 -3.48 24.97 -29.16
N ASP A 225 -2.84 24.02 -29.82
CA ASP A 225 -3.47 23.28 -30.92
C ASP A 225 -4.24 22.06 -30.40
N TYR A 226 -3.77 21.51 -29.29
CA TYR A 226 -4.43 20.36 -28.68
C TYR A 226 -5.86 20.70 -28.29
N HIS A 227 -6.01 21.73 -27.45
CA HIS A 227 -7.34 22.13 -26.99
C HIS A 227 -8.16 22.73 -28.13
N ALA A 228 -7.47 23.10 -29.20
CA ALA A 228 -8.14 23.65 -30.38
C ALA A 228 -8.74 22.52 -31.22
N SER A 229 -7.94 21.50 -31.48
CA SER A 229 -8.36 20.35 -32.26
C SER A 229 -9.55 19.63 -31.61
N LYS A 230 -9.55 19.60 -30.27
CA LYS A 230 -10.61 18.92 -29.54
C LYS A 230 -11.87 19.78 -29.46
N GLY A 231 -11.90 20.88 -30.21
CA GLY A 231 -13.06 21.74 -30.29
C GLY A 231 -13.39 22.39 -28.96
N ARG A 232 -12.39 22.48 -28.09
CA ARG A 232 -12.57 23.09 -26.78
C ARG A 232 -12.36 24.60 -26.82
N LEU A 233 -11.66 25.07 -27.84
CA LEU A 233 -11.36 26.50 -27.98
C LEU A 233 -12.36 27.24 -28.86
N GLN A 234 -13.61 26.78 -28.87
CA GLN A 234 -14.67 27.45 -29.61
C GLN A 234 -15.65 28.15 -28.66
N GLY A 235 -16.05 29.36 -29.02
CA GLY A 235 -16.93 30.14 -28.17
C GLY A 235 -16.20 30.74 -26.98
N ARG A 236 -14.88 30.55 -26.97
CA ARG A 236 -14.03 31.06 -25.89
C ARG A 236 -12.71 31.58 -26.47
N GLU A 237 -11.79 31.96 -25.59
CA GLU A 237 -10.49 32.46 -26.01
C GLU A 237 -9.39 32.13 -24.99
N GLY A 238 -8.68 31.03 -25.22
CA GLY A 238 -7.62 30.60 -24.32
C GLY A 238 -6.60 31.70 -24.07
N GLY A 239 -6.34 31.99 -22.80
CA GLY A 239 -5.41 33.03 -22.43
C GLY A 239 -3.97 32.57 -22.42
N ARG A 240 -3.27 32.84 -21.32
CA ARG A 240 -1.87 32.47 -21.20
C ARG A 240 -1.69 31.05 -20.66
N VAL A 241 -0.44 30.66 -20.45
CA VAL A 241 -0.12 29.32 -19.97
C VAL A 241 -0.36 29.20 -18.47
N ALA A 242 -0.26 27.97 -17.96
CA ALA A 242 -0.45 27.71 -16.54
C ALA A 242 0.02 26.31 -16.21
N TRP A 243 0.94 26.20 -15.25
CA TRP A 243 1.49 24.90 -14.89
C TRP A 243 0.69 24.21 -13.80
N VAL A 244 -0.35 23.47 -14.19
CA VAL A 244 -1.12 22.70 -13.24
C VAL A 244 -0.28 21.52 -12.77
N ALA A 245 -0.79 20.78 -11.79
CA ALA A 245 -0.08 19.61 -11.28
C ALA A 245 -1.03 18.50 -10.90
N ASP A 246 -0.53 17.27 -10.95
CA ASP A 246 -1.32 16.09 -10.61
C ASP A 246 -1.61 16.04 -9.11
N LYS A 252 5.33 16.70 -10.90
CA LYS A 252 5.48 16.86 -12.35
C LYS A 252 4.44 17.83 -12.91
N PRO A 253 4.90 18.96 -13.45
CA PRO A 253 4.04 19.98 -14.07
C PRO A 253 3.32 19.48 -15.32
N ILE A 254 2.42 20.32 -15.85
CA ILE A 254 1.69 20.04 -17.07
C ILE A 254 1.08 21.34 -17.59
N PRO A 255 1.39 21.70 -18.83
CA PRO A 255 0.90 22.96 -19.39
C PRO A 255 -0.63 23.02 -19.39
N HIS A 256 -1.19 24.22 -19.31
CA HIS A 256 -2.63 24.40 -19.42
C HIS A 256 -3.03 25.86 -19.65
N THR A 258 -5.38 29.03 -19.55
CA THR A 258 -6.02 29.75 -18.46
C THR A 258 -7.35 30.39 -18.88
N GLY A 259 -7.74 30.19 -20.13
CA GLY A 259 -9.06 30.59 -20.57
C GLY A 259 -9.96 29.37 -20.51
N LEU A 260 -9.33 28.21 -20.37
CA LEU A 260 -10.03 26.93 -20.30
C LEU A 260 -10.21 26.49 -18.84
N LEU A 261 -9.26 26.88 -17.99
CA LEU A 261 -9.31 26.54 -16.57
C LEU A 261 -10.28 27.44 -15.79
N VAL A 262 -10.81 26.92 -14.69
CA VAL A 262 -11.63 27.72 -13.77
C VAL A 262 -11.12 27.57 -12.33
N PRO A 263 -11.36 28.58 -11.51
CA PRO A 263 -10.84 28.56 -10.14
C PRO A 263 -11.77 27.83 -9.17
N VAL A 264 -11.20 27.28 -8.11
CA VAL A 264 -11.99 26.69 -7.03
C VAL A 264 -11.87 27.51 -5.74
N LEU A 265 -12.85 28.38 -5.50
CA LEU A 265 -12.78 29.35 -4.42
C LEU A 265 -12.96 28.76 -3.01
N THR A 266 -12.22 29.16 -2.04
CA THR A 266 -12.30 28.50 -0.75
C THR A 266 -11.86 29.45 0.33
N LEU A 267 -10.62 29.70 0.50
CA LEU A 267 -10.07 30.73 1.38
C LEU A 267 -10.31 32.22 1.00
N GLU A 268 -10.43 32.52 -0.30
CA GLU A 268 -10.58 33.89 -0.89
C GLU A 268 -11.97 34.56 -0.80
N ASP A 269 -12.08 35.79 -1.27
CA ASP A 269 -13.28 36.56 -1.05
C ASP A 269 -13.27 37.18 0.34
N LEU A 279 -18.95 32.52 7.27
CA LEU A 279 -19.70 32.80 8.48
C LEU A 279 -20.51 31.59 8.92
N SER A 280 -20.24 31.11 10.13
CA SER A 280 -20.98 29.97 10.68
C SER A 280 -22.33 30.43 11.20
N LEU A 281 -23.35 29.58 11.07
CA LEU A 281 -24.67 29.91 11.56
C LEU A 281 -24.76 29.75 13.08
N PRO A 282 -25.21 30.81 13.75
CA PRO A 282 -25.39 30.82 15.20
C PRO A 282 -26.30 29.68 15.66
N TRP A 283 -25.97 29.07 16.79
CA TRP A 283 -26.71 27.92 17.32
C TRP A 283 -28.24 28.02 17.20
N GLU A 284 -28.82 29.08 17.73
CA GLU A 284 -30.27 29.24 17.74
C GLU A 284 -30.80 29.65 16.37
N GLU A 285 -30.01 30.45 15.65
CA GLU A 285 -30.41 30.94 14.34
C GLU A 285 -30.28 29.85 13.29
N ARG A 286 -29.83 28.68 13.73
CA ARG A 286 -29.74 27.53 12.83
C ARG A 286 -30.99 26.68 12.92
N ARG A 287 -31.46 26.43 14.14
CA ARG A 287 -32.64 25.60 14.32
C ARG A 287 -33.86 26.29 13.73
N ARG A 288 -33.78 27.61 13.62
CA ARG A 288 -34.86 28.39 13.05
C ARG A 288 -34.96 28.13 11.55
N ARG A 289 -33.83 28.27 10.86
CA ARG A 289 -33.79 28.03 9.42
C ARG A 289 -34.05 26.56 9.09
N THR A 290 -33.81 25.69 10.06
CA THR A 290 -34.02 24.25 9.87
C THR A 290 -35.50 23.92 9.76
N ARG A 291 -36.32 24.55 10.60
CA ARG A 291 -37.75 24.31 10.60
C ARG A 291 -38.45 25.02 9.44
N GLU A 292 -37.98 26.22 9.12
CA GLU A 292 -38.55 27.00 8.02
C GLU A 292 -38.42 26.27 6.69
N ILE A 293 -37.23 25.75 6.42
CA ILE A 293 -36.97 24.95 5.23
C ILE A 293 -37.87 23.70 5.20
N ALA A 294 -38.17 23.17 6.38
CA ALA A 294 -39.04 22.01 6.49
C ALA A 294 -40.49 22.36 6.12
N SER A 295 -41.03 23.39 6.79
CA SER A 295 -42.38 23.87 6.48
C SER A 295 -42.50 24.13 4.99
N TRP A 296 -41.42 24.63 4.41
CA TRP A 296 -41.37 24.99 3.00
C TRP A 296 -41.34 23.76 2.08
N ILE A 297 -40.59 22.75 2.46
CA ILE A 297 -40.49 21.54 1.66
C ILE A 297 -41.72 20.63 1.79
N GLY A 298 -42.49 20.78 2.85
CA GLY A 298 -43.69 19.99 3.03
C GLY A 298 -44.92 20.71 2.50
N ARG A 299 -44.86 22.03 2.48
CA ARG A 299 -45.96 22.85 1.99
C ARG A 299 -45.98 22.86 0.47
N ARG A 300 -44.79 22.93 -0.13
CA ARG A 300 -44.70 23.02 -1.58
C ARG A 300 -44.68 21.67 -2.24
N LEU A 301 -44.49 20.62 -1.46
CA LEU A 301 -44.43 19.29 -2.02
C LEU A 301 -45.66 18.48 -1.63
N GLY A 302 -46.57 19.11 -0.90
CA GLY A 302 -47.77 18.44 -0.43
C GLY A 302 -47.42 17.23 0.42
N LEU A 303 -46.71 17.47 1.51
CA LEU A 303 -46.33 16.41 2.44
C LEU A 303 -46.82 16.72 3.86
N GLY A 304 -47.59 17.78 3.99
CA GLY A 304 -48.18 18.13 5.27
C GLY A 304 -47.35 19.03 6.16
N THR A 305 -47.89 19.35 7.33
CA THR A 305 -47.19 20.20 8.30
C THR A 305 -46.12 19.43 9.05
N PRO A 306 -44.86 19.87 8.92
CA PRO A 306 -43.73 19.18 9.54
C PRO A 306 -43.88 19.14 11.06
N GLU A 307 -43.84 17.93 11.62
CA GLU A 307 -43.87 17.75 13.06
C GLU A 307 -42.48 17.35 13.54
N ALA A 308 -41.70 18.36 13.93
CA ALA A 308 -40.33 18.14 14.38
C ALA A 308 -40.28 17.02 15.40
N VAL A 309 -39.45 16.01 15.14
CA VAL A 309 -39.37 14.87 16.03
C VAL A 309 -38.52 15.18 17.25
N ARG A 310 -39.14 15.07 18.41
CA ARG A 310 -38.46 15.34 19.67
C ARG A 310 -38.04 14.02 20.31
N ALA A 311 -37.07 14.10 21.22
CA ALA A 311 -36.60 12.93 21.93
C ALA A 311 -36.08 13.33 23.30
N GLN A 312 -35.99 12.36 24.21
CA GLN A 312 -35.55 12.64 25.56
C GLN A 312 -34.05 12.39 25.71
N ALA A 313 -33.38 13.32 26.38
CA ALA A 313 -31.96 13.23 26.63
C ALA A 313 -31.68 12.99 28.10
N TYR A 314 -30.40 12.92 28.44
CA TYR A 314 -29.97 12.66 29.80
C TYR A 314 -28.63 13.33 30.06
N ARG A 315 -28.64 14.27 30.99
CA ARG A 315 -27.40 14.88 31.48
C ARG A 315 -26.60 13.81 32.20
N LEU A 316 -25.33 13.69 31.85
CA LEU A 316 -24.50 12.62 32.38
C LEU A 316 -23.53 13.08 33.47
N SER A 317 -23.08 12.13 34.27
CA SER A 317 -22.21 12.41 35.41
C SER A 317 -20.92 13.10 35.01
N ILE A 318 -20.53 14.13 35.77
CA ILE A 318 -19.28 14.85 35.51
C ILE A 318 -18.05 13.97 35.75
N PRO A 319 -17.09 14.00 34.81
CA PRO A 319 -15.85 13.25 34.91
C PRO A 319 -15.00 13.71 36.09
N LYS A 320 -14.40 12.76 36.80
CA LYS A 320 -13.49 13.10 37.89
C LYS A 320 -12.04 12.98 37.43
N LEU A 321 -11.59 13.95 36.63
CA LEU A 321 -10.20 13.96 36.19
C LEU A 321 -9.30 14.33 37.36
N MET A 322 -8.19 13.62 37.51
CA MET A 322 -7.36 13.81 38.69
C MET A 322 -5.86 13.68 38.43
N GLY A 323 -5.12 14.76 38.63
CA GLY A 323 -3.68 14.71 38.63
C GLY A 323 -3.21 14.03 39.91
N ARG A 324 -2.45 14.74 40.73
CA ARG A 324 -2.14 14.27 42.07
C ARG A 324 -3.32 14.60 42.95
N ARG A 325 -3.98 15.70 42.61
CA ARG A 325 -5.24 16.10 43.24
C ARG A 325 -6.23 16.42 42.13
N ALA A 326 -7.51 16.13 42.38
CA ALA A 326 -8.56 16.36 41.39
C ALA A 326 -8.37 17.71 40.73
N VAL A 327 -8.82 17.82 39.49
CA VAL A 327 -8.57 19.03 38.70
C VAL A 327 -9.58 19.15 37.56
N SER A 328 -9.87 20.39 37.16
CA SER A 328 -10.91 20.64 36.16
C SER A 328 -10.43 20.45 34.72
N LYS A 329 -9.14 20.64 34.48
CA LYS A 329 -8.59 20.47 33.14
C LYS A 329 -7.09 20.17 33.19
N PRO A 330 -6.61 19.34 32.25
CA PRO A 330 -5.22 18.87 32.19
C PRO A 330 -4.20 19.97 32.40
N ALA A 331 -4.50 21.19 31.94
CA ALA A 331 -3.55 22.29 32.06
C ALA A 331 -3.27 22.63 33.53
N ASP A 332 -4.29 22.51 34.38
CA ASP A 332 -4.15 22.81 35.80
C ASP A 332 -3.26 21.79 36.51
N ALA A 333 -2.95 20.69 35.82
CA ALA A 333 -2.11 19.64 36.39
C ALA A 333 -0.69 20.14 36.55
N LEU A 334 -0.41 21.29 35.95
CA LEU A 334 0.93 21.86 35.95
C LEU A 334 1.24 22.58 37.26
N ARG A 335 0.20 23.03 37.97
CA ARG A 335 0.37 23.70 39.25
C ARG A 335 -0.03 22.83 40.42
N VAL A 336 -0.65 21.69 40.13
CA VAL A 336 -1.14 20.79 41.16
C VAL A 336 -0.28 19.53 41.25
N GLY A 337 0.21 19.08 40.10
CA GLY A 337 1.03 17.88 40.04
C GLY A 337 0.46 16.82 39.15
N PHE A 338 1.29 15.86 38.76
CA PHE A 338 0.87 14.82 37.84
C PHE A 338 0.36 13.59 38.58
N TYR A 339 -0.37 12.75 37.85
CA TYR A 339 -1.04 11.59 38.41
C TYR A 339 -0.05 10.49 38.75
N ARG A 340 0.98 10.34 37.93
CA ARG A 340 2.08 9.42 38.20
C ARG A 340 3.34 9.87 37.48
N ALA A 341 3.97 10.91 38.01
CA ALA A 341 5.21 11.42 37.42
C ALA A 341 6.42 10.68 37.95
N GLN A 342 7.17 10.06 37.04
CA GLN A 342 8.41 9.38 37.40
C GLN A 342 9.60 10.28 37.09
N GLU A 343 10.76 9.94 37.64
CA GLU A 343 11.98 10.70 37.38
C GLU A 343 12.25 10.75 35.89
N THR A 344 12.48 11.96 35.36
CA THR A 344 12.71 12.11 33.94
C THR A 344 13.53 13.35 33.60
N ALA A 345 14.26 13.29 32.49
CA ALA A 345 15.04 14.42 32.01
C ALA A 345 14.67 14.74 30.57
N LEU A 346 14.47 16.03 30.29
CA LEU A 346 14.11 16.49 28.95
C LEU A 346 15.28 17.19 28.28
N ALA A 347 15.13 17.57 27.02
CA ALA A 347 16.22 18.27 26.33
C ALA A 347 15.72 19.48 25.55
N LEU A 348 16.63 20.37 25.18
CA LEU A 348 16.28 21.55 24.42
C LEU A 348 17.03 21.60 23.09
N LEU A 349 16.31 21.93 22.02
CA LEU A 349 16.93 22.12 20.72
C LEU A 349 16.44 23.41 20.07
N ARG A 350 17.33 24.41 20.00
CA ARG A 350 17.00 25.67 19.36
C ARG A 350 17.54 25.72 17.92
N LEU A 351 16.63 25.82 16.97
CA LEU A 351 17.00 25.95 15.57
C LEU A 351 17.02 27.43 15.19
N ASP A 352 16.85 28.29 16.19
CA ASP A 352 16.94 29.73 15.99
C ASP A 352 18.33 30.23 16.41
N GLY A 353 18.39 31.47 16.86
CA GLY A 353 19.65 32.04 17.29
C GLY A 353 20.09 31.62 18.66
N ALA A 354 19.38 32.07 19.69
CA ALA A 354 19.85 32.05 21.06
C ALA A 354 19.97 30.69 21.70
N GLN A 355 20.61 30.65 22.85
CA GLN A 355 20.92 29.40 23.53
C GLN A 355 20.33 29.41 24.94
N GLY A 356 20.11 28.22 25.50
CA GLY A 356 19.63 28.09 26.86
C GLY A 356 18.12 28.24 26.99
N TRP A 357 17.53 27.49 27.92
CA TRP A 357 16.11 27.57 28.18
C TRP A 357 15.69 28.98 28.55
N PRO A 358 14.52 29.41 28.04
CA PRO A 358 13.94 30.67 28.50
C PRO A 358 13.63 30.57 29.98
N GLU A 359 13.72 31.69 30.70
CA GLU A 359 13.54 31.67 32.14
C GLU A 359 12.23 31.03 32.57
N PHE A 360 11.13 31.42 31.94
CA PHE A 360 9.81 31.00 32.40
C PHE A 360 9.49 29.56 32.11
N LEU A 361 9.87 29.09 30.93
CA LEU A 361 9.64 27.69 30.58
C LEU A 361 10.35 26.78 31.58
N ARG A 362 11.40 27.28 32.21
CA ARG A 362 12.11 26.51 33.22
C ARG A 362 11.41 26.57 34.57
N ARG A 363 11.07 27.78 35.00
CA ARG A 363 10.33 27.97 36.25
C ARG A 363 9.06 27.13 36.24
N ALA A 364 8.38 27.13 35.09
CA ALA A 364 7.12 26.41 34.92
C ALA A 364 7.27 24.89 35.04
N LEU A 365 8.39 24.35 34.58
CA LEU A 365 8.61 22.91 34.61
C LEU A 365 9.02 22.43 36.00
N LEU A 366 9.87 23.22 36.65
CA LEU A 366 10.37 22.85 37.97
C LEU A 366 9.25 22.86 39.00
N ARG A 367 8.34 23.83 38.86
CA ARG A 367 7.16 23.91 39.70
C ARG A 367 6.32 22.63 39.56
N ALA A 368 5.90 22.33 38.34
CA ALA A 368 5.10 21.15 38.07
C ALA A 368 5.75 19.88 38.63
N PHE A 369 7.06 19.75 38.46
CA PHE A 369 7.77 18.58 38.96
C PHE A 369 8.07 18.69 40.45
N GLY A 370 8.01 19.92 40.97
CA GLY A 370 8.08 20.13 42.40
C GLY A 370 6.82 19.56 43.01
N ALA A 371 5.67 20.07 42.58
CA ALA A 371 4.38 19.58 43.05
C ALA A 371 4.30 18.06 42.92
N SER A 372 4.57 17.57 41.71
CA SER A 372 4.53 16.14 41.43
C SER A 372 5.42 15.35 42.39
N GLY A 373 6.55 15.92 42.76
CA GLY A 373 7.47 15.28 43.68
C GLY A 373 8.65 14.62 43.00
N ALA A 374 8.50 14.30 41.72
CA ALA A 374 9.58 13.67 40.96
C ALA A 374 10.63 14.69 40.59
N SER A 375 11.88 14.25 40.49
CA SER A 375 12.97 15.14 40.13
C SER A 375 13.20 15.11 38.63
N LEU A 376 13.60 16.25 38.08
CA LEU A 376 13.79 16.38 36.64
C LEU A 376 15.07 17.16 36.34
N ARG A 377 15.73 16.82 35.23
CA ARG A 377 16.94 17.51 34.82
C ARG A 377 16.85 18.01 33.39
N LEU A 378 16.93 19.32 33.21
CA LEU A 378 16.91 19.92 31.88
C LEU A 378 18.29 19.86 31.22
N HIS A 379 18.33 19.41 29.97
CA HIS A 379 19.58 19.36 29.21
C HIS A 379 19.57 20.40 28.09
N THR A 380 20.69 20.49 27.37
CA THR A 380 20.73 21.34 26.19
C THR A 380 21.59 20.73 25.09
N LEU A 381 20.98 20.51 23.93
CA LEU A 381 21.69 20.02 22.76
C LEU A 381 22.44 21.16 22.12
N HIS A 382 23.76 21.07 22.11
CA HIS A 382 24.59 22.06 21.43
C HIS A 382 24.98 21.52 20.07
N ALA A 383 23.98 21.04 19.34
CA ALA A 383 24.19 20.59 17.98
C ALA A 383 23.15 21.21 17.07
N HIS A 384 23.30 20.93 15.77
CA HIS A 384 22.42 21.47 14.76
C HIS A 384 22.31 20.43 13.66
N PRO A 385 21.12 20.28 13.07
CA PRO A 385 20.85 19.38 11.95
C PRO A 385 21.91 19.47 10.86
N SER A 386 22.30 20.70 10.54
CA SER A 386 23.21 20.95 9.41
C SER A 386 24.59 20.32 9.60
N GLN A 387 24.94 20.00 10.83
CA GLN A 387 26.20 19.32 11.10
C GLN A 387 26.20 17.93 10.49
N GLY A 388 25.00 17.41 10.22
CA GLY A 388 24.87 16.10 9.64
C GLY A 388 24.89 14.99 10.67
N LEU A 389 25.79 14.04 10.47
CA LEU A 389 25.87 12.87 11.33
C LEU A 389 26.47 13.19 12.68
N ALA A 390 27.20 14.30 12.74
CA ALA A 390 27.70 14.81 14.00
C ALA A 390 26.49 15.08 14.89
N PHE A 391 25.41 15.51 14.25
CA PHE A 391 24.16 15.84 14.95
C PHE A 391 23.47 14.61 15.52
N ARG A 392 23.50 13.50 14.80
CA ARG A 392 22.80 12.32 15.26
C ARG A 392 23.44 11.76 16.52
N GLU A 393 24.76 11.89 16.62
CA GLU A 393 25.47 11.43 17.81
C GLU A 393 25.25 12.36 18.99
N ALA A 394 25.00 13.62 18.71
CA ALA A 394 24.61 14.55 19.75
C ALA A 394 23.35 14.01 20.42
N LEU A 395 22.52 13.34 19.63
CA LEU A 395 21.29 12.75 20.15
C LEU A 395 21.60 11.47 20.90
N ARG A 396 22.34 10.56 20.27
CA ARG A 396 22.73 9.31 20.90
C ARG A 396 23.28 9.55 22.30
N LYS A 397 24.09 10.60 22.44
CA LYS A 397 24.68 10.95 23.72
C LYS A 397 23.64 11.51 24.69
N ALA A 398 22.70 12.29 24.16
CA ALA A 398 21.63 12.85 24.98
C ALA A 398 20.78 11.72 25.56
N LYS A 399 20.28 10.86 24.67
CA LYS A 399 19.50 9.71 25.07
C LYS A 399 20.28 8.87 26.08
N GLU A 400 21.53 8.59 25.75
CA GLU A 400 22.42 7.79 26.62
C GLU A 400 22.57 8.40 28.01
N GLU A 401 22.55 9.73 28.08
CA GLU A 401 22.63 10.41 29.37
C GLU A 401 21.29 10.39 30.09
N GLY A 402 20.27 9.86 29.41
CA GLY A 402 18.98 9.65 30.03
C GLY A 402 17.84 10.51 29.51
N VAL A 403 18.09 11.34 28.49
CA VAL A 403 17.05 12.21 27.95
C VAL A 403 15.94 11.37 27.33
N GLN A 404 14.70 11.83 27.50
CA GLN A 404 13.54 11.06 27.05
C GLN A 404 12.72 11.77 25.97
N ALA A 405 12.75 13.09 25.98
CA ALA A 405 12.05 13.85 24.96
C ALA A 405 12.71 15.22 24.76
N VAL A 406 12.51 15.82 23.61
CA VAL A 406 13.15 17.10 23.32
C VAL A 406 12.18 18.16 22.79
N LEU A 407 12.28 19.35 23.36
CA LEU A 407 11.50 20.50 22.93
C LEU A 407 12.28 21.26 21.85
N VAL A 408 11.62 21.55 20.74
CA VAL A 408 12.30 22.20 19.62
C VAL A 408 11.80 23.63 19.40
N LEU A 409 12.59 24.61 19.81
CA LEU A 409 12.27 26.01 19.56
C LEU A 409 12.75 26.43 18.18
N THR A 410 11.83 26.57 17.25
CA THR A 410 12.19 26.92 15.88
C THR A 410 11.12 27.74 15.21
N PRO A 411 11.53 28.79 14.49
CA PRO A 411 10.58 29.54 13.66
C PRO A 411 9.79 28.58 12.80
N PRO A 412 8.54 28.93 12.45
CA PRO A 412 7.68 28.03 11.68
C PRO A 412 8.47 27.32 10.58
N MET A 413 8.50 25.99 10.65
CA MET A 413 9.21 25.18 9.66
C MET A 413 8.30 24.83 8.50
N ALA A 414 8.88 24.17 7.49
CA ALA A 414 8.09 23.67 6.36
C ALA A 414 7.68 22.23 6.63
N TRP A 415 6.57 21.80 6.03
CA TRP A 415 6.09 20.43 6.22
C TRP A 415 7.21 19.42 5.99
N GLU A 416 7.96 19.61 4.92
CA GLU A 416 9.01 18.67 4.57
C GLU A 416 10.16 18.66 5.59
N ASP A 417 10.62 19.84 5.99
CA ASP A 417 11.70 19.96 6.97
C ASP A 417 11.24 19.46 8.32
N ARG A 418 9.96 19.68 8.61
CA ARG A 418 9.35 19.24 9.85
C ARG A 418 9.41 17.73 10.00
N ASN A 419 8.85 17.03 9.02
CA ASN A 419 8.83 15.57 9.10
C ASN A 419 10.23 14.97 9.18
N ARG A 420 11.18 15.56 8.44
CA ARG A 420 12.55 15.07 8.44
C ARG A 420 13.13 15.04 9.85
N LEU A 421 13.04 16.19 10.52
CA LEU A 421 13.56 16.34 11.87
C LEU A 421 12.83 15.44 12.88
N LYS A 422 11.50 15.44 12.78
CA LYS A 422 10.69 14.54 13.60
C LYS A 422 11.15 13.09 13.42
N ALA A 423 11.25 12.67 12.17
CA ALA A 423 11.60 11.29 11.84
C ALA A 423 13.02 10.95 12.29
N LEU A 424 13.92 11.92 12.17
CA LEU A 424 15.31 11.72 12.57
C LEU A 424 15.43 11.43 14.07
N LEU A 425 14.83 12.29 14.89
CA LEU A 425 14.89 12.09 16.34
C LEU A 425 14.24 10.76 16.73
N LEU A 426 13.08 10.46 16.14
CA LEU A 426 12.42 9.19 16.39
C LEU A 426 13.35 8.01 16.14
N ARG A 427 14.21 8.14 15.13
CA ARG A 427 15.15 7.07 14.81
C ARG A 427 16.17 6.91 15.93
N GLU A 428 16.20 7.88 16.84
CA GLU A 428 17.06 7.81 18.02
C GLU A 428 16.26 7.55 19.29
N GLY A 429 14.94 7.39 19.14
CA GLY A 429 14.08 7.10 20.26
C GLY A 429 13.69 8.33 21.06
N LEU A 430 13.71 9.47 20.40
CA LEU A 430 13.38 10.74 21.06
C LEU A 430 12.22 11.46 20.40
N PRO A 431 11.01 11.30 20.95
CA PRO A 431 9.87 12.12 20.53
C PRO A 431 10.22 13.60 20.67
N SER A 432 9.52 14.45 19.93
CA SER A 432 9.85 15.86 19.92
C SER A 432 8.60 16.73 19.85
N GLN A 433 8.56 17.76 20.68
CA GLN A 433 7.45 18.71 20.67
C GLN A 433 7.92 20.07 20.17
N ILE A 434 7.40 20.48 19.03
CA ILE A 434 7.83 21.72 18.39
C ILE A 434 7.08 22.93 18.95
N LEU A 435 7.81 24.02 19.11
CA LEU A 435 7.26 25.26 19.61
C LEU A 435 7.89 26.42 18.87
N ASN A 436 7.05 27.32 18.36
CA ASN A 436 7.52 28.41 17.50
C ASN A 436 8.20 29.54 18.27
N VAL A 437 9.43 29.84 17.87
CA VAL A 437 10.32 30.73 18.61
C VAL A 437 9.75 32.09 18.95
N PRO A 438 8.96 32.68 18.03
CA PRO A 438 8.32 33.94 18.44
C PRO A 438 7.40 33.73 19.65
N LEU A 439 7.98 33.53 20.84
CA LEU A 439 7.23 33.19 22.04
C LEU A 439 7.32 34.29 23.11
N ARG A 440 6.25 34.47 23.88
CA ARG A 440 6.21 35.44 24.97
C ARG A 440 5.54 34.87 26.24
N GLU A 441 6.08 35.22 27.41
CA GLU A 441 5.55 34.72 28.68
C GLU A 441 4.03 34.72 28.74
N GLU A 442 3.43 35.81 28.29
CA GLU A 442 1.99 35.99 28.38
C GLU A 442 1.21 35.24 27.30
N GLU A 443 1.86 34.26 26.68
CA GLU A 443 1.18 33.39 25.72
C GLU A 443 0.84 32.07 26.40
N ARG A 444 0.32 32.17 27.62
CA ARG A 444 0.12 31.02 28.50
C ARG A 444 -0.33 29.75 27.78
N HIS A 445 -1.53 29.78 27.22
CA HIS A 445 -2.10 28.61 26.58
C HIS A 445 -1.10 27.98 25.62
N ARG A 446 -0.47 28.80 24.80
CA ARG A 446 0.51 28.34 23.84
C ARG A 446 1.49 27.35 24.44
N TRP A 447 2.40 27.86 25.28
CA TRP A 447 3.51 27.06 25.81
C TRP A 447 3.10 26.12 26.95
N GLU A 448 1.97 26.41 27.58
CA GLU A 448 1.45 25.53 28.62
C GLU A 448 1.01 24.23 27.96
N ASN A 449 0.45 24.35 26.77
CA ASN A 449 0.10 23.17 25.96
C ASN A 449 1.34 22.51 25.39
N ALA A 450 2.32 23.31 25.01
CA ALA A 450 3.58 22.79 24.51
C ALA A 450 4.20 21.85 25.52
N LEU A 451 4.14 22.25 26.80
CA LEU A 451 4.67 21.45 27.90
C LEU A 451 3.90 20.14 28.09
N LEU A 452 2.59 20.24 28.13
CA LEU A 452 1.74 19.06 28.26
C LEU A 452 2.04 18.06 27.15
N GLY A 453 2.20 18.58 25.94
CA GLY A 453 2.53 17.77 24.79
C GLY A 453 3.90 17.14 24.89
N LEU A 454 4.85 17.88 25.44
CA LEU A 454 6.19 17.36 25.65
C LEU A 454 6.12 16.22 26.64
N LEU A 455 5.45 16.48 27.76
CA LEU A 455 5.38 15.55 28.87
C LEU A 455 4.67 14.25 28.54
N ALA A 456 3.58 14.35 27.77
CA ALA A 456 2.91 13.17 27.25
C ALA A 456 3.88 12.35 26.41
N LYS A 457 4.68 13.04 25.59
CA LYS A 457 5.66 12.38 24.72
C LYS A 457 6.82 11.79 25.51
N ALA A 458 7.09 12.37 26.67
CA ALA A 458 8.15 11.87 27.55
C ALA A 458 7.77 10.52 28.15
N GLY A 459 6.48 10.31 28.37
CA GLY A 459 6.00 9.06 28.93
C GLY A 459 5.33 9.25 30.28
N LEU A 460 5.02 10.49 30.62
CA LEU A 460 4.33 10.79 31.87
C LEU A 460 2.81 10.72 31.70
N GLN A 461 2.15 10.27 32.76
CA GLN A 461 0.69 10.30 32.81
C GLN A 461 0.26 11.59 33.49
N VAL A 462 -0.12 12.57 32.69
CA VAL A 462 -0.52 13.88 33.20
C VAL A 462 -1.73 13.78 34.13
N VAL A 463 -2.83 13.23 33.61
CA VAL A 463 -4.06 13.04 34.38
C VAL A 463 -4.62 11.64 34.18
N ALA A 464 -5.52 11.23 35.09
CA ALA A 464 -6.20 9.94 34.98
C ALA A 464 -7.65 10.07 35.45
N LEU A 465 -8.40 8.97 35.39
CA LEU A 465 -9.81 9.02 35.76
C LEU A 465 -10.15 8.28 37.05
N SER A 466 -10.84 8.98 37.94
CA SER A 466 -11.34 8.39 39.18
C SER A 466 -12.79 7.96 39.00
N GLY A 467 -13.04 6.66 39.05
CA GLY A 467 -14.39 6.16 38.91
C GLY A 467 -14.50 4.68 38.56
N ALA A 468 -15.75 4.21 38.51
CA ALA A 468 -16.04 2.81 38.23
C ALA A 468 -16.60 2.64 36.82
N TYR A 469 -15.90 1.86 36.00
CA TYR A 469 -16.28 1.68 34.61
C TYR A 469 -16.38 0.20 34.25
N PRO A 470 -17.36 -0.16 33.41
CA PRO A 470 -17.65 -1.54 33.03
C PRO A 470 -16.45 -2.25 32.43
N ALA A 471 -15.63 -1.51 31.68
CA ALA A 471 -14.47 -2.09 31.01
C ALA A 471 -13.17 -1.60 31.64
N GLU A 472 -12.20 -2.51 31.74
CA GLU A 472 -10.90 -2.18 32.31
C GLU A 472 -9.92 -1.74 31.25
N LEU A 473 -10.15 -2.19 30.03
CA LEU A 473 -9.31 -1.85 28.91
C LEU A 473 -10.16 -1.16 27.83
N ALA A 474 -9.65 -0.07 27.27
CA ALA A 474 -10.33 0.57 26.16
C ALA A 474 -9.37 0.77 24.99
N VAL A 475 -9.67 0.15 23.86
CA VAL A 475 -8.83 0.30 22.67
C VAL A 475 -9.62 0.91 21.52
N GLY A 476 -8.93 1.71 20.71
CA GLY A 476 -9.54 2.33 19.55
C GLY A 476 -8.78 1.98 18.28
N PHE A 477 -9.51 1.77 17.19
CA PHE A 477 -8.91 1.42 15.90
C PHE A 477 -9.22 2.48 14.85
N ASP A 478 -8.25 2.91 14.06
CA ASP A 478 -8.50 3.75 12.89
C ASP A 478 -7.68 3.25 11.70
N ALA A 479 -7.54 4.08 10.65
CA ALA A 479 -6.83 3.73 9.41
C ALA A 479 -6.11 4.93 8.80
N GLY A 480 -4.90 4.69 8.30
CA GLY A 480 -4.01 5.73 7.81
C GLY A 480 -4.58 6.59 6.70
N GLY A 481 -3.71 7.30 5.97
CA GLY A 481 -4.16 8.15 4.88
C GLY A 481 -3.12 8.38 3.82
N ARG A 482 -3.36 9.39 3.00
CA ARG A 482 -2.46 9.68 1.92
C ARG A 482 -2.40 8.53 0.93
N GLU A 483 -1.19 8.00 0.77
CA GLU A 483 -0.84 7.18 -0.37
C GLU A 483 -1.61 5.88 -0.56
N SER A 484 -1.42 5.22 -1.67
CA SER A 484 -2.44 4.41 -2.23
C SER A 484 -2.90 3.47 -1.13
N PHE A 485 -2.06 3.31 -0.13
CA PHE A 485 -2.23 2.32 0.91
C PHE A 485 -2.29 3.03 2.26
N ARG A 486 -2.87 2.38 3.25
CA ARG A 486 -3.05 3.00 4.56
C ARG A 486 -2.39 2.17 5.66
N PHE A 487 -2.45 2.68 6.88
CA PHE A 487 -1.92 1.97 8.03
C PHE A 487 -3.02 1.70 9.05
N GLY A 488 -3.36 0.44 9.25
CA GLY A 488 -4.29 0.07 10.30
C GLY A 488 -3.59 0.13 11.63
N GLY A 489 -4.19 0.83 12.60
CA GLY A 489 -3.54 1.01 13.89
C GLY A 489 -4.51 1.13 15.06
N ALA A 490 -4.01 0.79 16.26
CA ALA A 490 -4.81 0.81 17.48
C ALA A 490 -4.00 1.32 18.67
N ALA A 491 -4.67 1.73 19.74
CA ALA A 491 -3.98 2.14 20.96
C ALA A 491 -4.78 1.94 22.25
N CYS A 492 -4.19 1.18 23.18
CA CYS A 492 -4.86 0.77 24.42
C CYS A 492 -4.98 1.89 25.43
N ALA A 493 -5.72 1.61 26.51
CA ALA A 493 -5.72 2.43 27.71
C ALA A 493 -5.85 1.54 28.95
N VAL A 494 -4.71 1.20 29.53
CA VAL A 494 -4.63 0.25 30.63
C VAL A 494 -5.36 0.70 31.88
N GLY A 495 -6.24 -0.17 32.38
CA GLY A 495 -6.99 0.07 33.60
C GLY A 495 -7.96 1.23 33.51
N GLY A 496 -9.08 1.14 34.22
CA GLY A 496 -10.04 2.24 34.26
C GLY A 496 -9.42 3.48 34.89
N HIS A 500 -2.66 4.50 32.47
CA HIS A 500 -1.73 4.96 31.45
C HIS A 500 -2.15 4.53 30.05
N LEU A 501 -1.75 5.32 29.06
CA LEU A 501 -2.09 5.08 27.66
C LEU A 501 -0.87 4.62 26.90
N LEU A 502 -1.07 3.84 25.84
CA LEU A 502 0.04 3.38 25.01
C LEU A 502 -0.40 2.97 23.61
N TRP A 503 0.56 2.94 22.68
CA TRP A 503 0.28 2.61 21.29
C TRP A 503 1.00 1.35 20.85
N THR A 504 0.56 0.77 19.74
CA THR A 504 1.18 -0.43 19.20
C THR A 504 1.74 -0.18 17.80
N LEU A 505 2.56 -1.12 17.32
CA LEU A 505 3.14 -1.00 15.99
C LEU A 505 2.06 -1.24 14.93
N PRO A 506 1.79 -0.22 14.09
CA PRO A 506 0.74 -0.28 13.06
C PRO A 506 1.05 -1.26 11.96
N GLU A 507 0.06 -1.51 11.12
CA GLU A 507 0.21 -2.44 10.02
C GLU A 507 -0.31 -1.85 8.73
N ALA A 508 0.55 -1.76 7.73
CA ALA A 508 0.17 -1.20 6.45
C ALA A 508 -0.80 -2.13 5.71
N GLN A 509 -1.90 -1.54 5.23
CA GLN A 509 -2.94 -2.31 4.53
C GLN A 509 -3.37 -1.63 3.24
N ALA A 510 -4.19 -2.34 2.46
CA ALA A 510 -4.57 -1.90 1.12
C ALA A 510 -5.63 -0.79 1.11
N GLY A 511 -6.66 -0.93 1.93
CA GLY A 511 -7.74 0.05 1.99
C GLY A 511 -8.12 0.50 3.39
N GLU A 512 -9.42 0.62 3.65
CA GLU A 512 -9.91 1.05 4.95
C GLU A 512 -10.28 -0.14 5.83
N ARG A 513 -10.68 -1.22 5.20
CA ARG A 513 -10.96 -2.44 5.93
C ARG A 513 -9.65 -2.93 6.55
N ILE A 514 -9.67 -3.20 7.85
CA ILE A 514 -8.51 -3.72 8.54
C ILE A 514 -8.56 -5.25 8.54
N PRO A 515 -7.53 -5.90 7.98
CA PRO A 515 -7.49 -7.36 7.92
C PRO A 515 -7.95 -7.98 9.23
N GLN A 516 -8.63 -9.11 9.14
CA GLN A 516 -9.30 -9.68 10.29
C GLN A 516 -8.33 -10.14 11.38
N GLU A 517 -7.16 -10.63 10.96
CA GLU A 517 -6.17 -11.11 11.91
C GLU A 517 -5.24 -9.98 12.34
N VAL A 518 -5.25 -8.89 11.59
CA VAL A 518 -4.53 -7.69 11.99
C VAL A 518 -5.24 -7.02 13.16
N VAL A 519 -6.57 -7.00 13.12
CA VAL A 519 -7.33 -6.47 14.24
C VAL A 519 -7.00 -7.29 15.48
N TRP A 520 -7.08 -8.60 15.34
CA TRP A 520 -6.85 -9.50 16.47
C TRP A 520 -5.46 -9.30 17.10
N ASP A 521 -4.42 -9.38 16.29
CA ASP A 521 -3.03 -9.21 16.74
C ASP A 521 -2.80 -7.87 17.40
N LEU A 522 -3.36 -6.82 16.80
CA LEU A 522 -3.31 -5.49 17.39
C LEU A 522 -3.98 -5.54 18.77
N LEU A 523 -5.14 -6.19 18.84
CA LEU A 523 -5.86 -6.27 20.10
C LEU A 523 -5.07 -7.07 21.12
N GLU A 524 -4.56 -8.23 20.69
CA GLU A 524 -3.80 -9.10 21.57
C GLU A 524 -2.70 -8.32 22.27
N GLU A 525 -2.05 -7.43 21.53
CA GLU A 525 -1.00 -6.59 22.08
C GLU A 525 -1.47 -5.76 23.26
N THR A 526 -2.68 -5.23 23.18
CA THR A 526 -3.24 -4.41 24.26
C THR A 526 -3.65 -5.26 25.46
N LEU A 527 -4.15 -6.47 25.20
CA LEU A 527 -4.43 -7.41 26.26
C LEU A 527 -3.15 -7.65 27.04
N TRP A 528 -2.11 -7.96 26.30
CA TRP A 528 -0.84 -8.31 26.91
C TRP A 528 -0.20 -7.08 27.55
N ALA A 529 -0.52 -5.90 27.06
CA ALA A 529 -0.02 -4.66 27.65
C ALA A 529 -0.65 -4.48 29.02
N PHE A 530 -1.95 -4.70 29.07
CA PHE A 530 -2.71 -4.64 30.31
C PHE A 530 -2.16 -5.66 31.30
N ARG A 531 -1.94 -6.88 30.80
CA ARG A 531 -1.38 -7.95 31.63
C ARG A 531 -0.08 -7.51 32.25
N ARG A 532 0.73 -6.76 31.50
CA ARG A 532 2.01 -6.31 32.02
C ARG A 532 1.84 -5.30 33.14
N LYS A 533 0.84 -4.43 33.01
CA LYS A 533 0.59 -3.39 34.02
C LYS A 533 -0.09 -3.95 35.25
N ALA A 534 -1.24 -4.58 35.07
CA ALA A 534 -1.87 -5.33 36.15
C ALA A 534 -1.16 -6.67 36.26
N GLY A 535 -1.75 -7.63 36.94
CA GLY A 535 -1.14 -8.94 37.06
C GLY A 535 -2.07 -10.00 36.50
N ARG A 536 -2.89 -9.59 35.54
CA ARG A 536 -4.02 -10.41 35.10
C ARG A 536 -4.64 -9.90 33.81
N LEU A 537 -5.12 -10.83 32.99
CA LEU A 537 -5.90 -10.46 31.82
C LEU A 537 -7.15 -9.71 32.25
N PRO A 538 -7.60 -8.77 31.41
CA PRO A 538 -8.78 -7.95 31.71
C PRO A 538 -10.04 -8.82 31.79
N SER A 539 -11.06 -8.33 32.50
CA SER A 539 -12.35 -9.00 32.57
C SER A 539 -13.19 -8.62 31.37
N ARG A 540 -13.16 -7.33 31.04
CA ARG A 540 -14.01 -6.77 29.99
C ARG A 540 -13.25 -5.69 29.22
N VAL A 541 -13.42 -5.68 27.90
CA VAL A 541 -12.78 -4.67 27.06
C VAL A 541 -13.75 -3.86 26.22
N LEU A 542 -13.47 -2.57 26.10
CA LEU A 542 -14.28 -1.66 25.30
C LEU A 542 -13.60 -1.40 23.96
N LEU A 543 -14.19 -1.90 22.88
CA LEU A 543 -13.61 -1.75 21.55
C LEU A 543 -14.29 -0.66 20.76
N LEU A 544 -13.51 0.34 20.37
CA LEU A 544 -14.05 1.49 19.67
C LEU A 544 -13.47 1.61 18.28
N ARG A 545 -14.34 1.45 17.27
CA ARG A 545 -13.90 1.56 15.89
C ARG A 545 -14.33 2.90 15.30
N ASP A 546 -13.35 3.60 14.63
CA ASP A 546 -13.66 4.90 14.03
C ASP A 546 -14.45 4.74 12.73
N GLY A 547 -15.66 5.30 12.71
CA GLY A 547 -16.50 5.22 11.53
C GLY A 547 -17.15 3.86 11.41
N ARG A 548 -17.74 3.56 10.26
CA ARG A 548 -18.44 2.30 10.08
C ARG A 548 -17.49 1.10 10.15
N VAL A 549 -17.95 -0.01 10.71
CA VAL A 549 -17.13 -1.21 10.88
C VAL A 549 -17.41 -2.29 9.83
N PRO A 550 -16.63 -2.29 8.73
CA PRO A 550 -16.80 -3.22 7.60
C PRO A 550 -17.19 -4.63 8.01
N GLN A 551 -18.15 -5.21 7.31
CA GLN A 551 -18.72 -6.51 7.67
C GLN A 551 -17.68 -7.53 8.05
N ASP A 552 -17.70 -7.95 9.31
CA ASP A 552 -16.88 -9.06 9.79
C ASP A 552 -15.40 -8.72 9.95
N GLU A 553 -15.05 -7.45 10.08
CA GLU A 553 -13.65 -7.10 10.29
C GLU A 553 -13.24 -7.34 11.74
N PHE A 554 -14.23 -7.62 12.59
CA PHE A 554 -13.97 -7.95 13.98
C PHE A 554 -14.38 -9.37 14.31
N ALA A 555 -14.57 -10.17 13.28
CA ALA A 555 -15.00 -11.56 13.46
C ALA A 555 -13.98 -12.31 14.30
N LEU A 556 -12.78 -12.45 13.75
CA LEU A 556 -11.71 -13.20 14.37
C LEU A 556 -11.37 -12.64 15.75
N ALA A 557 -11.47 -11.32 15.87
CA ALA A 557 -11.16 -10.66 17.14
C ALA A 557 -12.09 -11.09 18.26
N LEU A 558 -13.39 -10.95 18.04
CA LEU A 558 -14.39 -11.24 19.07
C LEU A 558 -14.45 -12.72 19.41
N GLU A 559 -14.24 -13.57 18.41
CA GLU A 559 -14.08 -15.01 18.61
C GLU A 559 -13.09 -15.31 19.73
N ALA A 560 -11.89 -14.76 19.60
CA ALA A 560 -10.81 -15.02 20.54
C ALA A 560 -11.15 -14.56 21.95
N LEU A 561 -11.48 -13.30 22.09
CA LEU A 561 -11.91 -12.76 23.38
C LEU A 561 -12.89 -13.71 24.07
N ALA A 562 -13.82 -14.24 23.30
CA ALA A 562 -14.79 -15.21 23.82
C ALA A 562 -14.06 -16.37 24.49
N ARG A 563 -13.31 -17.13 23.67
CA ARG A 563 -12.53 -18.26 24.18
C ARG A 563 -11.73 -17.86 25.42
N GLU A 564 -10.91 -16.84 25.30
CA GLU A 564 -10.03 -16.44 26.41
C GLU A 564 -10.83 -15.98 27.64
N GLY A 565 -12.15 -16.04 27.53
CA GLY A 565 -13.01 -15.83 28.68
C GLY A 565 -13.16 -14.37 29.08
N ILE A 566 -12.65 -13.49 28.24
CA ILE A 566 -12.76 -12.07 28.50
C ILE A 566 -13.94 -11.48 27.69
N ALA A 567 -14.81 -10.74 28.36
CA ALA A 567 -16.01 -10.19 27.72
C ALA A 567 -15.75 -8.86 27.01
N TYR A 568 -16.65 -8.46 26.13
CA TYR A 568 -16.37 -7.33 25.23
C TYR A 568 -17.56 -6.47 24.84
N ASP A 569 -17.26 -5.35 24.18
CA ASP A 569 -18.25 -4.48 23.58
C ASP A 569 -17.66 -3.72 22.40
N LEU A 570 -18.28 -3.89 21.24
CA LEU A 570 -17.84 -3.21 20.04
C LEU A 570 -18.75 -2.02 19.82
N VAL A 571 -18.19 -0.92 19.33
CA VAL A 571 -18.97 0.30 19.13
C VAL A 571 -18.48 1.16 17.97
N SER A 572 -19.33 1.34 16.95
CA SER A 572 -19.04 2.29 15.89
C SER A 572 -19.13 3.71 16.40
N VAL A 573 -18.02 4.43 16.37
CA VAL A 573 -18.04 5.85 16.69
C VAL A 573 -18.01 6.66 15.41
N ARG A 574 -19.13 7.29 15.09
CA ARG A 574 -19.27 8.03 13.85
C ARG A 574 -19.38 9.52 14.11
N LYS A 575 -18.52 10.29 13.47
CA LYS A 575 -18.53 11.72 13.65
C LYS A 575 -19.58 12.35 12.75
N SER A 576 -19.61 11.90 11.50
CA SER A 576 -20.64 12.35 10.57
C SER A 576 -21.90 11.51 10.73
N GLY A 577 -23.05 12.14 10.62
CA GLY A 577 -24.30 11.41 10.64
C GLY A 577 -25.06 11.52 11.95
N GLY A 578 -24.50 12.27 12.89
CA GLY A 578 -25.17 12.50 14.16
C GLY A 578 -26.18 13.62 14.05
N GLY A 579 -26.33 14.17 12.85
CA GLY A 579 -27.24 15.27 12.62
C GLY A 579 -27.07 16.38 13.66
N ARG A 580 -28.15 17.10 13.92
CA ARG A 580 -28.14 18.17 14.91
C ARG A 580 -29.02 17.79 16.09
N VAL A 581 -28.98 18.59 17.15
CA VAL A 581 -29.83 18.37 18.32
C VAL A 581 -30.04 19.67 19.08
N TYR A 582 -31.29 20.14 19.10
CA TYR A 582 -31.60 21.42 19.74
C TYR A 582 -32.52 21.22 20.93
N PRO A 583 -32.34 22.04 21.97
CA PRO A 583 -33.11 21.96 23.21
C PRO A 583 -34.52 22.51 23.00
N VAL A 584 -35.50 21.93 23.66
CA VAL A 584 -36.87 22.44 23.58
C VAL A 584 -36.90 23.89 24.09
N GLN A 585 -36.18 24.14 25.18
CA GLN A 585 -36.01 25.49 25.68
C GLN A 585 -34.90 25.54 26.73
N GLY A 586 -34.19 26.66 26.79
CA GLY A 586 -33.10 26.82 27.72
C GLY A 586 -31.77 26.54 27.08
N ARG A 587 -30.74 26.40 27.91
CA ARG A 587 -29.39 26.12 27.42
C ARG A 587 -29.25 24.66 27.01
N LEU A 588 -28.30 24.39 26.12
CA LEU A 588 -27.95 23.03 25.77
C LEU A 588 -26.86 22.53 26.72
N ALA A 589 -27.17 21.52 27.50
CA ALA A 589 -26.25 21.01 28.52
C ALA A 589 -25.13 20.17 27.91
N ASP A 590 -23.96 20.19 28.56
CA ASP A 590 -22.80 19.45 28.06
C ASP A 590 -22.80 17.99 28.52
N GLY A 591 -22.78 17.08 27.57
CA GLY A 591 -22.70 15.66 27.88
C GLY A 591 -24.04 14.96 27.85
N LEU A 592 -24.82 15.24 26.81
CA LEU A 592 -26.15 14.67 26.68
C LEU A 592 -26.12 13.27 26.13
N TYR A 593 -26.84 12.36 26.77
CA TYR A 593 -26.99 11.01 26.28
C TYR A 593 -28.37 10.88 25.63
N VAL A 594 -28.41 10.84 24.30
CA VAL A 594 -29.68 10.80 23.59
C VAL A 594 -29.93 9.46 22.92
N PRO A 595 -30.58 8.54 23.65
CA PRO A 595 -30.85 7.23 23.03
C PRO A 595 -31.77 7.37 21.85
N LEU A 596 -31.43 6.68 20.78
CA LEU A 596 -32.27 6.58 19.61
C LEU A 596 -32.67 5.15 19.48
N GLU A 597 -32.81 4.71 18.26
CA GLU A 597 -33.34 3.36 18.04
C GLU A 597 -32.71 2.36 19.01
N ASP A 598 -32.81 1.08 18.69
CA ASP A 598 -32.22 0.04 19.51
C ASP A 598 -30.72 -0.07 19.25
N LYS A 599 -29.93 -0.18 20.31
CA LYS A 599 -28.49 -0.29 20.18
C LYS A 599 -27.91 0.79 19.27
N THR A 600 -28.26 2.04 19.57
CA THR A 600 -27.76 3.20 18.86
C THR A 600 -28.24 4.47 19.55
N PHE A 601 -27.31 5.41 19.78
CA PHE A 601 -27.62 6.61 20.54
C PHE A 601 -26.72 7.75 20.10
N LEU A 602 -26.95 8.93 20.67
CA LEU A 602 -26.13 10.10 20.34
C LEU A 602 -25.28 10.52 21.53
N LEU A 603 -24.45 11.52 21.31
CA LEU A 603 -23.74 12.15 22.39
C LEU A 603 -23.30 13.53 21.96
N LEU A 604 -23.64 14.54 22.72
CA LEU A 604 -23.08 15.88 22.54
C LEU A 604 -21.98 16.13 23.57
N THR A 605 -20.80 15.59 23.29
CA THR A 605 -19.72 15.51 24.26
C THR A 605 -18.96 16.82 24.52
N VAL A 606 -19.32 17.88 23.80
CA VAL A 606 -18.53 19.11 23.89
C VAL A 606 -19.35 20.39 23.88
N HIS A 607 -18.75 21.45 24.41
CA HIS A 607 -19.33 22.79 24.36
C HIS A 607 -18.23 23.83 24.53
N ARG A 611 -19.21 28.12 19.96
CA ARG A 611 -19.37 29.24 19.05
C ARG A 611 -20.37 28.94 17.93
N GLY A 612 -20.19 27.80 17.26
CA GLY A 612 -21.10 27.41 16.19
C GLY A 612 -22.23 26.50 16.67
N THR A 613 -22.52 25.45 15.91
CA THR A 613 -23.53 24.47 16.30
C THR A 613 -22.93 23.08 16.40
N PRO A 614 -22.98 22.48 17.60
CA PRO A 614 -22.38 21.17 17.91
C PRO A 614 -22.82 20.06 16.96
N ARG A 615 -21.86 19.21 16.59
CA ARG A 615 -22.12 18.04 15.77
C ARG A 615 -22.00 16.80 16.64
N PRO A 616 -23.13 16.29 17.15
CA PRO A 616 -23.18 15.11 18.02
C PRO A 616 -22.53 13.87 17.39
N LEU A 617 -21.84 13.07 18.20
CA LEU A 617 -21.35 11.78 17.75
C LEU A 617 -22.51 10.80 17.73
N LYS A 618 -22.52 9.92 16.75
CA LYS A 618 -23.54 8.88 16.68
C LYS A 618 -22.87 7.51 16.87
N LEU A 619 -23.11 6.91 18.03
CA LEU A 619 -22.50 5.65 18.38
C LEU A 619 -23.44 4.50 18.08
N VAL A 620 -22.88 3.34 17.75
CA VAL A 620 -23.69 2.17 17.43
C VAL A 620 -23.11 0.90 18.06
N HIS A 621 -23.84 0.34 19.02
CA HIS A 621 -23.43 -0.87 19.73
C HIS A 621 -23.43 -2.05 18.76
N GLU A 622 -22.25 -2.47 18.34
CA GLU A 622 -22.15 -3.49 17.30
C GLU A 622 -22.13 -4.92 17.86
N ALA A 623 -21.82 -5.06 19.15
CA ALA A 623 -21.82 -6.36 19.82
C ALA A 623 -21.49 -6.22 21.31
N GLY A 624 -22.05 -7.11 22.12
CA GLY A 624 -21.92 -7.02 23.57
C GLY A 624 -23.28 -6.87 24.23
N ASP A 625 -23.30 -6.89 25.55
CA ASP A 625 -24.55 -6.87 26.30
C ASP A 625 -24.60 -5.76 27.34
N THR A 626 -23.73 -4.76 27.18
CA THR A 626 -23.73 -3.64 28.10
C THR A 626 -24.90 -2.71 27.77
N PRO A 627 -25.52 -2.15 28.82
CA PRO A 627 -26.58 -1.14 28.67
C PRO A 627 -26.03 0.11 27.99
N LEU A 628 -26.74 0.63 27.00
CA LEU A 628 -26.26 1.80 26.27
C LEU A 628 -25.93 2.95 27.22
N GLU A 629 -26.74 3.11 28.26
CA GLU A 629 -26.52 4.14 29.26
C GLU A 629 -25.11 4.03 29.85
N ALA A 630 -24.65 2.79 30.02
CA ALA A 630 -23.36 2.50 30.63
C ALA A 630 -22.21 2.80 29.70
N LEU A 631 -22.34 2.38 28.45
CA LEU A 631 -21.35 2.70 27.44
C LEU A 631 -21.21 4.22 27.31
N ALA A 632 -22.31 4.88 26.95
CA ALA A 632 -22.31 6.32 26.82
C ALA A 632 -21.55 6.97 27.96
N HIS A 633 -21.84 6.56 29.20
CA HIS A 633 -21.13 7.06 30.36
C HIS A 633 -19.60 6.95 30.18
N GLN A 634 -19.10 5.73 30.02
CA GLN A 634 -17.67 5.53 29.87
C GLN A 634 -17.11 6.35 28.71
N ILE A 635 -17.68 6.17 27.53
CA ILE A 635 -17.23 6.91 26.34
C ILE A 635 -17.08 8.39 26.65
N PHE A 636 -18.11 8.98 27.25
CA PHE A 636 -18.08 10.40 27.57
C PHE A 636 -16.93 10.72 28.51
N HIS A 637 -16.69 9.84 29.48
CA HIS A 637 -15.61 10.07 30.44
C HIS A 637 -14.23 10.00 29.81
N LEU A 638 -14.02 9.02 28.94
CA LEU A 638 -12.75 8.87 28.24
C LEU A 638 -12.38 10.15 27.51
N THR A 639 -13.39 10.95 27.20
CA THR A 639 -13.19 12.23 26.54
C THR A 639 -12.16 13.08 27.26
N ARG A 640 -12.23 13.11 28.58
CA ARG A 640 -11.39 14.01 29.38
C ARG A 640 -10.05 13.39 29.77
N LEU A 641 -9.67 12.31 29.09
CA LEU A 641 -8.47 11.59 29.44
C LEU A 641 -7.29 12.05 28.60
N TYR A 642 -7.56 12.89 27.62
CA TYR A 642 -6.55 13.30 26.64
C TYR A 642 -5.55 14.31 27.19
N PRO A 643 -4.27 13.94 27.16
CA PRO A 643 -3.10 14.62 27.75
C PRO A 643 -2.80 16.02 27.18
N ALA A 644 -2.57 16.13 25.88
CA ALA A 644 -2.14 17.39 25.30
C ALA A 644 -3.32 18.30 24.96
N SER A 645 -4.49 17.94 25.48
CA SER A 645 -5.71 18.73 25.28
C SER A 645 -5.60 20.08 25.97
N GLY A 646 -5.18 20.06 27.23
CA GLY A 646 -4.87 21.29 27.97
C GLY A 646 -6.05 22.07 28.51
N PHE A 647 -6.67 22.86 27.65
CA PHE A 647 -7.74 23.77 28.08
C PHE A 647 -9.06 23.44 27.40
N ALA A 648 -9.08 22.32 26.68
CA ALA A 648 -10.25 21.91 25.94
C ALA A 648 -10.15 20.42 25.64
N PHE A 649 -11.27 19.72 25.71
CA PHE A 649 -11.29 18.27 25.52
C PHE A 649 -11.74 17.88 24.13
N PRO A 650 -11.18 16.78 23.60
CA PRO A 650 -11.50 16.28 22.25
C PRO A 650 -12.93 15.76 22.16
N ARG A 651 -13.47 15.72 20.95
CA ARG A 651 -14.88 15.34 20.76
C ARG A 651 -15.11 13.85 20.95
N LEU A 652 -14.15 13.02 20.57
CA LEU A 652 -14.28 11.58 20.77
C LEU A 652 -13.38 11.06 21.88
N PRO A 653 -13.51 9.76 22.21
CA PRO A 653 -12.76 9.12 23.30
C PRO A 653 -11.24 9.17 23.12
N ALA A 654 -10.53 9.25 24.25
CA ALA A 654 -9.08 9.28 24.24
C ALA A 654 -8.47 8.23 23.32
N PRO A 655 -8.83 6.95 23.51
CA PRO A 655 -8.28 5.90 22.63
C PRO A 655 -8.56 6.13 21.15
N LEU A 656 -9.79 6.49 20.78
CA LEU A 656 -10.08 6.73 19.37
C LEU A 656 -9.37 7.95 18.82
N HIS A 657 -9.25 8.99 19.64
CA HIS A 657 -8.56 10.19 19.22
C HIS A 657 -7.07 9.91 19.09
N LEU A 658 -6.54 9.08 19.99
CA LEU A 658 -5.13 8.73 19.95
C LEU A 658 -4.80 7.90 18.72
N ALA A 659 -5.66 6.94 18.40
CA ALA A 659 -5.43 6.08 17.24
C ALA A 659 -5.44 6.91 15.96
N ASP A 660 -6.26 7.94 15.96
CA ASP A 660 -6.33 8.85 14.83
C ASP A 660 -4.94 9.42 14.54
N ARG A 661 -4.40 10.13 15.52
CA ARG A 661 -3.12 10.82 15.36
C ARG A 661 -1.97 9.85 15.04
N LEU A 662 -1.91 8.73 15.76
CA LEU A 662 -0.89 7.73 15.49
C LEU A 662 -0.91 7.41 14.01
N VAL A 663 -2.00 6.78 13.60
CA VAL A 663 -2.27 6.46 12.21
C VAL A 663 -1.89 7.60 11.26
N LYS A 664 -2.25 8.84 11.63
CA LYS A 664 -1.96 10.01 10.81
C LYS A 664 -0.45 10.30 10.65
N GLU A 665 0.28 10.31 11.75
CA GLU A 665 1.72 10.62 11.73
C GLU A 665 2.56 9.50 11.12
N VAL A 666 2.15 8.25 11.33
CA VAL A 666 2.88 7.14 10.74
C VAL A 666 2.77 7.23 9.22
N GLY A 667 1.57 7.52 8.74
CA GLY A 667 1.34 7.62 7.32
C GLY A 667 2.02 8.83 6.76
N ARG A 668 2.16 9.84 7.61
CA ARG A 668 2.76 11.09 7.21
C ARG A 668 4.27 10.99 7.07
N LEU A 669 4.93 10.39 8.06
CA LEU A 669 6.38 10.29 8.02
C LEU A 669 6.95 8.89 8.23
N GLY A 670 6.26 7.88 7.70
CA GLY A 670 6.81 6.55 7.64
C GLY A 670 6.77 5.74 8.92
N ILE A 671 6.76 4.43 8.76
CA ILE A 671 6.74 3.51 9.88
C ILE A 671 8.16 3.10 10.26
N ARG A 672 9.11 3.40 9.38
CA ARG A 672 10.47 2.91 9.55
C ARG A 672 11.18 3.48 10.78
N HIS A 673 10.70 4.61 11.28
CA HIS A 673 11.37 5.32 12.37
C HIS A 673 10.92 4.86 13.76
N LEU A 674 9.71 4.32 13.85
CA LEU A 674 9.12 3.97 15.14
C LEU A 674 9.85 2.81 15.79
N LYS A 675 10.89 2.32 15.14
CA LYS A 675 11.54 1.09 15.60
C LYS A 675 11.99 1.16 17.06
N GLU A 676 12.71 2.21 17.43
CA GLU A 676 13.29 2.30 18.77
C GLU A 676 12.58 3.31 19.66
N VAL A 677 11.24 3.28 19.64
CA VAL A 677 10.43 4.24 20.36
C VAL A 677 9.56 3.53 21.40
N ASP A 678 9.67 3.96 22.66
CA ASP A 678 8.88 3.35 23.73
C ASP A 678 7.40 3.52 23.47
N ARG A 679 6.63 2.45 23.65
CA ARG A 679 5.21 2.50 23.34
C ARG A 679 4.43 3.36 24.30
N GLU A 680 5.02 3.62 25.47
CA GLU A 680 4.36 4.45 26.46
C GLU A 680 4.61 5.93 26.17
N LYS A 681 5.45 6.22 25.19
CA LYS A 681 5.72 7.60 24.77
C LYS A 681 4.83 7.96 23.59
N LEU A 682 4.10 9.07 23.69
CA LEU A 682 3.12 9.43 22.67
C LEU A 682 3.65 10.47 21.69
N PHE A 683 4.48 10.03 20.76
CA PHE A 683 5.17 10.91 19.83
C PHE A 683 4.25 11.64 18.85
N PHE A 684 3.05 11.10 18.62
CA PHE A 684 2.17 11.62 17.57
C PHE A 684 1.32 12.80 18.00
N VAL A 685 1.10 12.95 19.31
CA VAL A 685 0.24 14.00 19.82
C VAL A 685 0.67 15.41 19.36
N LEU B 4 44.13 -12.69 -11.51
CA LEU B 4 43.27 -13.25 -12.56
C LEU B 4 43.78 -14.56 -13.18
N GLY B 5 43.26 -14.87 -14.36
CA GLY B 5 43.65 -16.06 -15.10
C GLY B 5 42.87 -16.21 -16.38
N LYS B 6 43.24 -15.51 -17.43
CA LYS B 6 42.38 -15.31 -18.60
C LYS B 6 41.89 -16.60 -19.21
N THR B 7 40.72 -16.52 -19.82
CA THR B 7 40.09 -17.68 -20.43
C THR B 7 39.10 -17.17 -21.47
N GLU B 8 39.07 -17.80 -22.63
CA GLU B 8 38.15 -17.38 -23.68
C GLU B 8 36.90 -18.25 -23.70
N VAL B 9 35.76 -17.61 -23.95
CA VAL B 9 34.49 -18.31 -24.00
C VAL B 9 33.57 -17.54 -24.93
N PHE B 10 32.56 -18.21 -25.47
CA PHE B 10 31.56 -17.49 -26.25
C PHE B 10 30.21 -17.59 -25.58
N LEU B 11 29.46 -16.49 -25.65
CA LEU B 11 28.14 -16.43 -25.08
C LEU B 11 27.08 -16.69 -26.16
N ASN B 12 25.82 -16.79 -25.75
CA ASN B 12 24.80 -17.20 -26.69
C ASN B 12 24.28 -16.09 -27.52
N ARG B 13 25.20 -15.37 -28.15
CA ARG B 13 24.87 -14.39 -29.18
C ARG B 13 25.55 -14.77 -30.48
N PHE B 14 25.03 -14.26 -31.59
CA PHE B 14 25.55 -14.63 -32.90
C PHE B 14 25.48 -13.42 -33.82
N ALA B 15 26.63 -13.01 -34.33
CA ALA B 15 26.68 -11.88 -35.25
C ALA B 15 26.21 -12.33 -36.62
N LEU B 16 25.34 -11.53 -37.23
CA LEU B 16 24.80 -11.85 -38.55
C LEU B 16 25.21 -10.77 -39.55
N ARG B 17 24.56 -10.77 -40.71
CA ARG B 17 24.98 -9.90 -41.80
C ARG B 17 24.93 -8.42 -41.42
N PRO B 18 25.73 -7.60 -42.11
CA PRO B 18 25.68 -6.15 -41.90
C PRO B 18 24.39 -5.59 -42.46
N LEU B 19 23.85 -4.56 -41.82
CA LEU B 19 22.68 -3.89 -42.35
C LEU B 19 23.00 -3.29 -43.72
N ASN B 20 22.12 -3.55 -44.67
CA ASN B 20 22.25 -3.01 -46.02
C ASN B 20 21.87 -1.54 -46.06
N PRO B 21 22.37 -0.82 -47.07
CA PRO B 21 22.19 0.63 -47.27
C PRO B 21 20.77 1.14 -47.01
N GLU B 22 19.75 0.38 -47.40
CA GLU B 22 18.35 0.81 -47.26
C GLU B 22 17.89 0.74 -45.81
N GLU B 23 18.42 -0.23 -45.09
CA GLU B 23 18.13 -0.43 -43.68
C GLU B 23 18.76 0.68 -42.86
N LEU B 24 19.79 1.33 -43.41
CA LEU B 24 20.46 2.43 -42.73
C LEU B 24 19.84 3.79 -43.06
N ARG B 25 18.78 3.79 -43.86
CA ARG B 25 18.03 5.00 -44.14
C ARG B 25 16.53 4.78 -43.92
N PRO B 26 16.14 4.43 -42.69
CA PRO B 26 14.74 4.14 -42.41
C PRO B 26 13.85 5.26 -42.90
N TRP B 27 12.71 4.91 -43.47
CA TRP B 27 11.72 5.88 -43.89
C TRP B 27 11.09 6.49 -42.65
N ARG B 28 10.98 7.82 -42.63
CA ARG B 28 10.35 8.50 -41.51
C ARG B 28 8.91 8.85 -41.86
N LEU B 29 7.98 8.49 -41.00
CA LEU B 29 6.60 8.90 -41.19
C LEU B 29 6.11 9.69 -39.97
N GLU B 30 5.14 10.56 -40.20
CA GLU B 30 4.53 11.36 -39.14
C GLU B 30 3.13 10.83 -38.84
N VAL B 31 2.62 11.13 -37.64
CA VAL B 31 1.33 10.62 -37.22
C VAL B 31 0.33 11.75 -36.94
N VAL B 32 -0.92 11.56 -37.30
CA VAL B 32 -1.96 12.54 -37.02
C VAL B 32 -3.27 11.88 -36.58
N LEU B 33 -3.34 11.49 -35.31
CA LEU B 33 -4.54 10.86 -34.76
C LEU B 33 -5.58 11.92 -34.36
N ASP B 34 -6.84 11.66 -34.69
CA ASP B 34 -7.93 12.57 -34.33
C ASP B 34 -9.25 11.83 -34.13
N PRO B 35 -9.89 12.02 -32.97
CA PRO B 35 -9.55 12.95 -31.88
C PRO B 35 -8.18 12.69 -31.26
N PRO B 36 -7.42 13.78 -31.01
CA PRO B 36 -6.08 13.70 -30.40
C PRO B 36 -6.12 13.10 -29.00
N PRO B 37 -5.19 12.20 -28.68
CA PRO B 37 -5.08 11.52 -27.38
C PRO B 37 -4.62 12.45 -26.26
N GLY B 38 -5.07 12.17 -25.04
CA GLY B 38 -4.66 12.96 -23.89
C GLY B 38 -3.17 12.93 -23.71
N ARG B 39 -2.62 13.93 -23.02
CA ARG B 39 -1.18 13.98 -22.76
C ARG B 39 -0.73 12.73 -22.00
N GLU B 40 -1.62 11.75 -21.85
CA GLU B 40 -1.32 10.51 -21.14
C GLU B 40 -1.22 9.32 -22.09
N GLU B 41 -2.15 9.20 -23.02
CA GLU B 41 -2.22 8.06 -23.93
C GLU B 41 -1.54 8.31 -25.27
N VAL B 42 -0.24 8.54 -25.24
CA VAL B 42 0.53 8.73 -26.46
C VAL B 42 1.39 7.51 -26.75
N TYR B 43 2.21 7.14 -25.78
CA TYR B 43 3.05 5.96 -25.93
C TYR B 43 2.23 4.70 -26.25
N PRO B 44 1.24 4.38 -25.40
CA PRO B 44 0.48 3.12 -25.55
C PRO B 44 -0.42 3.13 -26.77
N LEU B 45 -0.59 4.30 -27.38
CA LEU B 45 -1.45 4.40 -28.55
C LEU B 45 -0.59 4.52 -29.80
N LEU B 46 0.28 5.51 -29.81
CA LEU B 46 1.21 5.71 -30.90
C LEU B 46 2.02 4.43 -31.15
N ALA B 47 2.05 3.54 -30.17
CA ALA B 47 2.80 2.30 -30.29
C ALA B 47 1.99 1.15 -30.88
N GLN B 48 0.67 1.22 -30.73
CA GLN B 48 -0.18 0.24 -31.42
C GLN B 48 -0.48 0.71 -32.84
N VAL B 49 -0.24 1.98 -33.12
CA VAL B 49 -0.41 2.51 -34.47
C VAL B 49 0.73 2.07 -35.36
N ALA B 50 1.89 1.86 -34.77
CA ALA B 50 3.02 1.28 -35.49
C ALA B 50 2.71 -0.16 -35.89
N ARG B 51 2.09 -0.92 -35.00
CA ARG B 51 1.74 -2.30 -35.29
C ARG B 51 0.64 -2.38 -36.34
N ARG B 52 -0.33 -1.49 -36.25
CA ARG B 52 -1.45 -1.44 -37.19
C ARG B 52 -1.03 -1.00 -38.60
N ALA B 53 -0.03 -0.12 -38.66
CA ALA B 53 0.47 0.39 -39.94
C ALA B 53 0.95 -0.71 -40.87
N GLY B 54 1.29 -1.86 -40.30
CA GLY B 54 1.84 -2.96 -41.06
C GLY B 54 3.29 -2.75 -41.40
N GLY B 55 3.86 -3.67 -42.16
CA GLY B 55 5.27 -3.62 -42.49
C GLY B 55 6.13 -3.61 -41.24
N VAL B 56 7.43 -3.45 -41.42
CA VAL B 56 8.35 -3.33 -40.29
C VAL B 56 8.50 -1.87 -39.92
N THR B 57 7.57 -1.37 -39.11
CA THR B 57 7.61 0.00 -38.62
C THR B 57 7.58 0.00 -37.09
N VAL B 58 8.19 1.02 -36.49
CA VAL B 58 8.27 1.16 -35.04
C VAL B 58 8.17 2.64 -34.68
N ARG B 59 8.04 2.95 -33.38
CA ARG B 59 7.94 4.34 -32.94
C ARG B 59 9.29 5.06 -32.99
N MET B 60 9.27 6.30 -33.48
CA MET B 60 10.46 7.10 -33.69
C MET B 60 10.27 8.46 -33.04
N GLY B 61 10.40 8.51 -31.73
CA GLY B 61 10.03 9.70 -30.99
C GLY B 61 8.53 9.86 -31.05
N ASP B 62 8.09 11.04 -31.50
CA ASP B 62 6.67 11.34 -31.61
C ASP B 62 6.16 10.95 -33.00
N GLY B 63 6.96 10.17 -33.72
CA GLY B 63 6.61 9.72 -35.05
C GLY B 63 6.91 8.25 -35.29
N LEU B 64 7.08 7.87 -36.55
CA LEU B 64 7.30 6.48 -36.91
C LEU B 64 8.49 6.30 -37.84
N ALA B 65 9.22 5.21 -37.64
CA ALA B 65 10.35 4.85 -38.49
C ALA B 65 10.09 3.49 -39.13
N SER B 66 10.24 3.42 -40.45
CA SER B 66 9.88 2.20 -41.16
C SER B 66 11.01 1.63 -41.98
N TRP B 67 11.00 0.32 -42.14
CA TRP B 67 11.90 -0.34 -43.07
C TRP B 67 11.19 -0.70 -44.36
N SER B 68 10.02 -0.10 -44.57
CA SER B 68 9.22 -0.35 -45.76
C SER B 68 8.79 0.96 -46.40
N PRO B 69 8.87 1.03 -47.73
CA PRO B 69 8.30 2.18 -48.45
C PRO B 69 6.86 2.44 -48.00
N PRO B 70 6.54 3.71 -47.73
CA PRO B 70 5.22 4.24 -47.34
C PRO B 70 4.05 3.71 -48.16
N GLU B 71 4.28 3.38 -49.43
CA GLU B 71 3.19 2.95 -50.31
C GLU B 71 2.70 1.55 -49.98
N VAL B 72 3.57 0.74 -49.40
CA VAL B 72 3.19 -0.61 -49.02
C VAL B 72 2.81 -0.67 -47.54
N LEU B 73 2.46 0.47 -46.99
CA LEU B 73 1.96 0.56 -45.62
C LEU B 73 0.51 0.99 -45.62
N VAL B 74 -0.22 0.63 -44.56
CA VAL B 74 -1.59 1.09 -44.39
C VAL B 74 -1.58 2.48 -43.78
N LEU B 75 -1.40 3.50 -44.63
CA LEU B 75 -1.25 4.88 -44.17
C LEU B 75 -2.53 5.49 -43.59
N GLU B 76 -3.67 4.84 -43.79
CA GLU B 76 -4.90 5.31 -43.16
C GLU B 76 -5.64 4.15 -42.52
N GLY B 77 -6.39 4.45 -41.48
CA GLY B 77 -7.17 3.43 -40.79
C GLY B 77 -7.85 3.99 -39.56
N THR B 78 -8.04 3.13 -38.56
CA THR B 78 -8.76 3.52 -37.35
C THR B 78 -8.50 2.53 -36.21
N LEU B 79 -7.94 3.03 -35.11
CA LEU B 79 -7.63 2.22 -33.94
C LEU B 79 -8.72 2.39 -32.86
N ALA B 80 -8.75 1.48 -31.90
CA ALA B 80 -9.65 1.61 -30.74
C ALA B 80 -8.95 1.19 -29.46
N ARG B 81 -8.79 2.13 -28.53
CA ARG B 81 -8.12 1.84 -27.26
C ARG B 81 -9.01 2.18 -26.06
N MET B 82 -9.60 1.14 -25.46
CA MET B 82 -10.43 1.28 -24.27
C MET B 82 -11.69 2.12 -24.49
N GLY B 83 -12.48 1.75 -25.50
CA GLY B 83 -13.74 2.42 -25.76
C GLY B 83 -13.64 3.48 -26.84
N GLN B 84 -12.84 4.51 -26.59
CA GLN B 84 -12.64 5.58 -27.57
C GLN B 84 -11.93 5.04 -28.81
N THR B 85 -12.50 5.28 -29.99
CA THR B 85 -11.91 4.82 -31.25
C THR B 85 -11.35 5.98 -32.08
N TYR B 86 -10.02 6.13 -32.05
CA TYR B 86 -9.35 7.19 -32.80
C TYR B 86 -9.11 6.77 -34.25
N ALA B 87 -9.24 7.73 -35.16
CA ALA B 87 -8.94 7.50 -36.57
C ALA B 87 -7.59 8.14 -36.92
N TYR B 88 -6.70 7.37 -37.55
CA TYR B 88 -5.31 7.79 -37.76
C TYR B 88 -4.96 8.05 -39.22
N ARG B 89 -3.78 8.65 -39.44
CA ARG B 89 -3.33 9.00 -40.79
C ARG B 89 -1.84 9.29 -40.84
N LEU B 90 -1.06 8.30 -41.26
CA LEU B 90 0.38 8.47 -41.40
C LEU B 90 0.72 9.38 -42.57
N TYR B 91 1.80 10.14 -42.43
CA TYR B 91 2.22 11.06 -43.48
C TYR B 91 3.66 10.76 -43.88
N PRO B 92 3.89 10.50 -45.16
CA PRO B 92 5.25 10.29 -45.63
C PRO B 92 6.01 11.59 -45.39
N LYS B 93 7.19 11.49 -44.78
CA LYS B 93 8.00 12.67 -44.49
C LYS B 93 9.49 12.38 -44.57
N GLY B 94 9.93 11.86 -45.72
CA GLY B 94 11.34 11.66 -45.99
C GLY B 94 11.96 10.41 -45.39
N ARG B 95 13.29 10.37 -45.39
CA ARG B 95 14.05 9.27 -44.79
C ARG B 95 15.28 9.82 -44.10
N ARG B 96 15.57 9.28 -42.92
CA ARG B 96 16.71 9.76 -42.14
C ARG B 96 17.71 8.64 -41.89
N PRO B 97 18.96 8.84 -42.35
CA PRO B 97 20.09 7.93 -42.16
C PRO B 97 20.45 7.76 -40.69
N LEU B 98 20.44 6.53 -40.20
CA LEU B 98 20.77 6.28 -38.81
C LEU B 98 22.19 5.72 -38.67
N ASP B 99 22.81 6.00 -37.52
CA ASP B 99 24.22 5.70 -37.30
C ASP B 99 24.40 4.76 -36.11
N PRO B 100 24.89 3.54 -36.37
CA PRO B 100 25.14 2.53 -35.33
C PRO B 100 25.99 3.08 -34.20
N LYS B 101 26.88 3.99 -34.52
CA LYS B 101 27.77 4.57 -33.51
C LYS B 101 26.94 5.23 -32.41
N ASP B 102 26.17 6.24 -32.79
CA ASP B 102 25.31 6.95 -31.85
C ASP B 102 24.34 5.97 -31.21
N PRO B 103 24.53 5.69 -29.92
CA PRO B 103 23.70 4.74 -29.17
C PRO B 103 22.22 5.13 -29.18
N GLY B 104 21.96 6.40 -29.51
CA GLY B 104 20.60 6.91 -29.51
C GLY B 104 19.89 6.66 -30.82
N GLU B 105 20.67 6.63 -31.90
CA GLU B 105 20.13 6.28 -33.21
C GLU B 105 20.11 4.78 -33.35
N ARG B 106 21.13 4.12 -32.81
CA ARG B 106 21.20 2.66 -32.86
C ARG B 106 20.00 2.01 -32.20
N SER B 107 19.49 2.64 -31.15
CA SER B 107 18.35 2.06 -30.44
C SER B 107 17.15 1.90 -31.38
N VAL B 108 16.89 2.90 -32.21
CA VAL B 108 15.77 2.84 -33.14
C VAL B 108 16.00 1.82 -34.26
N LEU B 109 17.26 1.56 -34.59
CA LEU B 109 17.58 0.48 -35.52
C LEU B 109 17.20 -0.86 -34.89
N SER B 110 17.64 -1.07 -33.65
CA SER B 110 17.34 -2.31 -32.93
C SER B 110 15.85 -2.63 -32.91
N ALA B 111 15.04 -1.60 -32.65
CA ALA B 111 13.59 -1.78 -32.58
C ALA B 111 13.06 -2.40 -33.87
N LEU B 112 13.45 -1.81 -34.99
CA LEU B 112 13.08 -2.34 -36.29
C LEU B 112 13.55 -3.78 -36.40
N ALA B 113 14.71 -4.07 -35.82
CA ALA B 113 15.31 -5.40 -35.91
C ALA B 113 14.51 -6.45 -35.16
N ARG B 114 13.99 -6.09 -33.98
CA ARG B 114 13.15 -7.02 -33.23
C ARG B 114 11.84 -7.22 -33.97
N ARG B 115 11.44 -6.24 -34.76
CA ARG B 115 10.22 -6.36 -35.56
C ARG B 115 10.42 -7.29 -36.75
N LEU B 116 11.45 -7.03 -37.55
CA LEU B 116 11.83 -7.91 -38.65
C LEU B 116 11.84 -9.35 -38.15
N LEU B 117 12.45 -9.57 -37.00
CA LEU B 117 12.52 -10.91 -36.40
C LEU B 117 11.14 -11.49 -36.16
N GLN B 118 10.23 -10.66 -35.64
CA GLN B 118 8.86 -11.09 -35.37
C GLN B 118 8.08 -11.33 -36.65
N GLU B 119 8.06 -10.32 -37.53
CA GLU B 119 7.33 -10.41 -38.79
C GLU B 119 7.81 -11.55 -39.68
N ARG B 120 9.11 -11.75 -39.77
CA ARG B 120 9.64 -12.80 -40.61
C ARG B 120 9.43 -14.19 -40.02
N LEU B 121 9.27 -14.26 -38.71
CA LEU B 121 8.99 -15.54 -38.07
C LEU B 121 7.52 -15.91 -38.21
N ARG B 122 6.65 -14.90 -38.05
CA ARG B 122 5.21 -15.12 -38.09
C ARG B 122 4.79 -15.80 -39.38
N ARG B 123 5.54 -15.57 -40.44
CA ARG B 123 5.17 -16.09 -41.76
C ARG B 123 5.99 -17.30 -42.19
N LEU B 124 6.54 -18.03 -41.22
CA LEU B 124 7.19 -19.29 -41.53
C LEU B 124 6.17 -20.40 -41.55
N GLU B 125 6.47 -21.46 -42.29
CA GLU B 125 5.58 -22.60 -42.38
C GLU B 125 5.90 -23.60 -41.26
N GLY B 126 6.71 -23.15 -40.31
CA GLY B 126 7.12 -23.97 -39.18
C GLY B 126 6.01 -24.14 -38.16
N VAL B 127 6.29 -23.73 -36.92
CA VAL B 127 5.31 -23.87 -35.85
C VAL B 127 5.00 -22.55 -35.16
N TRP B 128 4.78 -22.62 -33.85
CA TRP B 128 4.28 -21.49 -33.08
C TRP B 128 5.29 -20.38 -32.87
N VAL B 129 4.81 -19.14 -32.91
CA VAL B 129 5.65 -17.97 -32.69
C VAL B 129 5.10 -17.14 -31.53
N GLU B 130 5.21 -17.68 -30.33
CA GLU B 130 4.75 -16.98 -29.13
C GLU B 130 5.63 -15.77 -28.85
N GLY B 131 5.45 -14.72 -29.63
CA GLY B 131 6.25 -13.51 -29.49
C GLY B 131 7.68 -13.72 -29.92
N LEU B 132 8.60 -13.51 -28.99
CA LEU B 132 10.02 -13.74 -29.25
C LEU B 132 10.30 -15.24 -29.36
N ALA B 133 9.57 -16.03 -28.58
CA ALA B 133 9.75 -17.48 -28.57
C ALA B 133 9.40 -18.10 -29.92
N VAL B 134 10.02 -19.24 -30.19
CA VAL B 134 9.82 -19.97 -31.44
C VAL B 134 10.05 -21.44 -31.19
N TYR B 135 9.07 -22.27 -31.53
CA TYR B 135 9.16 -23.68 -31.23
C TYR B 135 9.19 -24.53 -32.49
N ARG B 136 10.38 -25.00 -32.86
CA ARG B 136 10.55 -25.79 -34.07
C ARG B 136 9.98 -27.20 -33.94
N ARG B 137 10.52 -27.99 -33.02
CA ARG B 137 10.11 -29.39 -32.88
C ARG B 137 9.09 -29.61 -31.76
N GLU B 138 8.64 -30.86 -31.62
CA GLU B 138 7.71 -31.23 -30.55
C GLU B 138 8.36 -32.24 -29.61
N HIS B 139 8.27 -31.99 -28.31
CA HIS B 139 9.03 -32.77 -27.33
C HIS B 139 8.22 -33.89 -26.69
N ALA B 140 6.90 -33.74 -26.68
CA ALA B 140 6.02 -34.73 -26.08
C ALA B 140 4.59 -34.59 -26.58
N ARG B 141 3.97 -35.71 -26.95
CA ARG B 141 2.61 -35.70 -27.47
C ARG B 141 1.73 -36.77 -26.83
N GLY B 142 1.42 -36.58 -25.54
CA GLY B 142 0.54 -37.49 -24.83
C GLY B 142 -0.91 -37.15 -25.05
N PRO B 143 -1.81 -38.11 -24.81
CA PRO B 143 -3.23 -37.88 -25.02
C PRO B 143 -3.74 -36.77 -24.12
N GLY B 144 -4.04 -35.62 -24.72
CA GLY B 144 -4.53 -34.47 -23.97
C GLY B 144 -3.57 -33.29 -23.94
N TRP B 145 -2.28 -33.57 -23.82
CA TRP B 145 -1.27 -32.52 -23.73
C TRP B 145 -0.21 -32.63 -24.82
N ARG B 146 0.46 -31.52 -25.09
CA ARG B 146 1.56 -31.49 -26.04
C ARG B 146 2.63 -30.52 -25.54
N VAL B 147 3.89 -30.94 -25.58
CA VAL B 147 4.99 -30.11 -25.09
C VAL B 147 5.99 -29.80 -26.20
N LEU B 148 5.80 -28.66 -26.86
CA LEU B 148 6.67 -28.27 -27.96
C LEU B 148 7.97 -27.65 -27.43
N GLY B 149 9.00 -27.64 -28.26
CA GLY B 149 10.30 -27.14 -27.86
C GLY B 149 10.97 -26.28 -28.93
N GLY B 150 11.57 -25.17 -28.48
CA GLY B 150 12.27 -24.28 -29.38
C GLY B 150 13.25 -23.39 -28.63
N ALA B 151 13.09 -22.09 -28.78
CA ALA B 151 13.98 -21.14 -28.12
C ALA B 151 13.39 -19.73 -28.17
N VAL B 152 13.70 -18.93 -27.17
CA VAL B 152 13.33 -17.52 -27.18
C VAL B 152 14.43 -16.72 -27.85
N LEU B 153 14.04 -15.87 -28.78
CA LEU B 153 15.01 -15.16 -29.60
C LEU B 153 15.00 -13.67 -29.33
N ASP B 154 16.00 -12.98 -29.87
CA ASP B 154 16.00 -11.54 -29.91
C ASP B 154 16.94 -11.08 -31.00
N LEU B 155 16.60 -9.96 -31.62
CA LEU B 155 17.38 -9.48 -32.76
C LEU B 155 17.61 -7.99 -32.61
N TRP B 156 18.88 -7.61 -32.44
CA TRP B 156 19.23 -6.20 -32.34
C TRP B 156 20.43 -5.87 -33.22
N VAL B 157 20.83 -4.60 -33.20
CA VAL B 157 21.95 -4.12 -34.02
C VAL B 157 23.17 -3.85 -33.14
N SER B 158 24.37 -4.00 -33.71
CA SER B 158 25.61 -3.77 -32.96
C SER B 158 26.32 -2.49 -33.41
N ASP B 159 27.38 -2.12 -32.68
CA ASP B 159 28.12 -0.89 -32.97
C ASP B 159 28.72 -0.88 -34.38
N SER B 160 29.16 -2.06 -34.82
CA SER B 160 29.78 -2.22 -36.13
C SER B 160 28.76 -2.11 -37.27
N GLY B 161 27.49 -2.14 -36.90
CA GLY B 161 26.41 -1.99 -37.87
C GLY B 161 25.91 -3.33 -38.40
N ALA B 162 25.97 -4.36 -37.57
CA ALA B 162 25.56 -5.68 -37.97
C ALA B 162 24.43 -6.18 -37.09
N PHE B 163 23.85 -7.33 -37.46
CA PHE B 163 22.79 -7.93 -36.66
C PHE B 163 23.38 -8.78 -35.54
N LEU B 164 22.69 -8.77 -34.40
CA LEU B 164 23.03 -9.66 -33.30
C LEU B 164 21.81 -10.46 -32.88
N LEU B 165 21.97 -11.79 -32.85
CA LEU B 165 20.85 -12.69 -32.63
C LEU B 165 21.09 -13.52 -31.38
N GLU B 166 20.41 -13.15 -30.30
CA GLU B 166 20.51 -13.88 -29.04
C GLU B 166 19.55 -15.07 -29.08
N VAL B 167 19.98 -16.20 -28.54
CA VAL B 167 19.19 -17.41 -28.60
C VAL B 167 19.25 -18.19 -27.29
N ASP B 168 18.09 -18.56 -26.77
CA ASP B 168 18.03 -19.35 -25.56
C ASP B 168 16.93 -20.40 -25.60
N PRO B 169 17.33 -21.67 -25.76
CA PRO B 169 16.41 -22.82 -25.82
C PRO B 169 15.42 -22.85 -24.66
N ALA B 170 14.17 -23.21 -24.97
CA ALA B 170 13.11 -23.27 -23.97
C ALA B 170 11.99 -24.20 -24.41
N TYR B 171 11.24 -24.73 -23.44
CA TYR B 171 10.10 -25.59 -23.73
C TYR B 171 8.77 -24.90 -23.43
N ARG B 172 7.69 -25.44 -23.99
CA ARG B 172 6.36 -24.88 -23.77
C ARG B 172 5.33 -25.99 -23.57
N ILE B 173 4.32 -25.71 -22.75
CA ILE B 173 3.27 -26.70 -22.46
C ILE B 173 1.94 -26.27 -23.08
N LEU B 174 1.54 -26.95 -24.15
CA LEU B 174 0.32 -26.61 -24.87
C LEU B 174 -0.65 -27.79 -24.96
N CYS B 175 -1.85 -27.65 -24.41
CA CYS B 175 -2.85 -28.71 -24.44
C CYS B 175 -4.05 -28.35 -25.33
N GLU B 176 -4.79 -29.37 -25.77
CA GLU B 176 -5.92 -29.16 -26.68
C GLU B 176 -7.28 -29.34 -26.01
N MET B 177 -7.50 -30.51 -25.42
CA MET B 177 -8.81 -30.84 -24.84
C MET B 177 -9.34 -29.80 -23.85
N SER B 178 -10.67 -29.62 -23.89
CA SER B 178 -11.37 -28.70 -23.00
C SER B 178 -11.16 -29.08 -21.54
N LEU B 179 -11.78 -28.34 -20.62
CA LEU B 179 -11.67 -28.63 -19.20
C LEU B 179 -12.52 -29.85 -18.84
N GLU B 180 -13.49 -30.16 -19.72
CA GLU B 180 -14.34 -31.31 -19.51
C GLU B 180 -13.76 -32.53 -20.22
N ALA B 181 -13.26 -32.32 -21.43
CA ALA B 181 -12.64 -33.39 -22.22
C ALA B 181 -11.28 -33.80 -21.63
N TRP B 182 -10.66 -32.89 -20.90
CA TRP B 182 -9.39 -33.19 -20.24
C TRP B 182 -9.64 -33.80 -18.86
N LEU B 183 -10.81 -33.53 -18.30
CA LEU B 183 -11.19 -34.12 -17.02
C LEU B 183 -11.83 -35.48 -17.24
N ALA B 184 -12.29 -35.73 -18.47
CA ALA B 184 -12.92 -36.99 -18.84
C ALA B 184 -11.90 -38.03 -19.30
N GLN B 185 -10.81 -37.57 -19.92
CA GLN B 185 -9.75 -38.45 -20.36
C GLN B 185 -9.08 -39.12 -19.17
N GLY B 186 -9.53 -38.75 -17.96
CA GLY B 186 -9.01 -39.32 -16.74
C GLY B 186 -7.80 -38.57 -16.23
N HIS B 187 -8.05 -37.48 -15.50
CA HIS B 187 -6.97 -36.70 -14.91
C HIS B 187 -7.49 -35.88 -13.73
N PRO B 188 -6.66 -35.70 -12.68
CA PRO B 188 -7.02 -34.92 -11.49
C PRO B 188 -7.39 -33.48 -11.86
N LEU B 189 -8.03 -32.78 -10.92
CA LEU B 189 -8.47 -31.40 -11.16
C LEU B 189 -7.31 -30.41 -11.12
N PRO B 190 -7.12 -29.65 -12.22
CA PRO B 190 -6.09 -28.62 -12.31
C PRO B 190 -6.26 -27.55 -11.24
N LYS B 191 -5.17 -26.85 -10.90
CA LYS B 191 -5.22 -25.79 -9.91
C LYS B 191 -5.55 -24.45 -10.56
N ARG B 192 -5.51 -24.42 -11.89
CA ARG B 192 -5.80 -23.19 -12.63
C ARG B 192 -6.53 -23.49 -13.95
N VAL B 193 -7.44 -22.61 -14.32
CA VAL B 193 -8.15 -22.71 -15.60
C VAL B 193 -8.16 -21.37 -16.33
N ARG B 194 -8.35 -21.41 -17.64
CA ARG B 194 -8.30 -20.20 -18.46
C ARG B 194 -9.50 -20.09 -19.39
N ASN B 195 -10.31 -18.95 -19.31
CA ASN B 195 -11.52 -18.87 -20.15
C ASN B 195 -11.20 -19.24 -21.61
N ALA B 196 -12.14 -19.89 -22.28
CA ALA B 196 -11.91 -20.23 -23.68
C ALA B 196 -12.24 -19.06 -24.63
N TYR B 197 -13.00 -18.12 -24.13
CA TYR B 197 -13.49 -17.04 -24.97
C TYR B 197 -12.71 -15.81 -24.64
N ASP B 198 -11.81 -15.87 -23.73
CA ASP B 198 -11.06 -14.76 -23.10
C ASP B 198 -9.69 -15.22 -22.57
N ARG B 199 -8.93 -14.33 -21.89
CA ARG B 199 -7.59 -14.70 -21.47
C ARG B 199 -7.49 -14.62 -19.93
N ARG B 200 -8.67 -14.23 -19.43
CA ARG B 200 -8.64 -14.12 -17.97
C ARG B 200 -8.59 -15.50 -17.34
N THR B 201 -7.96 -15.62 -16.18
CA THR B 201 -7.78 -16.93 -15.55
C THR B 201 -8.36 -16.95 -14.14
N TRP B 202 -8.55 -18.29 -13.90
CA TRP B 202 -9.15 -18.38 -12.57
C TRP B 202 -8.49 -19.50 -11.76
N GLU B 203 -8.84 -19.60 -10.48
CA GLU B 203 -8.38 -20.72 -9.65
C GLU B 203 -9.51 -21.73 -9.45
N LEU B 204 -9.41 -22.88 -10.11
CA LEU B 204 -10.44 -23.90 -10.05
C LEU B 204 -10.57 -24.51 -8.65
N LEU B 205 -11.48 -23.96 -7.86
CA LEU B 205 -11.70 -24.40 -6.48
C LEU B 205 -12.31 -25.78 -6.40
N ARG B 206 -13.40 -25.98 -7.13
CA ARG B 206 -14.19 -27.19 -7.02
C ARG B 206 -15.21 -27.30 -8.15
N LEU B 207 -15.98 -28.38 -8.13
CA LEU B 207 -17.08 -28.55 -9.06
C LEU B 207 -18.40 -28.40 -8.31
N GLY B 208 -19.28 -27.57 -8.85
CA GLY B 208 -20.58 -27.35 -8.24
C GLY B 208 -21.61 -28.37 -8.68
N GLU B 209 -22.26 -29.01 -7.72
CA GLU B 209 -23.31 -29.97 -8.02
C GLU B 209 -24.65 -29.25 -8.18
N GLU B 210 -24.71 -28.33 -9.14
CA GLU B 210 -25.92 -27.55 -9.39
C GLU B 210 -26.21 -27.44 -10.90
N ASP B 211 -27.47 -27.60 -11.27
CA ASP B 211 -27.89 -27.51 -12.68
C ASP B 211 -27.51 -26.16 -13.28
N PRO B 212 -26.91 -26.18 -14.46
CA PRO B 212 -26.43 -24.96 -15.10
C PRO B 212 -27.56 -24.01 -15.49
N LYS B 213 -28.71 -24.59 -15.84
CA LYS B 213 -29.85 -23.79 -16.30
C LYS B 213 -30.62 -23.12 -15.16
N GLU B 214 -30.75 -23.82 -14.04
CA GLU B 214 -31.53 -23.31 -12.91
C GLU B 214 -30.68 -22.63 -11.84
N LEU B 215 -29.52 -22.10 -12.24
CA LEU B 215 -28.61 -21.43 -11.30
C LEU B 215 -28.74 -19.91 -11.38
N PRO B 216 -28.94 -19.27 -10.24
CA PRO B 216 -29.10 -17.82 -10.18
C PRO B 216 -27.77 -17.09 -10.33
N LEU B 217 -27.72 -16.15 -11.27
CA LEU B 217 -26.50 -15.37 -11.49
C LEU B 217 -26.70 -13.91 -11.06
N PRO B 218 -26.24 -13.60 -9.85
CA PRO B 218 -26.39 -12.27 -9.29
C PRO B 218 -25.86 -11.19 -10.25
N SER B 222 -29.08 -16.83 -14.15
CA SER B 222 -29.14 -17.85 -15.19
C SER B 222 -27.79 -18.03 -15.86
N LEU B 223 -26.89 -18.75 -15.21
CA LEU B 223 -25.54 -18.94 -15.71
C LEU B 223 -25.52 -19.48 -17.14
N LEU B 224 -26.27 -20.55 -17.38
CA LEU B 224 -26.33 -21.17 -18.70
C LEU B 224 -26.83 -20.18 -19.75
N ASP B 225 -27.40 -19.07 -19.29
CA ASP B 225 -27.94 -18.05 -20.19
C ASP B 225 -26.94 -16.93 -20.45
N TYR B 226 -26.24 -16.51 -19.41
CA TYR B 226 -25.25 -15.44 -19.55
C TYR B 226 -24.25 -15.73 -20.65
N HIS B 227 -23.63 -16.91 -20.60
CA HIS B 227 -22.69 -17.33 -21.63
C HIS B 227 -23.40 -17.53 -22.96
N ALA B 228 -24.68 -17.93 -22.90
CA ALA B 228 -25.45 -18.18 -24.11
C ALA B 228 -25.71 -16.89 -24.88
N SER B 229 -26.30 -15.92 -24.20
CA SER B 229 -26.64 -14.64 -24.82
C SER B 229 -25.40 -13.91 -25.31
N LYS B 230 -24.27 -14.17 -24.66
CA LYS B 230 -23.01 -13.54 -25.04
C LYS B 230 -22.44 -14.18 -26.29
N GLY B 231 -23.00 -15.32 -26.69
CA GLY B 231 -22.60 -16.00 -27.91
C GLY B 231 -21.60 -17.10 -27.68
N ARG B 232 -21.33 -17.40 -26.41
CA ARG B 232 -20.35 -18.43 -26.05
C ARG B 232 -20.97 -19.82 -26.10
N LEU B 233 -22.29 -19.88 -26.19
CA LEU B 233 -22.99 -21.16 -26.19
C LEU B 233 -22.93 -21.84 -27.56
N GLN B 234 -22.68 -21.03 -28.59
CA GLN B 234 -22.62 -21.53 -29.95
C GLN B 234 -21.33 -22.29 -30.22
N GLY B 235 -21.43 -23.39 -30.95
CA GLY B 235 -20.27 -24.16 -31.36
C GLY B 235 -19.63 -24.96 -30.25
N ARG B 236 -20.20 -24.88 -29.06
CA ARG B 236 -19.67 -25.60 -27.91
C ARG B 236 -20.77 -26.21 -27.07
N GLU B 237 -20.39 -27.05 -26.11
CA GLU B 237 -21.34 -27.69 -25.21
C GLU B 237 -20.91 -27.53 -23.76
N GLY B 238 -21.43 -26.50 -23.10
CA GLY B 238 -21.12 -26.26 -21.71
C GLY B 238 -21.46 -27.47 -20.84
N GLY B 239 -20.46 -27.96 -20.11
CA GLY B 239 -20.63 -29.10 -19.24
C GLY B 239 -21.21 -28.72 -17.89
N ARG B 240 -20.70 -29.34 -16.83
CA ARG B 240 -21.20 -29.09 -15.47
C ARG B 240 -20.79 -27.72 -14.95
N VAL B 241 -21.09 -27.46 -13.68
CA VAL B 241 -20.72 -26.20 -13.05
C VAL B 241 -19.30 -26.25 -12.51
N ALA B 242 -18.74 -25.08 -12.20
CA ALA B 242 -17.40 -25.00 -11.65
C ALA B 242 -17.21 -23.71 -10.87
N TRP B 243 -16.54 -23.80 -9.72
CA TRP B 243 -16.36 -22.65 -8.85
C TRP B 243 -14.97 -22.01 -8.99
N VAL B 244 -14.90 -20.91 -9.73
CA VAL B 244 -13.66 -20.17 -9.90
C VAL B 244 -13.45 -19.21 -8.73
N ALA B 245 -12.46 -18.34 -8.86
CA ALA B 245 -12.14 -17.37 -7.80
C ALA B 245 -11.08 -16.37 -8.26
N ASP B 246 -11.37 -15.08 -8.08
CA ASP B 246 -10.45 -14.03 -8.48
C ASP B 246 -9.11 -14.14 -7.76
N ARG B 251 -11.11 -15.13 -1.92
CA ARG B 251 -11.92 -16.02 -1.10
C ARG B 251 -13.38 -15.98 -1.51
N LYS B 252 -13.64 -15.28 -2.61
CA LYS B 252 -15.00 -15.16 -3.15
C LYS B 252 -15.18 -16.02 -4.39
N PRO B 253 -16.17 -16.92 -4.37
CA PRO B 253 -16.44 -17.82 -5.50
C PRO B 253 -17.01 -17.09 -6.71
N ILE B 254 -17.29 -17.84 -7.77
CA ILE B 254 -18.10 -17.39 -8.87
C ILE B 254 -18.56 -18.59 -9.66
N PRO B 255 -19.67 -18.42 -10.35
CA PRO B 255 -20.23 -19.47 -11.22
C PRO B 255 -19.65 -19.49 -12.64
N HIS B 256 -19.17 -20.65 -13.08
CA HIS B 256 -18.66 -20.81 -14.43
C HIS B 256 -18.82 -22.26 -14.91
N LEU B 257 -19.24 -22.41 -16.17
CA LEU B 257 -19.42 -23.74 -16.76
C LEU B 257 -18.07 -24.33 -17.17
N THR B 258 -17.93 -25.64 -17.03
CA THR B 258 -16.67 -26.32 -17.31
C THR B 258 -16.48 -26.62 -18.80
N GLY B 259 -17.37 -26.10 -19.63
CA GLY B 259 -17.29 -26.29 -21.06
C GLY B 259 -16.58 -25.14 -21.74
N LEU B 260 -16.59 -23.98 -21.08
CA LEU B 260 -15.97 -22.78 -21.62
C LEU B 260 -14.59 -22.52 -20.99
N LEU B 261 -14.23 -23.35 -20.01
CA LEU B 261 -12.93 -23.24 -19.36
C LEU B 261 -11.92 -24.22 -19.97
N VAL B 262 -10.64 -23.89 -19.90
CA VAL B 262 -9.57 -24.78 -20.35
C VAL B 262 -8.46 -24.84 -19.29
N PRO B 263 -8.00 -26.05 -18.99
CA PRO B 263 -7.03 -26.24 -17.92
C PRO B 263 -5.71 -25.52 -18.21
N VAL B 264 -5.00 -25.13 -17.16
CA VAL B 264 -3.67 -24.55 -17.30
C VAL B 264 -2.64 -25.54 -16.80
N LEU B 265 -2.12 -26.37 -17.71
CA LEU B 265 -1.22 -27.47 -17.36
C LEU B 265 0.11 -26.98 -16.78
N THR B 266 0.58 -27.65 -15.72
CA THR B 266 1.83 -27.29 -15.06
C THR B 266 2.49 -28.47 -14.34
N LEU B 267 3.16 -29.32 -15.10
CA LEU B 267 3.86 -30.51 -14.57
C LEU B 267 2.93 -31.53 -13.91
N GLU B 268 1.62 -31.28 -14.01
CA GLU B 268 0.61 -32.15 -13.39
C GLU B 268 0.08 -33.18 -14.38
N LEU B 279 11.83 -30.46 -18.51
CA LEU B 279 13.12 -30.91 -18.00
C LEU B 279 14.17 -29.82 -18.21
N SER B 280 15.40 -30.11 -17.81
CA SER B 280 16.50 -29.15 -17.96
C SER B 280 17.58 -29.72 -18.88
N LEU B 281 17.94 -28.96 -19.91
CA LEU B 281 18.99 -29.38 -20.83
C LEU B 281 20.36 -29.32 -20.18
N PRO B 282 21.11 -30.41 -20.25
CA PRO B 282 22.49 -30.44 -19.78
C PRO B 282 23.28 -29.34 -20.48
N TRP B 283 24.22 -28.72 -19.78
CA TRP B 283 24.92 -27.55 -20.33
C TRP B 283 25.46 -27.79 -21.74
N GLU B 284 26.07 -28.95 -21.95
CA GLU B 284 26.63 -29.30 -23.25
C GLU B 284 25.54 -29.44 -24.31
N GLU B 285 24.43 -30.07 -23.91
CA GLU B 285 23.31 -30.29 -24.80
C GLU B 285 22.70 -28.96 -25.20
N ARG B 286 22.52 -28.09 -24.21
CA ARG B 286 21.88 -26.79 -24.44
C ARG B 286 22.73 -25.89 -25.33
N ARG B 287 24.05 -25.92 -25.13
CA ARG B 287 24.95 -25.13 -25.97
C ARG B 287 24.80 -25.54 -27.42
N ARG B 288 24.44 -26.80 -27.64
CA ARG B 288 24.24 -27.32 -28.97
C ARG B 288 22.94 -26.80 -29.55
N ARG B 289 21.84 -27.03 -28.84
CA ARG B 289 20.53 -26.56 -29.29
C ARG B 289 20.60 -25.08 -29.61
N THR B 290 21.40 -24.34 -28.85
CA THR B 290 21.59 -22.92 -29.11
C THR B 290 22.15 -22.71 -30.50
N ARG B 291 23.26 -23.38 -30.78
CA ARG B 291 23.95 -23.26 -32.07
C ARG B 291 23.05 -23.72 -33.22
N GLU B 292 22.40 -24.86 -33.03
CA GLU B 292 21.49 -25.40 -34.02
C GLU B 292 20.44 -24.37 -34.43
N ILE B 293 19.72 -23.84 -33.45
CA ILE B 293 18.70 -22.83 -33.72
C ILE B 293 19.25 -21.69 -34.57
N ALA B 294 20.42 -21.17 -34.18
CA ALA B 294 21.02 -20.04 -34.88
C ALA B 294 21.05 -20.25 -36.40
N SER B 295 21.77 -21.27 -36.84
CA SER B 295 21.87 -21.58 -38.27
C SER B 295 20.50 -21.66 -38.93
N TRP B 296 19.57 -22.31 -38.24
CA TRP B 296 18.21 -22.46 -38.74
C TRP B 296 17.55 -21.10 -38.94
N ILE B 297 17.55 -20.28 -37.89
CA ILE B 297 16.92 -18.95 -37.95
C ILE B 297 17.70 -17.99 -38.83
N GLY B 298 19.02 -18.13 -38.85
CA GLY B 298 19.86 -17.27 -39.65
C GLY B 298 19.66 -17.54 -41.12
N ARG B 299 19.43 -18.82 -41.44
CA ARG B 299 19.29 -19.26 -42.82
C ARG B 299 17.91 -18.99 -43.39
N ARG B 300 16.88 -19.25 -42.59
CA ARG B 300 15.51 -19.12 -43.05
C ARG B 300 15.05 -17.67 -43.16
N LEU B 301 15.59 -16.81 -42.32
CA LEU B 301 15.23 -15.39 -42.34
C LEU B 301 16.01 -14.62 -43.39
N GLY B 302 17.04 -15.25 -43.94
CA GLY B 302 17.89 -14.62 -44.94
C GLY B 302 18.77 -13.55 -44.33
N LEU B 303 19.57 -13.95 -43.34
CA LEU B 303 20.41 -13.03 -42.59
C LEU B 303 21.87 -13.45 -42.56
N GLY B 304 22.15 -14.64 -43.08
CA GLY B 304 23.52 -15.09 -43.21
C GLY B 304 23.94 -16.17 -42.23
N THR B 305 25.24 -16.45 -42.22
CA THR B 305 25.81 -17.49 -41.37
C THR B 305 26.06 -16.99 -39.96
N PRO B 306 25.42 -17.63 -38.97
CA PRO B 306 25.59 -17.30 -37.55
C PRO B 306 27.05 -17.35 -37.14
N GLU B 307 27.59 -16.23 -36.68
CA GLU B 307 28.95 -16.20 -36.19
C GLU B 307 28.93 -16.08 -34.68
N ALA B 308 29.27 -17.17 -33.99
CA ALA B 308 29.28 -17.19 -32.53
C ALA B 308 30.06 -16.00 -32.00
N VAL B 309 29.64 -15.48 -30.84
CA VAL B 309 30.27 -14.31 -30.26
C VAL B 309 31.21 -14.68 -29.12
N ARG B 310 32.51 -14.46 -29.35
CA ARG B 310 33.53 -14.82 -28.38
C ARG B 310 33.83 -13.67 -27.43
N ALA B 311 34.23 -14.00 -26.21
CA ALA B 311 34.62 -12.99 -25.23
C ALA B 311 35.58 -13.56 -24.19
N GLN B 312 36.32 -12.70 -23.52
CA GLN B 312 37.31 -13.17 -22.55
C GLN B 312 36.80 -13.04 -21.13
N ALA B 313 37.01 -14.08 -20.34
CA ALA B 313 36.63 -14.08 -18.94
C ALA B 313 37.88 -14.13 -18.07
N TYR B 314 37.70 -14.19 -16.76
CA TYR B 314 38.83 -14.21 -15.84
C TYR B 314 38.50 -15.03 -14.60
N ARG B 315 39.38 -15.98 -14.29
CA ARG B 315 39.22 -16.79 -13.08
C ARG B 315 39.44 -15.87 -11.88
N LEU B 316 38.44 -15.79 -11.01
CA LEU B 316 38.53 -14.87 -9.88
C LEU B 316 39.00 -15.55 -8.60
N SER B 317 39.62 -14.77 -7.72
CA SER B 317 40.19 -15.30 -6.48
C SER B 317 39.17 -16.06 -5.64
N ILE B 318 39.58 -17.19 -5.08
CA ILE B 318 38.73 -17.93 -4.16
C ILE B 318 38.67 -17.20 -2.83
N PRO B 319 37.45 -17.05 -2.28
CA PRO B 319 37.28 -16.33 -1.02
C PRO B 319 38.00 -17.00 0.13
N LYS B 320 38.19 -16.28 1.23
CA LYS B 320 38.85 -16.82 2.41
C LYS B 320 37.90 -16.86 3.60
N LEU B 321 36.85 -17.67 3.50
CA LEU B 321 35.90 -17.82 4.60
C LEU B 321 36.61 -18.23 5.89
N MET B 322 36.08 -17.81 7.02
CA MET B 322 36.77 -18.09 8.26
C MET B 322 35.89 -17.98 9.51
N GLY B 323 35.78 -19.10 10.23
CA GLY B 323 35.13 -19.10 11.53
C GLY B 323 36.15 -18.71 12.57
N ARG B 324 36.42 -19.60 13.52
CA ARG B 324 37.53 -19.39 14.44
C ARG B 324 38.82 -19.73 13.70
N ARG B 325 38.71 -20.58 12.68
CA ARG B 325 39.83 -20.92 11.82
C ARG B 325 39.33 -20.95 10.37
N ALA B 326 40.27 -20.94 9.43
CA ALA B 326 39.92 -20.97 8.01
C ALA B 326 38.99 -22.14 7.73
N VAL B 327 38.15 -21.98 6.71
CA VAL B 327 37.14 -22.99 6.39
C VAL B 327 36.57 -22.79 4.98
N SER B 328 36.19 -23.89 4.33
CA SER B 328 35.77 -23.86 2.94
C SER B 328 34.29 -23.54 2.75
N LYS B 329 33.45 -24.10 3.63
CA LYS B 329 32.01 -23.85 3.60
C LYS B 329 31.50 -23.66 5.03
N PRO B 330 30.46 -22.83 5.19
CA PRO B 330 29.93 -22.45 6.51
C PRO B 330 29.64 -23.65 7.41
N ALA B 331 29.14 -24.73 6.83
CA ALA B 331 28.77 -25.92 7.61
C ALA B 331 29.96 -26.55 8.34
N ASP B 332 31.17 -26.29 7.86
CA ASP B 332 32.35 -26.86 8.48
C ASP B 332 32.78 -26.04 9.69
N ALA B 333 32.02 -24.98 9.96
CA ALA B 333 32.30 -24.10 11.09
C ALA B 333 31.60 -24.59 12.35
N LEU B 334 30.96 -25.74 12.27
CA LEU B 334 30.30 -26.33 13.44
C LEU B 334 31.26 -27.29 14.16
N ARG B 335 32.36 -27.62 13.51
CA ARG B 335 33.40 -28.43 14.13
C ARG B 335 34.62 -27.58 14.44
N VAL B 336 34.84 -26.55 13.64
CA VAL B 336 35.99 -25.66 13.81
C VAL B 336 35.70 -24.54 14.80
N GLY B 337 34.47 -24.03 14.77
CA GLY B 337 34.09 -22.95 15.65
C GLY B 337 33.56 -21.76 14.88
N PHE B 338 32.83 -20.89 15.54
CA PHE B 338 32.25 -19.73 14.87
C PHE B 338 33.24 -18.58 14.77
N TYR B 339 32.81 -17.50 14.12
CA TYR B 339 33.68 -16.36 13.93
C TYR B 339 33.63 -15.41 15.13
N ARG B 340 32.45 -15.27 15.72
CA ARG B 340 32.29 -14.49 16.95
C ARG B 340 31.03 -14.89 17.71
N ALA B 341 31.11 -16.00 18.44
CA ALA B 341 29.98 -16.50 19.22
C ALA B 341 29.98 -15.92 20.63
N GLN B 342 28.79 -15.63 21.14
CA GLN B 342 28.64 -15.07 22.48
C GLN B 342 27.79 -16.00 23.34
N GLU B 343 27.72 -15.69 24.63
CA GLU B 343 26.94 -16.50 25.56
C GLU B 343 25.47 -16.47 25.16
N THR B 344 25.00 -17.56 24.57
CA THR B 344 23.64 -17.56 24.03
C THR B 344 22.80 -18.72 24.57
N ALA B 345 21.50 -18.46 24.75
CA ALA B 345 20.57 -19.48 25.18
C ALA B 345 19.54 -19.77 24.09
N LEU B 346 19.31 -21.05 23.83
CA LEU B 346 18.34 -21.47 22.83
C LEU B 346 17.21 -22.23 23.50
N ALA B 347 16.04 -22.24 22.87
CA ALA B 347 14.88 -22.96 23.41
C ALA B 347 14.34 -23.97 22.40
N LEU B 348 13.64 -24.99 22.91
CA LEU B 348 13.09 -26.03 22.06
C LEU B 348 11.59 -26.15 22.25
N LEU B 349 10.86 -26.11 21.15
CA LEU B 349 9.42 -26.28 21.20
C LEU B 349 8.98 -27.42 20.30
N ARG B 350 8.34 -28.43 20.90
CA ARG B 350 7.91 -29.60 20.15
C ARG B 350 6.40 -29.64 19.96
N LEU B 351 5.98 -29.55 18.71
CA LEU B 351 4.57 -29.59 18.36
C LEU B 351 4.18 -31.00 17.92
N ASP B 352 5.10 -31.94 18.09
CA ASP B 352 4.81 -33.33 17.80
C ASP B 352 4.46 -34.08 19.07
N GLY B 353 4.98 -35.29 19.21
CA GLY B 353 4.71 -36.07 20.39
C GLY B 353 5.77 -35.89 21.48
N ALA B 354 6.97 -36.34 21.19
CA ALA B 354 8.01 -36.50 22.21
C ALA B 354 8.38 -35.23 22.95
N GLN B 355 9.37 -35.35 23.82
CA GLN B 355 9.79 -34.25 24.68
C GLN B 355 11.30 -34.24 24.86
N GLY B 356 11.88 -33.04 24.91
CA GLY B 356 13.31 -32.89 25.10
C GLY B 356 14.10 -32.92 23.80
N TRP B 357 15.36 -32.49 23.88
CA TRP B 357 16.24 -32.44 22.72
C TRP B 357 16.67 -33.83 22.25
N PRO B 358 16.65 -34.06 20.93
CA PRO B 358 17.18 -35.29 20.33
C PRO B 358 18.66 -35.46 20.64
N GLU B 359 19.10 -36.70 20.82
CA GLU B 359 20.49 -36.99 21.20
C GLU B 359 21.49 -36.17 20.40
N PHE B 360 21.50 -36.40 19.09
CA PHE B 360 22.51 -35.81 18.21
C PHE B 360 22.49 -34.30 18.17
N LEU B 361 21.31 -33.72 17.98
CA LEU B 361 21.20 -32.26 17.89
C LEU B 361 21.82 -31.55 19.09
N ARG B 362 21.72 -32.14 20.27
CA ARG B 362 22.30 -31.53 21.47
C ARG B 362 23.83 -31.62 21.46
N ARG B 363 24.36 -32.82 21.33
CA ARG B 363 25.81 -33.01 21.25
C ARG B 363 26.41 -32.09 20.19
N ALA B 364 25.81 -32.10 19.00
CA ALA B 364 26.29 -31.31 17.88
C ALA B 364 26.47 -29.83 18.23
N LEU B 365 25.54 -29.30 19.02
CA LEU B 365 25.60 -27.89 19.42
C LEU B 365 26.65 -27.64 20.48
N LEU B 366 26.75 -28.57 21.43
CA LEU B 366 27.73 -28.47 22.50
C LEU B 366 29.15 -28.54 21.96
N ARG B 367 29.34 -29.33 20.90
CA ARG B 367 30.63 -29.40 20.22
C ARG B 367 30.98 -28.03 19.65
N ALA B 368 30.13 -27.55 18.76
CA ALA B 368 30.34 -26.27 18.08
C ALA B 368 30.66 -25.14 19.04
N PHE B 369 29.89 -25.06 20.13
CA PHE B 369 30.08 -24.01 21.12
C PHE B 369 31.28 -24.28 22.01
N GLY B 370 31.81 -25.50 21.92
CA GLY B 370 33.01 -25.85 22.65
C GLY B 370 34.21 -25.36 21.87
N ALA B 371 34.25 -25.66 20.58
CA ALA B 371 35.32 -25.21 19.71
C ALA B 371 35.36 -23.70 19.64
N SER B 372 34.18 -23.09 19.53
CA SER B 372 34.07 -21.64 19.46
C SER B 372 34.49 -21.00 20.77
N GLY B 373 34.43 -21.77 21.86
CA GLY B 373 34.88 -21.31 23.16
C GLY B 373 33.83 -20.61 24.02
N ALA B 374 32.58 -20.65 23.57
CA ALA B 374 31.50 -19.95 24.26
C ALA B 374 30.58 -20.86 25.07
N SER B 375 29.82 -20.25 25.99
CA SER B 375 28.93 -20.99 26.87
C SER B 375 27.47 -20.85 26.42
N LEU B 376 26.80 -21.98 26.21
CA LEU B 376 25.42 -21.99 25.76
C LEU B 376 24.54 -22.82 26.70
N ARG B 377 23.28 -22.43 26.86
CA ARG B 377 22.33 -23.21 27.66
C ARG B 377 21.11 -23.62 26.85
N LEU B 378 20.77 -24.90 26.91
CA LEU B 378 19.57 -25.40 26.27
C LEU B 378 18.37 -25.26 27.18
N HIS B 379 17.23 -24.88 26.60
CA HIS B 379 16.00 -24.79 27.35
C HIS B 379 14.96 -25.66 26.67
N THR B 380 13.82 -25.82 27.31
CA THR B 380 12.69 -26.52 26.71
C THR B 380 11.40 -25.79 27.05
N LEU B 381 10.52 -25.69 26.06
CA LEU B 381 9.23 -25.04 26.27
C LEU B 381 8.14 -26.07 26.53
N HIS B 382 7.68 -26.14 27.77
CA HIS B 382 6.64 -27.10 28.12
C HIS B 382 5.27 -26.46 27.92
N ALA B 383 5.02 -25.98 26.72
CA ALA B 383 3.72 -25.39 26.41
C ALA B 383 3.32 -25.71 24.98
N HIS B 384 2.13 -25.27 24.60
CA HIS B 384 1.60 -25.52 23.28
C HIS B 384 0.67 -24.39 22.89
N PRO B 385 0.68 -24.03 21.60
CA PRO B 385 -0.21 -23.01 21.01
C PRO B 385 -1.68 -23.22 21.36
N SER B 386 -2.09 -24.47 21.53
CA SER B 386 -3.47 -24.80 21.80
C SER B 386 -3.89 -24.37 23.20
N GLN B 387 -2.91 -24.00 24.02
CA GLN B 387 -3.18 -23.54 25.38
C GLN B 387 -3.84 -22.16 25.40
N GLY B 388 -3.59 -21.37 24.36
CA GLY B 388 -4.16 -20.05 24.26
C GLY B 388 -3.21 -18.99 24.76
N LEU B 389 -3.74 -18.00 25.48
CA LEU B 389 -2.92 -16.91 25.99
C LEU B 389 -1.92 -17.42 27.02
N ALA B 390 -2.23 -18.55 27.64
CA ALA B 390 -1.34 -19.15 28.63
C ALA B 390 -0.02 -19.51 27.96
N PHE B 391 -0.07 -19.77 26.66
CA PHE B 391 1.11 -20.16 25.90
C PHE B 391 2.07 -18.99 25.69
N ARG B 392 1.52 -17.80 25.51
CA ARG B 392 2.37 -16.63 25.35
C ARG B 392 2.97 -16.27 26.69
N GLU B 393 2.41 -16.85 27.74
CA GLU B 393 2.92 -16.67 29.08
C GLU B 393 4.24 -17.42 29.21
N ALA B 394 4.26 -18.63 28.64
CA ALA B 394 5.47 -19.43 28.61
C ALA B 394 6.62 -18.64 27.98
N LEU B 395 6.37 -18.11 26.79
CA LEU B 395 7.39 -17.41 26.02
C LEU B 395 8.00 -16.24 26.79
N ARG B 396 7.14 -15.47 27.45
CA ARG B 396 7.60 -14.31 28.19
C ARG B 396 8.69 -14.71 29.17
N LYS B 397 8.44 -15.80 29.90
CA LYS B 397 9.39 -16.28 30.89
C LYS B 397 10.62 -16.92 30.23
N ALA B 398 10.43 -17.47 29.04
CA ALA B 398 11.54 -18.00 28.27
C ALA B 398 12.51 -16.89 27.91
N LYS B 399 11.99 -15.79 27.39
CA LYS B 399 12.83 -14.66 27.02
C LYS B 399 13.38 -13.96 28.27
N GLU B 400 12.58 -13.97 29.33
CA GLU B 400 12.99 -13.33 30.58
C GLU B 400 14.10 -14.12 31.28
N GLU B 401 14.24 -15.39 30.92
CA GLU B 401 15.31 -16.23 31.46
C GLU B 401 16.58 -16.15 30.62
N GLY B 402 16.49 -15.48 29.47
CA GLY B 402 17.65 -15.27 28.63
C GLY B 402 17.59 -15.86 27.23
N VAL B 403 16.59 -16.71 26.98
CA VAL B 403 16.48 -17.37 25.68
C VAL B 403 16.48 -16.37 24.54
N GLN B 404 17.09 -16.76 23.42
CA GLN B 404 17.29 -15.83 22.31
C GLN B 404 16.56 -16.27 21.06
N ALA B 405 16.51 -17.58 20.85
CA ALA B 405 15.80 -18.14 19.71
C ALA B 405 15.34 -19.55 20.04
N VAL B 406 14.25 -19.97 19.40
CA VAL B 406 13.70 -21.30 19.65
C VAL B 406 13.63 -22.18 18.40
N LEU B 407 14.01 -23.45 18.58
CA LEU B 407 13.91 -24.44 17.53
C LEU B 407 12.56 -25.16 17.61
N VAL B 408 11.84 -25.16 16.50
CA VAL B 408 10.50 -25.74 16.46
C VAL B 408 10.51 -27.09 15.75
N LEU B 409 10.23 -28.14 16.50
CA LEU B 409 10.15 -29.48 15.93
C LEU B 409 8.70 -29.87 15.74
N THR B 410 8.29 -30.03 14.49
CA THR B 410 6.90 -30.23 14.17
C THR B 410 6.72 -30.85 12.82
N PRO B 411 5.68 -31.68 12.66
CA PRO B 411 5.29 -32.21 11.35
C PRO B 411 5.11 -31.05 10.38
N PRO B 412 5.18 -31.35 9.07
CA PRO B 412 5.00 -30.30 8.06
C PRO B 412 3.74 -29.47 8.33
N MET B 413 3.91 -28.16 8.52
CA MET B 413 2.80 -27.26 8.83
C MET B 413 2.14 -26.69 7.57
N ALA B 414 1.01 -26.03 7.77
CA ALA B 414 0.32 -25.34 6.68
C ALA B 414 0.70 -23.87 6.66
N TRP B 415 0.78 -23.29 5.47
CA TRP B 415 1.15 -21.88 5.33
C TRP B 415 0.53 -20.97 6.38
N GLU B 416 -0.79 -20.94 6.46
CA GLU B 416 -1.49 -20.06 7.38
C GLU B 416 -1.05 -20.27 8.83
N ASP B 417 -0.96 -21.52 9.25
CA ASP B 417 -0.58 -21.87 10.62
C ASP B 417 0.88 -21.55 10.87
N ARG B 418 1.72 -21.86 9.89
CA ARG B 418 3.14 -21.55 9.94
C ARG B 418 3.35 -20.07 10.26
N ASN B 419 2.89 -19.20 9.36
CA ASN B 419 3.05 -17.75 9.53
C ASN B 419 2.51 -17.23 10.86
N ARG B 420 1.51 -17.92 11.41
CA ARG B 420 0.92 -17.50 12.67
C ARG B 420 1.92 -17.69 13.82
N LEU B 421 2.45 -18.91 13.91
CA LEU B 421 3.42 -19.25 14.94
C LEU B 421 4.63 -18.34 14.90
N LYS B 422 5.25 -18.26 13.73
CA LYS B 422 6.35 -17.34 13.51
C LYS B 422 6.01 -15.95 14.04
N ALA B 423 4.94 -15.37 13.51
CA ALA B 423 4.57 -13.99 13.81
C ALA B 423 4.27 -13.74 15.28
N LEU B 424 3.86 -14.80 15.98
CA LEU B 424 3.61 -14.73 17.41
C LEU B 424 4.91 -14.66 18.21
N LEU B 425 5.81 -15.58 17.90
CA LEU B 425 7.11 -15.61 18.55
C LEU B 425 7.90 -14.32 18.33
N LEU B 426 7.79 -13.76 17.13
CA LEU B 426 8.44 -12.50 16.82
C LEU B 426 7.86 -11.39 17.67
N ARG B 427 6.58 -11.51 18.02
CA ARG B 427 5.96 -10.50 18.86
C ARG B 427 6.57 -10.56 20.25
N GLU B 428 7.08 -11.72 20.61
CA GLU B 428 7.80 -11.89 21.88
C GLU B 428 9.31 -11.72 21.72
N GLY B 429 9.77 -11.49 20.48
CA GLY B 429 11.16 -11.19 20.21
C GLY B 429 12.01 -12.43 20.04
N LEU B 430 11.39 -13.50 19.55
CA LEU B 430 12.06 -14.79 19.46
C LEU B 430 12.03 -15.36 18.04
N PRO B 431 13.09 -15.11 17.28
CA PRO B 431 13.20 -15.74 15.96
C PRO B 431 13.06 -17.24 16.11
N SER B 432 12.61 -17.94 15.07
CA SER B 432 12.42 -19.39 15.17
C SER B 432 12.77 -20.15 13.89
N GLN B 433 13.51 -21.23 14.05
CA GLN B 433 13.80 -22.13 12.94
C GLN B 433 12.91 -23.36 13.03
N ILE B 434 12.42 -23.82 11.89
CA ILE B 434 11.54 -24.98 11.85
C ILE B 434 12.27 -26.22 11.33
N LEU B 435 11.97 -27.36 11.93
CA LEU B 435 12.54 -28.61 11.49
C LEU B 435 11.43 -29.65 11.49
N ASN B 436 11.25 -30.31 10.35
CA ASN B 436 10.16 -31.27 10.22
C ASN B 436 10.45 -32.56 10.98
N VAL B 437 9.47 -33.00 11.75
CA VAL B 437 9.67 -34.00 12.80
C VAL B 437 10.31 -35.32 12.39
N PRO B 438 9.91 -35.89 11.24
CA PRO B 438 10.54 -37.14 10.79
C PRO B 438 12.05 -36.99 10.52
N LEU B 439 12.81 -36.60 11.55
CA LEU B 439 14.25 -36.37 11.42
C LEU B 439 15.04 -37.56 11.95
N ARG B 440 16.13 -37.88 11.27
CA ARG B 440 17.05 -38.92 11.74
C ARG B 440 18.49 -38.45 11.63
N GLU B 441 19.37 -39.00 12.47
CA GLU B 441 20.77 -38.60 12.51
C GLU B 441 21.45 -38.63 11.14
N GLU B 442 21.02 -39.55 10.29
CA GLU B 442 21.67 -39.74 8.98
C GLU B 442 21.25 -38.67 7.97
N GLU B 443 20.40 -37.75 8.40
CA GLU B 443 19.99 -36.61 7.57
C GLU B 443 20.80 -35.38 7.98
N ARG B 444 22.12 -35.51 7.99
CA ARG B 444 23.02 -34.51 8.58
C ARG B 444 22.93 -33.14 7.92
N HIS B 445 22.91 -33.12 6.59
CA HIS B 445 22.70 -31.88 5.84
C HIS B 445 21.50 -31.11 6.40
N ARG B 446 20.34 -31.76 6.39
CA ARG B 446 19.11 -31.19 6.95
C ARG B 446 19.37 -30.49 8.28
N TRP B 447 19.55 -31.27 9.34
CA TRP B 447 19.63 -30.71 10.68
C TRP B 447 20.90 -29.88 10.95
N GLU B 448 21.93 -30.07 10.13
CA GLU B 448 23.12 -29.25 10.24
C GLU B 448 22.79 -27.83 9.78
N ASN B 449 22.14 -27.73 8.63
CA ASN B 449 21.63 -26.44 8.15
C ASN B 449 20.71 -25.76 9.16
N ALA B 450 19.69 -26.48 9.62
CA ALA B 450 18.75 -25.96 10.60
C ALA B 450 19.45 -25.32 11.81
N LEU B 451 20.60 -25.88 12.19
CA LEU B 451 21.37 -25.33 13.30
C LEU B 451 21.98 -23.96 12.95
N LEU B 452 22.57 -23.86 11.76
CA LEU B 452 23.09 -22.58 11.28
C LEU B 452 21.99 -21.54 11.29
N GLY B 453 20.86 -21.90 10.68
CA GLY B 453 19.67 -21.06 10.69
C GLY B 453 19.25 -20.66 12.09
N LEU B 454 19.17 -21.63 13.00
CA LEU B 454 18.88 -21.30 14.39
C LEU B 454 19.90 -20.28 14.90
N LEU B 455 21.18 -20.61 14.74
CA LEU B 455 22.27 -19.77 15.27
C LEU B 455 22.30 -18.37 14.68
N ALA B 456 22.12 -18.27 13.37
CA ALA B 456 22.03 -16.99 12.70
C ALA B 456 20.94 -16.16 13.35
N LYS B 457 19.77 -16.75 13.52
CA LYS B 457 18.63 -16.08 14.11
C LYS B 457 18.87 -15.79 15.59
N ALA B 458 19.90 -16.43 16.14
CA ALA B 458 20.27 -16.21 17.54
C ALA B 458 21.20 -15.02 17.68
N GLY B 459 21.61 -14.45 16.55
CA GLY B 459 22.47 -13.29 16.54
C GLY B 459 23.95 -13.63 16.51
N LEU B 460 24.29 -14.78 15.93
CA LEU B 460 25.68 -15.21 15.85
C LEU B 460 26.29 -15.04 14.45
N GLN B 461 27.53 -14.58 14.41
CA GLN B 461 28.28 -14.55 13.16
C GLN B 461 28.95 -15.91 12.98
N VAL B 462 28.41 -16.71 12.06
CA VAL B 462 28.93 -18.05 11.82
C VAL B 462 30.27 -17.99 11.12
N VAL B 463 30.35 -17.17 10.06
CA VAL B 463 31.59 -17.00 9.33
C VAL B 463 31.78 -15.54 8.90
N ALA B 464 33.00 -15.22 8.48
CA ALA B 464 33.31 -13.88 8.00
C ALA B 464 34.32 -13.95 6.86
N LEU B 465 34.59 -12.80 6.25
CA LEU B 465 35.57 -12.73 5.17
C LEU B 465 36.88 -12.11 5.65
N SER B 466 37.96 -12.87 5.50
CA SER B 466 39.29 -12.34 5.76
C SER B 466 39.94 -12.00 4.43
N GLY B 467 40.38 -10.75 4.30
CA GLY B 467 41.01 -10.32 3.07
C GLY B 467 40.96 -8.81 2.89
N ALA B 468 41.37 -8.35 1.72
CA ALA B 468 41.37 -6.92 1.42
C ALA B 468 40.25 -6.56 0.45
N TYR B 469 39.40 -5.62 0.88
CA TYR B 469 38.27 -5.18 0.05
C TYR B 469 38.13 -3.66 0.05
N PRO B 470 37.70 -3.10 -1.09
CA PRO B 470 37.55 -1.65 -1.34
C PRO B 470 36.54 -0.98 -0.41
N ALA B 471 35.39 -1.62 -0.22
CA ALA B 471 34.34 -1.05 0.62
C ALA B 471 34.22 -1.78 1.94
N GLU B 472 34.23 -1.02 3.04
CA GLU B 472 34.11 -1.57 4.37
C GLU B 472 32.64 -1.84 4.71
N LEU B 473 31.75 -1.37 3.85
CA LEU B 473 30.32 -1.50 4.06
C LEU B 473 29.63 -1.93 2.79
N ALA B 474 28.78 -2.94 2.88
CA ALA B 474 27.94 -3.35 1.76
C ALA B 474 26.48 -3.42 2.19
N VAL B 475 25.62 -2.72 1.46
CA VAL B 475 24.21 -2.68 1.77
C VAL B 475 23.40 -3.14 0.56
N GLY B 476 22.28 -3.81 0.81
CA GLY B 476 21.49 -4.36 -0.27
C GLY B 476 20.02 -3.95 -0.19
N PHE B 477 19.46 -3.58 -1.33
CA PHE B 477 18.08 -3.13 -1.37
C PHE B 477 17.18 -3.99 -2.27
N ASP B 478 16.04 -4.46 -1.76
CA ASP B 478 15.00 -5.09 -2.59
C ASP B 478 13.61 -4.51 -2.27
N ALA B 479 12.59 -4.95 -3.01
CA ALA B 479 11.19 -4.54 -2.81
C ALA B 479 10.29 -5.76 -2.59
N GLY B 480 9.33 -5.49 -1.71
CA GLY B 480 8.48 -6.56 -1.21
C GLY B 480 7.78 -7.36 -2.30
N GLU B 483 1.09 -7.72 -3.51
CA GLU B 483 -0.24 -7.19 -3.51
C GLU B 483 -0.28 -5.69 -3.79
N SER B 484 -1.27 -4.94 -3.54
CA SER B 484 -1.30 -3.55 -3.98
C SER B 484 -0.06 -2.80 -3.53
N PHE B 485 0.39 -3.06 -2.31
CA PHE B 485 1.55 -2.38 -1.76
C PHE B 485 2.73 -3.32 -1.55
N ARG B 486 3.93 -2.76 -1.56
CA ARG B 486 5.14 -3.54 -1.32
C ARG B 486 5.88 -2.97 -0.11
N PHE B 487 6.98 -3.63 0.24
CA PHE B 487 7.85 -3.13 1.29
C PHE B 487 9.26 -2.92 0.74
N GLY B 488 9.77 -1.71 0.88
CA GLY B 488 11.13 -1.40 0.46
C GLY B 488 12.06 -1.59 1.65
N GLY B 489 13.13 -2.36 1.46
CA GLY B 489 13.97 -2.69 2.61
C GLY B 489 15.44 -2.92 2.29
N ALA B 490 16.26 -2.82 3.34
CA ALA B 490 17.71 -2.89 3.20
C ALA B 490 18.32 -3.88 4.18
N ALA B 491 19.57 -4.25 3.94
CA ALA B 491 20.33 -5.00 4.92
C ALA B 491 21.83 -4.84 4.74
N CYS B 492 22.48 -4.45 5.83
CA CYS B 492 23.87 -4.08 5.85
C CYS B 492 24.77 -5.28 6.02
N ALA B 493 26.07 -5.04 5.86
CA ALA B 493 27.10 -5.99 6.26
C ALA B 493 28.25 -5.18 6.85
N VAL B 494 28.11 -4.78 8.11
CA VAL B 494 29.04 -3.90 8.78
C VAL B 494 30.46 -4.46 8.79
N GLY B 495 31.38 -3.71 8.19
CA GLY B 495 32.79 -4.09 8.16
C GLY B 495 33.13 -5.04 7.02
N GLY B 496 34.33 -4.92 6.46
CA GLY B 496 34.78 -5.83 5.41
C GLY B 496 34.88 -7.25 5.94
N ASP B 497 33.84 -8.04 5.68
CA ASP B 497 33.69 -9.34 6.32
C ASP B 497 33.46 -9.15 7.81
N HIS B 500 29.76 -8.62 10.81
CA HIS B 500 28.40 -9.00 11.19
C HIS B 500 27.36 -8.36 10.29
N LEU B 501 26.34 -9.15 9.96
CA LEU B 501 25.23 -8.71 9.12
C LEU B 501 24.08 -8.27 10.00
N LEU B 502 23.20 -7.44 9.46
CA LEU B 502 21.99 -7.06 10.17
C LEU B 502 20.97 -6.41 9.23
N TRP B 503 19.73 -6.28 9.71
CA TRP B 503 18.64 -5.78 8.87
C TRP B 503 18.04 -4.50 9.40
N THR B 504 17.21 -3.85 8.58
CA THR B 504 16.51 -2.64 8.97
C THR B 504 14.99 -2.76 8.84
N LEU B 505 14.28 -2.00 9.65
CA LEU B 505 12.82 -1.96 9.60
C LEU B 505 12.41 -1.40 8.25
N PRO B 506 11.69 -2.21 7.45
CA PRO B 506 11.30 -1.80 6.10
C PRO B 506 10.23 -0.71 6.11
N GLU B 507 9.92 -0.20 4.93
CA GLU B 507 8.98 0.90 4.81
C GLU B 507 7.99 0.63 3.68
N ALA B 508 6.71 0.56 4.03
CA ALA B 508 5.66 0.29 3.06
C ALA B 508 5.64 1.33 1.95
N GLN B 509 5.45 0.88 0.72
CA GLN B 509 5.44 1.79 -0.42
C GLN B 509 4.48 1.32 -1.49
N ALA B 510 4.24 2.17 -2.47
CA ALA B 510 3.23 1.91 -3.49
C ALA B 510 3.65 0.88 -4.54
N GLY B 511 4.87 1.02 -5.07
CA GLY B 511 5.32 0.13 -6.13
C GLY B 511 6.69 -0.48 -5.90
N GLU B 512 7.45 -0.63 -6.98
CA GLU B 512 8.81 -1.16 -6.91
C GLU B 512 9.79 -0.04 -6.58
N ARG B 513 9.59 1.12 -7.19
CA ARG B 513 10.44 2.26 -6.91
C ARG B 513 10.45 2.57 -5.43
N ILE B 514 11.65 2.71 -4.86
CA ILE B 514 11.79 3.04 -3.45
C ILE B 514 11.99 4.54 -3.29
N PRO B 515 11.08 5.18 -2.55
CA PRO B 515 11.09 6.65 -2.38
C PRO B 515 12.50 7.16 -2.21
N GLN B 516 12.80 8.31 -2.79
CA GLN B 516 14.16 8.80 -2.81
C GLN B 516 14.68 9.09 -1.41
N GLU B 517 13.78 9.53 -0.53
CA GLU B 517 14.16 9.87 0.84
C GLU B 517 14.16 8.66 1.76
N VAL B 518 13.50 7.59 1.33
CA VAL B 518 13.51 6.34 2.08
C VAL B 518 14.84 5.61 1.87
N VAL B 519 15.33 5.59 0.63
CA VAL B 519 16.61 4.96 0.37
C VAL B 519 17.66 5.51 1.33
N TRP B 520 17.77 6.83 1.40
CA TRP B 520 18.75 7.47 2.26
C TRP B 520 18.58 7.10 3.74
N ASP B 521 17.34 7.06 4.20
CA ASP B 521 17.07 6.68 5.59
C ASP B 521 17.53 5.25 5.88
N LEU B 522 17.09 4.31 5.04
CA LEU B 522 17.52 2.92 5.15
C LEU B 522 19.04 2.84 5.14
N LEU B 523 19.67 3.78 4.43
CA LEU B 523 21.12 3.80 4.29
C LEU B 523 21.82 4.49 5.46
N GLU B 524 21.19 5.52 6.02
CA GLU B 524 21.74 6.19 7.18
C GLU B 524 21.80 5.22 8.35
N GLU B 525 20.83 4.33 8.40
CA GLU B 525 20.78 3.33 9.46
C GLU B 525 22.00 2.45 9.39
N THR B 526 22.32 1.95 8.20
CA THR B 526 23.47 1.08 8.04
C THR B 526 24.78 1.85 8.31
N LEU B 527 24.84 3.10 7.88
CA LEU B 527 26.00 3.92 8.19
C LEU B 527 26.15 3.98 9.69
N TRP B 528 25.05 4.27 10.37
CA TRP B 528 25.07 4.35 11.82
C TRP B 528 25.51 3.03 12.44
N ALA B 529 25.05 1.93 11.85
CA ALA B 529 25.42 0.61 12.34
C ALA B 529 26.93 0.45 12.27
N PHE B 530 27.50 0.86 11.15
CA PHE B 530 28.94 0.78 10.96
C PHE B 530 29.66 1.66 11.96
N ARG B 531 29.09 2.82 12.24
CA ARG B 531 29.65 3.77 13.21
C ARG B 531 29.66 3.16 14.60
N ARG B 532 28.68 2.31 14.89
CA ARG B 532 28.59 1.66 16.20
C ARG B 532 29.65 0.57 16.38
N LYS B 533 29.93 -0.18 15.33
CA LYS B 533 30.88 -1.30 15.44
C LYS B 533 32.33 -0.82 15.40
N ALA B 534 32.72 -0.17 14.31
CA ALA B 534 33.95 0.60 14.29
C ALA B 534 33.61 1.93 14.95
N GLY B 535 34.59 2.80 15.16
CA GLY B 535 34.33 4.05 15.85
C GLY B 535 34.39 5.22 14.90
N ARG B 536 33.91 5.01 13.68
CA ARG B 536 34.15 5.96 12.61
C ARG B 536 33.26 5.62 11.42
N LEU B 537 32.90 6.64 10.65
CA LEU B 537 32.19 6.42 9.40
C LEU B 537 33.10 5.65 8.44
N PRO B 538 32.51 4.85 7.54
CA PRO B 538 33.30 4.08 6.57
C PRO B 538 33.90 4.98 5.52
N SER B 539 34.99 4.53 4.90
CA SER B 539 35.65 5.29 3.84
C SER B 539 34.96 5.10 2.50
N ARG B 540 34.53 3.87 2.23
CA ARG B 540 33.82 3.57 0.99
C ARG B 540 32.72 2.54 1.22
N VAL B 541 31.56 2.77 0.61
CA VAL B 541 30.44 1.85 0.69
C VAL B 541 30.05 1.30 -0.67
N LEU B 542 29.65 0.04 -0.68
CA LEU B 542 29.12 -0.59 -1.88
C LEU B 542 27.60 -0.66 -1.78
N LEU B 543 26.91 -0.19 -2.81
CA LEU B 543 25.45 -0.24 -2.83
C LEU B 543 24.95 -1.14 -3.94
N LEU B 544 24.09 -2.10 -3.57
CA LEU B 544 23.57 -3.10 -4.49
C LEU B 544 22.05 -3.05 -4.57
N ARG B 545 21.54 -2.80 -5.76
CA ARG B 545 20.11 -2.77 -5.97
C ARG B 545 19.65 -4.01 -6.71
N ASP B 546 18.67 -4.73 -6.17
CA ASP B 546 18.11 -5.88 -6.87
C ASP B 546 17.32 -5.40 -8.09
N GLY B 547 17.74 -5.82 -9.27
CA GLY B 547 17.08 -5.40 -10.50
C GLY B 547 17.65 -4.12 -11.05
N ARG B 548 16.89 -3.44 -11.90
CA ARG B 548 17.26 -2.14 -12.42
C ARG B 548 17.06 -1.08 -11.34
N VAL B 549 17.84 0.00 -11.40
CA VAL B 549 17.73 1.08 -10.43
C VAL B 549 16.94 2.26 -11.01
N PRO B 550 15.64 2.33 -10.68
CA PRO B 550 14.71 3.34 -11.20
C PRO B 550 15.30 4.74 -11.17
N GLN B 551 15.09 5.49 -12.25
CA GLN B 551 15.69 6.80 -12.41
C GLN B 551 15.71 7.62 -11.12
N ASP B 552 16.91 7.88 -10.62
CA ASP B 552 17.10 8.86 -9.56
C ASP B 552 16.76 8.40 -8.14
N GLU B 553 16.41 7.13 -7.97
CA GLU B 553 15.99 6.68 -6.64
C GLU B 553 17.14 6.71 -5.63
N PHE B 554 18.36 6.80 -6.14
CA PHE B 554 19.54 6.92 -5.28
C PHE B 554 20.15 8.31 -5.33
N ALA B 555 19.53 9.20 -6.10
CA ALA B 555 20.06 10.52 -6.32
C ALA B 555 20.27 11.26 -5.00
N LEU B 556 19.32 11.09 -4.09
CA LEU B 556 19.33 11.82 -2.83
C LEU B 556 20.28 11.19 -1.81
N ALA B 557 20.33 9.86 -1.78
CA ALA B 557 21.23 9.16 -0.89
C ALA B 557 22.68 9.43 -1.26
N LEU B 558 22.97 9.45 -2.56
CA LEU B 558 24.32 9.72 -3.03
C LEU B 558 24.75 11.13 -2.65
N GLU B 559 23.86 12.09 -2.82
CA GLU B 559 24.10 13.46 -2.41
C GLU B 559 24.65 13.49 -1.00
N ALA B 560 23.90 12.88 -0.09
CA ALA B 560 24.24 12.86 1.32
C ALA B 560 25.60 12.25 1.58
N LEU B 561 25.90 11.15 0.90
CA LEU B 561 27.18 10.46 1.09
C LEU B 561 28.35 11.41 0.85
N ALA B 562 28.28 12.14 -0.26
CA ALA B 562 29.33 13.08 -0.61
C ALA B 562 29.57 14.12 0.48
N ARG B 563 28.47 14.69 0.97
CA ARG B 563 28.53 15.67 2.05
C ARG B 563 29.15 15.10 3.32
N GLU B 564 28.87 13.83 3.62
CA GLU B 564 29.45 13.20 4.78
C GLU B 564 30.93 12.89 4.54
N GLY B 565 31.32 12.86 3.28
CA GLY B 565 32.72 12.65 2.91
C GLY B 565 33.03 11.21 2.56
N ILE B 566 32.00 10.37 2.61
CA ILE B 566 32.17 8.94 2.35
C ILE B 566 32.01 8.61 0.85
N ALA B 567 32.87 7.72 0.36
CA ALA B 567 32.88 7.35 -1.06
C ALA B 567 31.92 6.21 -1.36
N TYR B 568 31.50 6.09 -2.63
CA TYR B 568 30.41 5.17 -2.96
C TYR B 568 30.46 4.55 -4.35
N ASP B 569 29.89 3.36 -4.44
CA ASP B 569 29.73 2.65 -5.72
C ASP B 569 28.36 1.98 -5.80
N LEU B 570 27.63 2.25 -6.88
CA LEU B 570 26.31 1.69 -7.09
C LEU B 570 26.34 0.64 -8.20
N VAL B 571 25.75 -0.53 -7.95
CA VAL B 571 25.66 -1.58 -8.97
C VAL B 571 24.26 -2.18 -9.09
N SER B 572 23.72 -2.24 -10.32
CA SER B 572 22.43 -2.86 -10.60
C SER B 572 22.59 -4.34 -10.86
N VAL B 573 22.14 -5.16 -9.91
CA VAL B 573 22.33 -6.60 -10.03
C VAL B 573 21.10 -7.30 -10.64
N ARG B 574 21.22 -7.75 -11.87
CA ARG B 574 20.10 -8.35 -12.59
C ARG B 574 20.26 -9.85 -12.80
N LYS B 575 19.28 -10.62 -12.31
CA LYS B 575 19.29 -12.07 -12.43
C LYS B 575 18.78 -12.48 -13.80
N SER B 576 17.74 -11.79 -14.26
CA SER B 576 17.22 -12.01 -15.60
C SER B 576 17.94 -11.11 -16.60
N GLY B 577 18.49 -11.71 -17.65
CA GLY B 577 19.09 -10.94 -18.73
C GLY B 577 20.59 -11.09 -18.88
N GLY B 578 21.19 -11.88 -18.01
CA GLY B 578 22.61 -12.14 -18.08
C GLY B 578 22.98 -13.10 -19.19
N GLY B 579 21.96 -13.59 -19.92
CA GLY B 579 22.17 -14.50 -21.02
C GLY B 579 22.80 -15.82 -20.60
N ARG B 580 23.48 -16.48 -21.53
CA ARG B 580 24.26 -17.69 -21.21
C ARG B 580 25.72 -17.50 -21.62
N VAL B 581 26.61 -18.27 -20.98
CA VAL B 581 28.04 -18.24 -21.29
C VAL B 581 28.59 -19.66 -21.39
N TYR B 582 29.17 -20.01 -22.54
CA TYR B 582 29.77 -21.33 -22.70
C TYR B 582 31.27 -21.25 -22.99
N PRO B 583 32.02 -22.28 -22.56
CA PRO B 583 33.48 -22.34 -22.71
C PRO B 583 33.90 -22.71 -24.12
N VAL B 584 34.86 -21.97 -24.69
CA VAL B 584 35.40 -22.30 -25.99
C VAL B 584 35.77 -23.77 -26.05
N GLN B 585 36.35 -24.26 -24.96
CA GLN B 585 36.68 -25.67 -24.81
C GLN B 585 36.97 -25.94 -23.35
N GLY B 586 36.81 -27.20 -22.95
CA GLY B 586 37.05 -27.58 -21.57
C GLY B 586 35.82 -27.36 -20.71
N ARG B 587 36.03 -27.13 -19.42
CA ARG B 587 34.91 -26.92 -18.51
C ARG B 587 34.90 -25.49 -17.98
N LEU B 588 33.73 -25.04 -17.54
CA LEU B 588 33.57 -23.69 -17.01
C LEU B 588 33.86 -23.65 -15.51
N ALA B 589 34.95 -22.99 -15.13
CA ALA B 589 35.34 -22.89 -13.73
C ALA B 589 34.33 -22.11 -12.90
N ASP B 590 34.62 -21.98 -11.60
CA ASP B 590 33.72 -21.28 -10.68
C ASP B 590 34.16 -19.84 -10.47
N GLY B 591 33.24 -18.90 -10.63
CA GLY B 591 33.54 -17.49 -10.42
C GLY B 591 34.31 -16.85 -11.55
N LEU B 592 33.60 -16.52 -12.63
CA LEU B 592 34.21 -15.92 -13.81
C LEU B 592 33.78 -14.48 -13.99
N TYR B 593 34.65 -13.61 -14.60
CA TYR B 593 34.26 -12.24 -14.60
C TYR B 593 34.32 -11.81 -16.03
N VAL B 594 33.14 -11.32 -16.69
CA VAL B 594 33.23 -10.94 -18.06
C VAL B 594 32.87 -9.56 -18.35
N PRO B 595 33.83 -8.73 -18.95
CA PRO B 595 33.54 -7.38 -19.32
C PRO B 595 32.96 -7.28 -20.66
N LEU B 596 31.80 -6.62 -20.71
CA LEU B 596 30.92 -6.39 -21.81
C LEU B 596 30.86 -4.91 -21.97
N GLU B 597 29.81 -4.38 -22.55
CA GLU B 597 29.85 -2.97 -22.83
C GLU B 597 30.22 -2.28 -21.54
N ASP B 598 31.12 -1.31 -21.62
CA ASP B 598 31.68 -0.75 -20.41
C ASP B 598 30.56 -0.35 -19.39
N LYS B 599 30.92 -0.35 -18.12
CA LYS B 599 29.97 -0.10 -17.07
C LYS B 599 29.23 -1.36 -16.80
N THR B 600 29.34 -2.57 -17.63
CA THR B 600 28.56 -3.75 -17.35
C THR B 600 29.28 -5.04 -17.60
N PHE B 601 29.07 -5.85 -16.74
CA PHE B 601 29.74 -7.15 -16.85
C PHE B 601 28.87 -8.31 -16.38
N LEU B 602 29.36 -9.38 -16.67
CA LEU B 602 28.67 -10.56 -16.16
C LEU B 602 29.42 -11.16 -14.97
N LEU B 603 28.83 -12.19 -14.39
CA LEU B 603 29.48 -12.97 -13.38
C LEU B 603 28.83 -14.32 -13.26
N LEU B 604 29.64 -15.37 -13.20
CA LEU B 604 29.14 -16.71 -12.92
C LEU B 604 29.49 -17.10 -11.49
N THR B 605 28.68 -16.61 -10.54
CA THR B 605 28.97 -16.72 -9.10
C THR B 605 28.72 -18.11 -8.51
N VAL B 606 28.47 -19.08 -9.38
CA VAL B 606 28.27 -20.47 -8.96
C VAL B 606 28.41 -21.42 -10.14
N HIS B 607 28.37 -22.71 -9.84
CA HIS B 607 28.43 -23.76 -10.86
C HIS B 607 28.26 -25.13 -10.21
N GLY B 612 21.78 -28.74 -14.70
CA GLY B 612 21.24 -27.91 -15.76
C GLY B 612 22.24 -26.93 -16.33
N THR B 613 21.80 -25.70 -16.55
CA THR B 613 22.64 -24.64 -17.13
C THR B 613 22.60 -23.37 -16.29
N PRO B 614 23.78 -22.87 -15.90
CA PRO B 614 23.92 -21.68 -15.05
C PRO B 614 23.33 -20.40 -15.67
N ARG B 615 22.86 -19.49 -14.82
CA ARG B 615 22.32 -18.21 -15.27
C ARG B 615 23.14 -17.04 -14.71
N PRO B 616 24.12 -16.55 -15.48
CA PRO B 616 25.02 -15.47 -15.08
C PRO B 616 24.29 -14.23 -14.60
N LEU B 617 24.86 -13.56 -13.61
CA LEU B 617 24.34 -12.29 -13.15
C LEU B 617 24.89 -11.18 -14.03
N LYS B 618 24.00 -10.31 -14.51
CA LYS B 618 24.44 -9.16 -15.26
C LYS B 618 24.47 -7.94 -14.36
N LEU B 619 25.67 -7.45 -14.07
CA LEU B 619 25.83 -6.31 -13.17
C LEU B 619 26.15 -5.04 -13.95
N VAL B 620 25.74 -3.90 -13.41
CA VAL B 620 25.89 -2.63 -14.12
C VAL B 620 26.35 -1.51 -13.19
N HIS B 621 27.63 -1.16 -13.26
CA HIS B 621 28.15 -0.03 -12.49
C HIS B 621 27.34 1.20 -12.83
N GLU B 622 26.48 1.61 -11.91
CA GLU B 622 25.58 2.74 -12.17
C GLU B 622 26.18 4.06 -11.69
N ALA B 623 27.16 3.98 -10.79
CA ALA B 623 27.81 5.16 -10.25
C ALA B 623 29.03 4.81 -9.41
N GLY B 624 30.12 5.55 -9.61
CA GLY B 624 31.35 5.29 -8.88
C GLY B 624 32.55 5.27 -9.80
N ASP B 625 33.73 5.11 -9.22
CA ASP B 625 34.97 5.16 -9.99
C ASP B 625 35.81 3.88 -9.86
N THR B 626 35.44 3.04 -8.91
CA THR B 626 36.13 1.76 -8.73
C THR B 626 36.20 0.97 -10.03
N PRO B 627 37.37 0.36 -10.31
CA PRO B 627 37.55 -0.50 -11.49
C PRO B 627 36.60 -1.70 -11.46
N LEU B 628 36.01 -2.03 -12.61
CA LEU B 628 35.03 -3.12 -12.67
C LEU B 628 35.58 -4.43 -12.11
N GLU B 629 36.90 -4.58 -12.17
CA GLU B 629 37.55 -5.77 -11.63
C GLU B 629 37.29 -5.87 -10.14
N ALA B 630 37.62 -4.80 -9.42
CA ALA B 630 37.49 -4.75 -7.97
C ALA B 630 36.05 -4.98 -7.54
N LEU B 631 35.12 -4.43 -8.30
CA LEU B 631 33.70 -4.61 -8.02
C LEU B 631 33.37 -6.08 -8.09
N ALA B 632 33.57 -6.66 -9.27
CA ALA B 632 33.31 -8.07 -9.51
C ALA B 632 33.93 -8.95 -8.44
N HIS B 633 35.14 -8.58 -8.02
CA HIS B 633 35.87 -9.31 -6.99
C HIS B 633 35.17 -9.31 -5.63
N GLN B 634 34.84 -8.13 -5.12
CA GLN B 634 34.15 -8.03 -3.83
C GLN B 634 32.77 -8.68 -3.90
N ILE B 635 31.99 -8.32 -4.92
CA ILE B 635 30.69 -8.94 -5.11
C ILE B 635 30.79 -10.45 -4.97
N PHE B 636 31.56 -11.08 -5.85
CA PHE B 636 31.65 -12.54 -5.86
C PHE B 636 32.03 -13.11 -4.51
N HIS B 637 32.82 -12.38 -3.74
CA HIS B 637 33.22 -12.86 -2.43
C HIS B 637 32.10 -12.74 -1.42
N LEU B 638 31.29 -11.70 -1.54
CA LEU B 638 30.14 -11.49 -0.65
C LEU B 638 29.17 -12.66 -0.73
N THR B 639 29.28 -13.40 -1.83
CA THR B 639 28.48 -14.57 -2.07
C THR B 639 28.68 -15.64 -1.00
N ARG B 640 29.91 -15.75 -0.51
CA ARG B 640 30.25 -16.79 0.44
C ARG B 640 29.99 -16.41 1.91
N LEU B 641 29.38 -15.26 2.14
CA LEU B 641 29.16 -14.78 3.50
C LEU B 641 27.81 -15.21 4.06
N TYR B 642 26.97 -15.82 3.24
CA TYR B 642 25.63 -16.23 3.67
C TYR B 642 25.67 -17.39 4.66
N PRO B 643 25.17 -17.17 5.89
CA PRO B 643 25.30 -18.07 7.03
C PRO B 643 24.50 -19.37 6.90
N ALA B 644 23.19 -19.26 6.76
CA ALA B 644 22.34 -20.46 6.71
C ALA B 644 22.42 -21.15 5.36
N SER B 645 23.50 -20.93 4.62
CA SER B 645 23.69 -21.56 3.32
C SER B 645 24.24 -22.97 3.48
N GLY B 646 25.04 -23.18 4.52
CA GLY B 646 25.57 -24.49 4.83
C GLY B 646 26.51 -25.06 3.78
N PHE B 647 25.98 -25.90 2.89
CA PHE B 647 26.78 -26.66 1.96
C PHE B 647 26.64 -26.20 0.51
N ALA B 648 26.24 -24.95 0.34
CA ALA B 648 26.24 -24.33 -0.96
C ALA B 648 26.14 -22.83 -0.79
N PHE B 649 26.65 -22.09 -1.75
CA PHE B 649 26.57 -20.64 -1.70
C PHE B 649 25.48 -20.11 -2.63
N PRO B 650 24.81 -19.03 -2.20
CA PRO B 650 23.79 -18.34 -3.00
C PRO B 650 24.36 -17.84 -4.32
N ARG B 651 23.49 -17.60 -5.29
CA ARG B 651 23.93 -17.09 -6.59
C ARG B 651 24.38 -15.65 -6.48
N LEU B 652 23.86 -14.91 -5.51
CA LEU B 652 24.17 -13.49 -5.38
C LEU B 652 24.69 -13.08 -4.00
N PRO B 653 25.34 -11.91 -3.95
CA PRO B 653 25.90 -11.28 -2.74
C PRO B 653 25.04 -11.50 -1.51
N ALA B 654 25.69 -11.61 -0.36
CA ALA B 654 25.00 -11.84 0.90
C ALA B 654 23.95 -10.78 1.19
N PRO B 655 24.32 -9.50 1.09
CA PRO B 655 23.35 -8.44 1.38
C PRO B 655 22.07 -8.58 0.55
N LEU B 656 22.20 -8.60 -0.77
CA LEU B 656 21.01 -8.73 -1.61
C LEU B 656 20.17 -9.97 -1.29
N HIS B 657 20.82 -11.07 -0.93
CA HIS B 657 20.09 -12.28 -0.56
C HIS B 657 19.31 -12.03 0.72
N LEU B 658 19.95 -11.37 1.68
CA LEU B 658 19.30 -11.05 2.94
C LEU B 658 18.20 -10.03 2.74
N ALA B 659 18.45 -9.02 1.92
CA ALA B 659 17.45 -7.98 1.72
C ALA B 659 16.25 -8.59 1.03
N ASP B 660 16.50 -9.57 0.17
CA ASP B 660 15.42 -10.24 -0.52
C ASP B 660 14.51 -10.95 0.46
N ARG B 661 15.06 -11.84 1.28
CA ARG B 661 14.25 -12.56 2.26
C ARG B 661 13.55 -11.65 3.23
N LEU B 662 14.28 -10.64 3.72
CA LEU B 662 13.77 -9.71 4.72
C LEU B 662 12.47 -9.14 4.21
N VAL B 663 12.59 -8.52 3.04
CA VAL B 663 11.48 -7.99 2.28
C VAL B 663 10.38 -9.03 2.04
N LYS B 664 10.78 -10.28 1.81
CA LYS B 664 9.80 -11.34 1.55
C LYS B 664 8.98 -11.70 2.79
N GLU B 665 9.66 -12.00 3.89
CA GLU B 665 8.97 -12.40 5.11
C GLU B 665 8.19 -11.27 5.75
N VAL B 666 8.64 -10.03 5.59
CA VAL B 666 7.90 -8.91 6.17
C VAL B 666 6.60 -8.74 5.43
N GLY B 667 6.64 -8.87 4.11
CA GLY B 667 5.45 -8.72 3.31
C GLY B 667 4.51 -9.88 3.55
N ARG B 668 5.09 -11.05 3.77
CA ARG B 668 4.34 -12.29 3.89
C ARG B 668 3.61 -12.44 5.23
N LEU B 669 4.12 -11.83 6.29
CA LEU B 669 3.44 -11.96 7.57
C LEU B 669 3.31 -10.69 8.41
N GLY B 670 3.50 -9.53 7.80
CA GLY B 670 3.20 -8.28 8.47
C GLY B 670 4.37 -7.62 9.17
N ILE B 671 4.45 -6.31 9.02
CA ILE B 671 5.53 -5.54 9.62
C ILE B 671 5.26 -5.30 11.10
N ARG B 672 4.05 -5.62 11.55
CA ARG B 672 3.63 -5.25 12.90
C ARG B 672 4.37 -6.01 14.01
N HIS B 673 4.83 -7.22 13.72
CA HIS B 673 5.47 -8.07 14.74
C HIS B 673 6.91 -7.66 15.10
N LEU B 674 7.69 -7.35 14.07
CA LEU B 674 9.13 -7.09 14.20
C LEU B 674 9.53 -6.06 15.25
N LYS B 675 8.54 -5.32 15.75
CA LYS B 675 8.83 -4.22 16.67
C LYS B 675 9.88 -4.58 17.72
N GLU B 676 9.76 -5.76 18.32
CA GLU B 676 10.64 -6.13 19.43
C GLU B 676 11.68 -7.18 19.04
N VAL B 677 12.34 -7.00 17.92
CA VAL B 677 13.34 -7.96 17.45
C VAL B 677 14.70 -7.31 17.16
N ASP B 678 15.74 -7.84 17.78
CA ASP B 678 17.09 -7.32 17.62
C ASP B 678 17.53 -7.44 16.17
N ARG B 679 18.04 -6.35 15.60
CA ARG B 679 18.35 -6.33 14.18
C ARG B 679 19.46 -7.29 13.81
N GLU B 680 20.28 -7.67 14.79
CA GLU B 680 21.38 -8.59 14.52
C GLU B 680 20.85 -9.99 14.24
N LYS B 681 19.66 -10.28 14.77
CA LYS B 681 19.01 -11.57 14.55
C LYS B 681 18.34 -11.62 13.18
N LEU B 682 18.80 -12.53 12.32
CA LEU B 682 18.26 -12.65 10.97
C LEU B 682 17.08 -13.59 10.93
N PHE B 683 15.96 -13.14 11.50
CA PHE B 683 14.78 -13.99 11.62
C PHE B 683 14.23 -14.51 10.28
N PHE B 684 14.74 -13.97 9.18
CA PHE B 684 14.21 -14.31 7.87
C PHE B 684 14.95 -15.45 7.18
N VAL B 685 16.19 -15.69 7.59
CA VAL B 685 17.00 -16.70 6.91
C VAL B 685 16.28 -18.05 6.88
MG MG G . 1.55 17.91 19.36
MG MG H . -11.36 6.35 10.01
MG MG I . -9.50 9.36 11.76
P PO4 J . -6.87 16.54 -20.66
O1 PO4 J . -5.68 17.59 -20.91
O2 PO4 J . -7.76 16.40 -21.99
O3 PO4 J . -6.26 15.10 -20.27
O4 PO4 J . -7.73 17.04 -19.56
MG MG K . 15.20 -20.50 6.93
MG MG L . 13.82 -7.10 -6.79
MG MG M . 13.35 -10.31 -4.66
P PO4 N . -17.48 -12.90 -18.38
O1 PO4 N . -16.01 -12.22 -18.32
O2 PO4 N . -17.44 -14.19 -19.33
O3 PO4 N . -17.91 -13.34 -16.89
O4 PO4 N . -18.45 -11.92 -18.90
#